data_7K20
#
_entry.id   7K20
#
_cell.length_a   1.00
_cell.length_b   1.00
_cell.length_c   1.00
_cell.angle_alpha   90.00
_cell.angle_beta   90.00
_cell.angle_gamma   90.00
#
_symmetry.space_group_name_H-M   'P 1'
#
loop_
_entity.id
_entity.type
_entity.pdbx_description
1 polymer 'Actin, alpha skeletal muscle'
2 non-polymer 'MAGNESIUM ION'
3 non-polymer "ADENOSINE-5'-DIPHOSPHATE"
4 non-polymer N-(pyren-1-yl)acetamide
#
_entity_poly.entity_id   1
_entity_poly.type   'polypeptide(L)'
_entity_poly.pdbx_seq_one_letter_code
;DEDETTALVCDNGSGLVKAGFAGDDAPRAVFPSIVGRPRHQGVMVGMGQKDSYVGDEAQSKRGILTLKYPIE(HIC)GII
TNWDDMEKIWHHTFYNELRVAPEEHPTLLTEAPLNPKANREKMTQIMFETFNVPAMYVAIQAVLSLYASGRTTGIVLDSG
DGVTHNVPIYEGYALPHAIMRLDLAGRDLTDYLMKILTERGYSFVTTAEREIVRDIKEKLCYVALDFENEMATAASSSSL
EKSYELPDGQVITIGNERFRCPETLFQPSFIGMESAGIHETTYNSIMKCDIDIRKDLYANNVMSGGTTMYPGIADRMQKE
ITALAPSTMKIKIIAPPERKYSVWIGGSILASLSTFQQMWITKQEYDEAGPSIVHRKCF
;
_entity_poly.pdbx_strand_id   A,B,C,D
#
loop_
_chem_comp.id
_chem_comp.type
_chem_comp.name
_chem_comp.formula
1T4 non-polymer N-(pyren-1-yl)acetamide 'C18 H13 N O'
ADP non-polymer ADENOSINE-5'-DIPHOSPHATE 'C10 H15 N5 O10 P2'
MG non-polymer 'MAGNESIUM ION' 'Mg 2'
#
# COMPACT_ATOMS: atom_id res chain seq x y z
N GLU A 4 42.18 -31.23 -21.08
CA GLU A 4 41.63 -30.03 -20.44
C GLU A 4 42.20 -29.79 -19.06
N THR A 5 42.90 -28.69 -18.92
CA THR A 5 43.36 -28.20 -17.63
C THR A 5 42.85 -26.80 -17.33
N THR A 6 42.81 -25.91 -18.31
CA THR A 6 42.54 -24.50 -18.06
C THR A 6 41.70 -23.93 -19.19
N ALA A 7 41.28 -22.69 -18.99
CA ALA A 7 40.34 -22.02 -19.87
C ALA A 7 40.93 -20.70 -20.35
N LEU A 8 40.42 -20.21 -21.46
CA LEU A 8 40.86 -18.94 -22.04
C LEU A 8 39.99 -17.82 -21.53
N VAL A 9 40.61 -16.67 -21.26
CA VAL A 9 39.91 -15.50 -20.81
C VAL A 9 40.25 -14.37 -21.76
N CYS A 10 39.29 -13.95 -22.57
CA CYS A 10 39.50 -12.92 -23.58
C CYS A 10 38.66 -11.68 -23.24
N ASP A 11 39.34 -10.60 -22.87
CA ASP A 11 38.67 -9.31 -22.65
C ASP A 11 38.87 -8.46 -23.90
N ASN A 12 38.07 -8.75 -24.92
CA ASN A 12 38.12 -7.99 -26.16
C ASN A 12 37.49 -6.61 -25.94
N GLY A 13 38.29 -5.69 -25.45
CA GLY A 13 37.84 -4.33 -25.29
C GLY A 13 37.74 -3.63 -26.63
N SER A 14 37.30 -2.38 -26.57
CA SER A 14 37.14 -1.62 -27.79
C SER A 14 38.45 -1.03 -28.28
N GLY A 15 39.45 -0.93 -27.42
CA GLY A 15 40.67 -0.27 -27.82
C GLY A 15 41.90 -1.11 -27.63
N LEU A 16 41.74 -2.27 -27.02
CA LEU A 16 42.87 -3.08 -26.60
C LEU A 16 42.40 -4.48 -26.26
N VAL A 17 42.98 -5.50 -26.88
CA VAL A 17 42.61 -6.88 -26.58
C VAL A 17 43.49 -7.38 -25.45
N LYS A 18 42.86 -7.92 -24.42
CA LYS A 18 43.55 -8.47 -23.26
C LYS A 18 43.11 -9.91 -23.11
N ALA A 19 43.99 -10.83 -23.45
CA ALA A 19 43.67 -12.25 -23.39
C ALA A 19 44.75 -12.98 -22.62
N GLY A 20 44.50 -14.25 -22.35
CA GLY A 20 45.41 -15.04 -21.54
C GLY A 20 44.77 -16.35 -21.16
N PHE A 21 45.30 -16.96 -20.11
CA PHE A 21 44.72 -18.18 -19.56
C PHE A 21 44.11 -17.92 -18.20
N ALA A 22 43.17 -18.78 -17.84
CA ALA A 22 42.57 -18.70 -16.52
C ALA A 22 43.55 -19.18 -15.45
N GLY A 23 43.40 -18.63 -14.26
CA GLY A 23 44.25 -18.99 -13.16
C GLY A 23 45.51 -18.18 -13.03
N ASP A 24 45.83 -17.33 -14.02
CA ASP A 24 47.01 -16.50 -13.97
C ASP A 24 46.69 -15.22 -13.19
N ASP A 25 47.58 -14.24 -13.28
CA ASP A 25 47.36 -12.97 -12.60
C ASP A 25 47.49 -11.81 -13.57
N ALA A 26 48.28 -11.99 -14.62
CA ALA A 26 48.48 -10.97 -15.63
C ALA A 26 48.20 -11.58 -17.00
N PRO A 27 47.57 -10.82 -17.90
CA PRO A 27 47.28 -11.36 -19.22
C PRO A 27 48.55 -11.48 -20.05
N ARG A 28 48.59 -12.50 -20.91
CA ARG A 28 49.75 -12.67 -21.76
C ARG A 28 49.65 -11.78 -23.00
N ALA A 29 48.60 -11.95 -23.80
CA ALA A 29 48.47 -11.25 -25.06
C ALA A 29 47.76 -9.93 -24.86
N VAL A 30 48.51 -8.84 -24.82
CA VAL A 30 47.94 -7.50 -24.70
C VAL A 30 48.37 -6.74 -25.95
N PHE A 31 47.44 -6.53 -26.87
CA PHE A 31 47.73 -5.89 -28.13
C PHE A 31 46.50 -5.11 -28.53
N PRO A 32 46.64 -3.99 -29.24
CA PRO A 32 45.47 -3.21 -29.62
C PRO A 32 44.66 -3.91 -30.69
N SER A 33 43.36 -3.68 -30.66
CA SER A 33 42.42 -4.32 -31.57
C SER A 33 42.28 -3.43 -32.80
N ILE A 34 43.30 -3.48 -33.65
CA ILE A 34 43.36 -2.66 -34.84
C ILE A 34 43.58 -3.58 -36.03
N VAL A 35 42.83 -3.34 -37.10
CA VAL A 35 43.08 -4.00 -38.37
C VAL A 35 43.44 -2.94 -39.38
N GLY A 36 44.58 -3.10 -40.04
CA GLY A 36 45.01 -2.12 -41.00
C GLY A 36 45.21 -2.65 -42.40
N ARG A 37 44.50 -2.08 -43.35
CA ARG A 37 44.85 -2.40 -44.73
C ARG A 37 45.85 -1.37 -45.26
N PRO A 38 46.80 -1.80 -46.09
CA PRO A 38 47.72 -0.83 -46.69
C PRO A 38 47.03 -0.01 -47.75
N ARG A 39 47.36 1.27 -47.78
CA ARG A 39 46.66 2.20 -48.65
C ARG A 39 47.49 2.70 -49.81
N HIS A 40 48.73 2.26 -49.93
CA HIS A 40 49.59 2.67 -51.02
C HIS A 40 49.78 1.51 -51.99
N GLN A 41 50.68 1.70 -52.95
CA GLN A 41 50.75 0.82 -54.10
C GLN A 41 51.55 -0.44 -53.87
N GLY A 42 52.73 -0.34 -53.29
CA GLY A 42 53.49 -1.55 -53.03
C GLY A 42 54.14 -2.11 -54.26
N VAL A 43 55.17 -1.42 -54.75
CA VAL A 43 55.84 -1.82 -55.98
C VAL A 43 56.62 -3.13 -55.78
N MET A 44 57.23 -3.32 -54.61
CA MET A 44 58.06 -4.50 -54.38
C MET A 44 57.16 -5.63 -53.93
N VAL A 45 56.49 -6.25 -54.90
CA VAL A 45 55.52 -7.30 -54.62
C VAL A 45 56.23 -8.56 -54.13
N GLY A 46 55.73 -9.13 -53.05
CA GLY A 46 56.37 -10.24 -52.41
C GLY A 46 57.20 -9.80 -51.22
N MET A 47 58.07 -10.71 -50.78
CA MET A 47 59.08 -10.46 -49.73
C MET A 47 58.46 -10.07 -48.40
N GLY A 48 57.32 -10.68 -48.08
CA GLY A 48 56.67 -10.45 -46.80
C GLY A 48 55.63 -9.35 -46.81
N GLN A 49 54.68 -9.41 -47.73
CA GLN A 49 53.60 -8.44 -47.81
C GLN A 49 52.27 -9.16 -47.72
N LYS A 50 51.44 -8.74 -46.77
CA LYS A 50 50.15 -9.37 -46.53
C LYS A 50 49.03 -8.38 -46.82
N ASP A 51 47.83 -8.93 -46.96
CA ASP A 51 46.68 -8.14 -47.38
C ASP A 51 46.23 -7.16 -46.32
N SER A 52 46.40 -7.52 -45.05
CA SER A 52 45.95 -6.69 -43.93
C SER A 52 46.66 -7.15 -42.67
N TYR A 53 46.97 -6.20 -41.82
CA TYR A 53 47.78 -6.41 -40.63
C TYR A 53 46.91 -6.24 -39.40
N VAL A 54 47.20 -7.01 -38.36
CA VAL A 54 46.38 -7.03 -37.15
C VAL A 54 47.26 -6.88 -35.92
N GLY A 55 46.82 -6.06 -34.99
CA GLY A 55 47.45 -6.04 -33.69
C GLY A 55 48.68 -5.19 -33.65
N ASP A 56 49.78 -5.76 -33.14
CA ASP A 56 51.00 -5.00 -32.98
C ASP A 56 51.69 -4.75 -34.31
N GLU A 57 51.58 -5.67 -35.25
CA GLU A 57 52.22 -5.49 -36.54
C GLU A 57 51.50 -4.47 -37.40
N ALA A 58 50.25 -4.14 -37.08
CA ALA A 58 49.58 -3.02 -37.70
C ALA A 58 49.86 -1.72 -36.99
N GLN A 59 50.50 -1.79 -35.82
CA GLN A 59 50.85 -0.60 -35.08
C GLN A 59 52.23 -0.11 -35.47
N SER A 60 53.13 -1.03 -35.80
CA SER A 60 54.50 -0.71 -36.15
C SER A 60 54.69 -0.44 -37.62
N LYS A 61 53.70 -0.73 -38.45
CA LYS A 61 53.77 -0.47 -39.88
C LYS A 61 52.74 0.57 -40.29
N ARG A 62 52.37 1.44 -39.35
CA ARG A 62 51.16 2.23 -39.52
C ARG A 62 51.34 3.44 -40.40
N GLY A 63 52.53 3.69 -40.91
CA GLY A 63 52.69 4.80 -41.83
C GLY A 63 52.03 4.54 -43.17
N ILE A 64 51.99 3.28 -43.58
CA ILE A 64 51.43 2.89 -44.86
C ILE A 64 50.04 2.32 -44.73
N LEU A 65 49.48 2.29 -43.54
CA LEU A 65 48.21 1.63 -43.28
C LEU A 65 47.13 2.65 -42.99
N THR A 66 45.90 2.26 -43.25
CA THR A 66 44.74 2.94 -42.68
C THR A 66 44.13 2.00 -41.63
N LEU A 67 44.03 2.50 -40.41
CA LEU A 67 43.80 1.67 -39.24
C LEU A 67 42.34 1.74 -38.84
N LYS A 68 41.69 0.59 -38.76
CA LYS A 68 40.27 0.51 -38.44
C LYS A 68 40.11 -0.25 -37.13
N TYR A 69 39.39 0.32 -36.25
CA TYR A 69 38.96 -0.38 -35.06
C TYR A 69 37.64 -1.06 -35.34
N PRO A 70 37.50 -2.37 -35.11
CA PRO A 70 36.22 -3.02 -35.39
C PRO A 70 35.16 -2.80 -34.32
N ILE A 71 35.53 -2.36 -33.12
CA ILE A 71 34.60 -2.16 -32.03
C ILE A 71 34.45 -0.67 -31.79
N GLU A 72 33.24 -0.18 -31.94
CA GLU A 72 33.01 1.26 -31.90
C GLU A 72 32.68 1.79 -30.52
N HIC A 73 31.60 1.30 -29.94
CA HIC A 73 31.20 1.76 -28.64
C HIC A 73 30.84 0.56 -27.83
O HIC A 73 29.78 0.44 -27.23
CB HIC A 73 29.99 2.70 -28.66
CG HIC A 73 30.36 4.05 -29.12
ND1 HIC A 73 31.31 4.86 -28.51
CD2 HIC A 73 29.80 4.69 -30.24
CE1 HIC A 73 31.33 5.99 -29.25
NE2 HIC A 73 30.43 5.93 -30.31
CZ HIC A 73 30.17 6.93 -31.30
N GLY A 74 31.74 -0.40 -27.82
CA GLY A 74 31.46 -1.70 -27.24
C GLY A 74 30.71 -2.58 -28.21
N ILE A 75 30.44 -2.04 -29.40
CA ILE A 75 29.56 -2.65 -30.39
C ILE A 75 30.42 -3.04 -31.56
N ILE A 76 30.47 -4.34 -31.84
CA ILE A 76 31.28 -4.86 -32.93
C ILE A 76 30.58 -4.52 -34.24
N THR A 77 31.13 -3.59 -34.99
CA THR A 77 30.54 -3.15 -36.24
C THR A 77 30.96 -4.02 -37.42
N ASN A 78 32.26 -4.25 -37.55
CA ASN A 78 32.81 -4.99 -38.68
C ASN A 78 33.11 -6.41 -38.19
N TRP A 79 32.24 -7.34 -38.52
CA TRP A 79 32.38 -8.72 -38.07
C TRP A 79 33.45 -9.49 -38.82
N ASP A 80 33.96 -8.95 -39.92
CA ASP A 80 35.04 -9.61 -40.62
C ASP A 80 36.38 -9.31 -39.98
N ASP A 81 36.58 -8.05 -39.58
CA ASP A 81 37.82 -7.68 -38.92
C ASP A 81 37.88 -8.17 -37.49
N MET A 82 36.73 -8.35 -36.85
CA MET A 82 36.73 -8.86 -35.49
C MET A 82 37.10 -10.33 -35.47
N GLU A 83 36.65 -11.07 -36.48
CA GLU A 83 37.04 -12.46 -36.63
C GLU A 83 38.52 -12.60 -36.91
N LYS A 84 39.12 -11.58 -37.53
CA LYS A 84 40.55 -11.59 -37.77
C LYS A 84 41.34 -11.26 -36.52
N ILE A 85 40.76 -10.54 -35.58
CA ILE A 85 41.47 -10.24 -34.34
C ILE A 85 41.48 -11.45 -33.42
N TRP A 86 40.35 -12.16 -33.34
CA TRP A 86 40.31 -13.40 -32.58
C TRP A 86 41.18 -14.48 -33.19
N HIS A 87 41.34 -14.48 -34.50
CA HIS A 87 42.24 -15.43 -35.14
C HIS A 87 43.69 -15.10 -34.80
N HIS A 88 44.03 -13.82 -34.76
CA HIS A 88 45.36 -13.41 -34.34
C HIS A 88 45.56 -13.61 -32.84
N THR A 89 44.48 -13.63 -32.07
CA THR A 89 44.60 -13.78 -30.62
C THR A 89 44.93 -15.21 -30.25
N PHE A 90 44.21 -16.16 -30.81
CA PHE A 90 44.37 -17.56 -30.43
C PHE A 90 45.66 -18.12 -31.01
N TYR A 91 45.80 -18.06 -32.33
CA TYR A 91 46.93 -18.71 -32.97
C TYR A 91 48.19 -17.88 -32.87
N ASN A 92 48.10 -16.61 -33.26
CA ASN A 92 49.30 -15.83 -33.50
C ASN A 92 49.85 -15.16 -32.25
N GLU A 93 49.19 -15.26 -31.10
CA GLU A 93 49.87 -14.77 -29.91
C GLU A 93 49.70 -15.64 -28.67
N LEU A 94 48.65 -16.45 -28.55
CA LEU A 94 48.64 -17.42 -27.47
C LEU A 94 49.19 -18.78 -27.88
N ARG A 95 49.31 -19.02 -29.20
CA ARG A 95 49.81 -20.26 -29.78
C ARG A 95 49.00 -21.46 -29.32
N VAL A 96 47.70 -21.26 -29.18
CA VAL A 96 46.87 -22.25 -28.52
C VAL A 96 45.82 -22.73 -29.51
N ALA A 97 45.42 -23.97 -29.35
CA ALA A 97 44.27 -24.42 -30.12
C ALA A 97 42.99 -23.98 -29.43
N PRO A 98 42.00 -23.51 -30.19
CA PRO A 98 40.74 -23.12 -29.55
C PRO A 98 39.92 -24.30 -29.08
N GLU A 99 40.11 -25.47 -29.70
CA GLU A 99 39.19 -26.58 -29.54
C GLU A 99 39.35 -27.33 -28.23
N GLU A 100 40.41 -27.08 -27.48
CA GLU A 100 40.66 -27.77 -26.22
C GLU A 100 40.69 -26.82 -25.04
N HIS A 101 40.04 -25.68 -25.17
CA HIS A 101 39.99 -24.69 -24.11
C HIS A 101 38.66 -23.96 -24.18
N PRO A 102 37.86 -23.98 -23.11
CA PRO A 102 36.68 -23.11 -23.09
C PRO A 102 37.09 -21.67 -22.92
N THR A 103 36.34 -20.78 -23.56
CA THR A 103 36.69 -19.37 -23.54
C THR A 103 35.68 -18.59 -22.69
N LEU A 104 36.12 -17.46 -22.17
CA LEU A 104 35.25 -16.59 -21.39
C LEU A 104 35.34 -15.21 -22.03
N LEU A 105 34.41 -14.89 -22.90
CA LEU A 105 34.36 -13.57 -23.46
C LEU A 105 33.72 -12.62 -22.46
N THR A 106 33.86 -11.33 -22.70
CA THR A 106 33.15 -10.32 -21.92
C THR A 106 32.44 -9.38 -22.87
N GLU A 107 31.62 -8.50 -22.30
CA GLU A 107 31.06 -7.39 -23.04
C GLU A 107 30.61 -6.33 -22.05
N ALA A 108 30.34 -5.16 -22.56
CA ALA A 108 29.75 -4.12 -21.77
C ALA A 108 28.26 -4.39 -21.59
N PRO A 109 27.65 -3.89 -20.53
CA PRO A 109 26.19 -4.02 -20.40
C PRO A 109 25.47 -3.08 -21.35
N LEU A 110 24.18 -3.38 -21.53
CA LEU A 110 23.26 -2.63 -22.40
C LEU A 110 23.73 -2.60 -23.85
N ASN A 111 24.40 -3.64 -24.31
CA ASN A 111 24.75 -3.75 -25.71
C ASN A 111 23.54 -4.22 -26.50
N PRO A 112 23.58 -4.13 -27.83
CA PRO A 112 22.56 -4.82 -28.63
C PRO A 112 22.64 -6.33 -28.47
N LYS A 113 21.48 -6.97 -28.64
CA LYS A 113 21.41 -8.41 -28.50
C LYS A 113 22.07 -9.14 -29.65
N ALA A 114 22.19 -8.49 -30.81
CA ALA A 114 22.88 -9.10 -31.93
C ALA A 114 24.38 -9.20 -31.70
N ASN A 115 24.92 -8.40 -30.80
CA ASN A 115 26.34 -8.50 -30.51
C ASN A 115 26.65 -9.78 -29.74
N ARG A 116 25.74 -10.21 -28.86
CA ARG A 116 25.99 -11.45 -28.14
C ARG A 116 25.77 -12.66 -29.00
N GLU A 117 24.80 -12.59 -29.92
CA GLU A 117 24.46 -13.75 -30.72
C GLU A 117 25.55 -14.07 -31.73
N LYS A 118 26.20 -13.04 -32.26
CA LYS A 118 27.22 -13.27 -33.26
C LYS A 118 28.55 -13.68 -32.63
N MET A 119 28.82 -13.24 -31.41
CA MET A 119 30.04 -13.70 -30.74
C MET A 119 29.94 -15.17 -30.39
N THR A 120 28.75 -15.66 -30.05
CA THR A 120 28.61 -17.07 -29.75
C THR A 120 28.61 -17.92 -31.01
N GLN A 121 28.10 -17.38 -32.10
CA GLN A 121 28.05 -18.15 -33.34
C GLN A 121 29.43 -18.31 -33.93
N ILE A 122 30.24 -17.26 -33.85
CA ILE A 122 31.63 -17.34 -34.32
C ILE A 122 32.43 -18.29 -33.43
N MET A 123 32.20 -18.26 -32.13
CA MET A 123 32.92 -19.19 -31.28
C MET A 123 32.43 -20.63 -31.40
N PHE A 124 31.36 -20.89 -32.14
CA PHE A 124 30.83 -22.24 -32.26
C PHE A 124 30.83 -22.81 -33.67
N GLU A 125 31.29 -22.07 -34.68
CA GLU A 125 31.77 -22.74 -35.87
C GLU A 125 33.07 -22.21 -36.43
N THR A 126 33.44 -20.96 -36.20
CA THR A 126 34.72 -20.49 -36.72
C THR A 126 35.89 -21.05 -35.93
N PHE A 127 35.81 -21.02 -34.60
CA PHE A 127 36.88 -21.54 -33.79
C PHE A 127 36.57 -22.85 -33.11
N ASN A 128 35.28 -23.17 -32.91
CA ASN A 128 34.80 -24.42 -32.31
C ASN A 128 35.39 -24.66 -30.92
N VAL A 129 35.02 -23.77 -30.01
CA VAL A 129 35.44 -23.92 -28.61
C VAL A 129 34.55 -24.99 -28.01
N PRO A 130 34.94 -25.65 -26.92
CA PRO A 130 34.03 -26.60 -26.27
C PRO A 130 32.80 -25.91 -25.69
N ALA A 131 33.06 -24.94 -24.83
CA ALA A 131 32.01 -24.19 -24.16
C ALA A 131 32.48 -22.76 -24.03
N MET A 132 31.54 -21.85 -23.81
CA MET A 132 31.90 -20.46 -23.70
C MET A 132 30.97 -19.78 -22.72
N TYR A 133 31.28 -18.53 -22.42
CA TYR A 133 30.50 -17.77 -21.46
C TYR A 133 30.79 -16.30 -21.66
N VAL A 134 29.76 -15.50 -21.87
CA VAL A 134 29.89 -14.07 -22.05
C VAL A 134 29.57 -13.43 -20.71
N ALA A 135 30.58 -12.87 -20.06
CA ALA A 135 30.36 -12.25 -18.77
C ALA A 135 30.02 -10.78 -18.95
N ILE A 136 29.98 -10.03 -17.87
CA ILE A 136 29.78 -8.58 -17.90
C ILE A 136 31.04 -7.94 -17.34
N GLN A 137 31.52 -6.88 -17.99
CA GLN A 137 32.82 -6.34 -17.63
C GLN A 137 32.83 -5.65 -16.28
N ALA A 138 31.73 -5.06 -15.87
CA ALA A 138 31.77 -4.29 -14.64
C ALA A 138 31.68 -5.16 -13.41
N VAL A 139 30.97 -6.29 -13.48
CA VAL A 139 30.89 -7.14 -12.30
C VAL A 139 32.15 -7.97 -12.12
N LEU A 140 32.96 -8.13 -13.16
CA LEU A 140 34.26 -8.75 -12.98
C LEU A 140 35.27 -7.79 -12.40
N SER A 141 34.98 -6.50 -12.44
CA SER A 141 35.89 -5.52 -11.84
C SER A 141 35.81 -5.54 -10.34
N LEU A 142 34.61 -5.77 -9.78
CA LEU A 142 34.50 -5.99 -8.35
C LEU A 142 35.13 -7.30 -7.96
N TYR A 143 34.94 -8.32 -8.79
CA TYR A 143 35.32 -9.65 -8.41
C TYR A 143 36.82 -9.85 -8.49
N ALA A 144 37.53 -8.94 -9.17
CA ALA A 144 38.97 -8.86 -9.03
C ALA A 144 39.36 -8.12 -7.78
N SER A 145 38.53 -7.19 -7.34
CA SER A 145 38.86 -6.39 -6.16
C SER A 145 38.61 -7.13 -4.86
N GLY A 146 38.08 -8.35 -4.90
CA GLY A 146 37.77 -9.06 -3.69
C GLY A 146 36.59 -8.47 -2.95
N ARG A 147 35.59 -7.99 -3.67
CA ARG A 147 34.41 -7.40 -3.09
C ARG A 147 33.19 -8.12 -3.61
N THR A 148 32.09 -7.96 -2.90
CA THR A 148 30.80 -8.39 -3.38
C THR A 148 29.82 -7.24 -3.48
N THR A 149 30.21 -6.05 -3.03
CA THR A 149 29.32 -4.90 -2.99
C THR A 149 30.09 -3.68 -3.43
N GLY A 150 29.55 -2.95 -4.38
CA GLY A 150 30.14 -1.68 -4.75
C GLY A 150 29.55 -1.21 -6.05
N ILE A 151 29.83 0.02 -6.35
CA ILE A 151 29.51 0.57 -7.65
C ILE A 151 30.80 0.66 -8.44
N VAL A 152 30.73 0.34 -9.72
CA VAL A 152 31.90 0.27 -10.58
C VAL A 152 31.85 1.48 -11.50
N LEU A 153 33.00 2.06 -11.80
CA LEU A 153 33.10 3.02 -12.89
C LEU A 153 34.05 2.39 -13.90
N ASP A 154 33.50 1.58 -14.80
CA ASP A 154 34.33 0.85 -15.75
C ASP A 154 34.49 1.70 -16.99
N SER A 155 35.51 2.53 -16.98
CA SER A 155 35.74 3.50 -18.03
C SER A 155 36.80 2.95 -18.96
N GLY A 156 36.38 2.18 -19.95
CA GLY A 156 37.34 1.61 -20.87
C GLY A 156 37.74 2.57 -21.96
N ASP A 157 37.79 2.07 -23.20
CA ASP A 157 38.12 2.88 -24.35
C ASP A 157 36.91 3.31 -25.14
N GLY A 158 35.84 2.53 -25.13
CA GLY A 158 34.66 2.93 -25.85
C GLY A 158 33.54 3.46 -24.99
N VAL A 159 33.23 2.79 -23.89
CA VAL A 159 32.10 3.16 -23.05
C VAL A 159 32.52 3.19 -21.59
N THR A 160 31.88 4.07 -20.82
CA THR A 160 31.91 4.03 -19.37
C THR A 160 30.54 3.64 -18.88
N HIS A 161 30.50 2.85 -17.83
CA HIS A 161 29.20 2.38 -17.37
C HIS A 161 29.26 2.05 -15.89
N ASN A 162 28.34 2.65 -15.14
CA ASN A 162 28.17 2.32 -13.73
C ASN A 162 27.32 1.09 -13.58
N VAL A 163 27.76 0.17 -12.72
CA VAL A 163 26.94 -0.97 -12.32
C VAL A 163 26.94 -1.05 -10.81
N PRO A 164 25.82 -0.82 -10.12
CA PRO A 164 25.79 -1.02 -8.68
C PRO A 164 25.55 -2.49 -8.37
N ILE A 165 26.34 -3.03 -7.47
CA ILE A 165 26.15 -4.38 -6.96
C ILE A 165 26.02 -4.27 -5.45
N TYR A 166 25.01 -4.91 -4.89
CA TYR A 166 24.90 -5.03 -3.44
C TYR A 166 24.84 -6.50 -3.13
N GLU A 167 25.96 -7.04 -2.63
CA GLU A 167 26.08 -8.40 -2.13
C GLU A 167 25.73 -9.44 -3.19
N GLY A 168 26.26 -9.22 -4.38
CA GLY A 168 26.09 -10.16 -5.46
C GLY A 168 24.83 -10.02 -6.25
N TYR A 169 24.03 -8.98 -6.00
CA TYR A 169 22.76 -8.79 -6.67
C TYR A 169 22.83 -7.55 -7.53
N ALA A 170 22.68 -7.70 -8.83
CA ALA A 170 22.77 -6.58 -9.74
C ALA A 170 21.46 -5.82 -9.75
N LEU A 171 21.56 -4.51 -9.86
CA LEU A 171 20.39 -3.66 -9.89
C LEU A 171 20.30 -3.04 -11.28
N PRO A 172 19.74 -3.76 -12.25
CA PRO A 172 19.93 -3.36 -13.65
C PRO A 172 19.16 -2.14 -14.06
N HIS A 173 18.24 -1.66 -13.25
CA HIS A 173 17.58 -0.41 -13.55
C HIS A 173 18.43 0.80 -13.19
N ALA A 174 19.54 0.60 -12.49
CA ALA A 174 20.42 1.67 -12.08
C ALA A 174 21.75 1.63 -12.82
N ILE A 175 21.82 0.91 -13.92
CA ILE A 175 23.03 0.87 -14.75
C ILE A 175 23.00 2.07 -15.68
N MET A 176 24.05 2.88 -15.62
CA MET A 176 24.12 4.14 -16.34
C MET A 176 25.25 4.04 -17.35
N ARG A 177 24.93 3.62 -18.57
CA ARG A 177 25.93 3.53 -19.62
C ARG A 177 26.10 4.88 -20.32
N LEU A 178 27.35 5.29 -20.48
CA LEU A 178 27.71 6.53 -21.13
C LEU A 178 28.64 6.22 -22.30
N ASP A 179 28.63 7.09 -23.31
CA ASP A 179 29.37 6.83 -24.55
C ASP A 179 30.50 7.83 -24.72
N LEU A 180 31.27 8.04 -23.67
CA LEU A 180 32.35 9.00 -23.63
C LEU A 180 33.55 8.33 -22.98
N ALA A 181 34.57 8.00 -23.77
CA ALA A 181 35.73 7.33 -23.20
C ALA A 181 36.94 7.73 -24.00
N GLY A 182 38.00 6.92 -23.91
CA GLY A 182 39.32 7.26 -24.40
C GLY A 182 39.45 7.41 -25.90
N ARG A 183 38.43 7.04 -26.67
CA ARG A 183 38.41 7.48 -28.06
C ARG A 183 37.92 8.91 -28.17
N ASP A 184 36.90 9.24 -27.41
CA ASP A 184 36.34 10.57 -27.47
C ASP A 184 37.18 11.59 -26.74
N LEU A 185 38.06 11.14 -25.84
CA LEU A 185 39.04 12.06 -25.30
C LEU A 185 40.22 12.25 -26.24
N THR A 186 40.56 11.22 -27.01
CA THR A 186 41.62 11.37 -27.99
C THR A 186 41.20 12.31 -29.10
N ASP A 187 39.99 12.14 -29.61
CA ASP A 187 39.52 12.95 -30.72
C ASP A 187 39.20 14.37 -30.29
N TYR A 188 39.05 14.62 -29.00
CA TYR A 188 39.00 15.98 -28.52
C TYR A 188 40.38 16.55 -28.31
N LEU A 189 41.34 15.70 -27.95
CA LEU A 189 42.70 16.18 -27.77
C LEU A 189 43.33 16.53 -29.10
N MET A 190 42.96 15.85 -30.18
CA MET A 190 43.40 16.28 -31.49
C MET A 190 42.79 17.60 -31.88
N LYS A 191 41.60 17.90 -31.37
CA LYS A 191 40.90 19.09 -31.78
C LYS A 191 41.48 20.32 -31.10
N ILE A 192 42.05 20.16 -29.91
CA ILE A 192 42.60 21.29 -29.18
C ILE A 192 44.12 21.32 -29.21
N LEU A 193 44.77 20.33 -29.82
CA LEU A 193 46.15 20.52 -30.19
C LEU A 193 46.30 21.33 -31.47
N THR A 194 45.20 21.58 -32.18
CA THR A 194 45.26 22.39 -33.38
C THR A 194 45.53 23.85 -33.05
N GLU A 195 44.96 24.34 -31.96
CA GLU A 195 45.14 25.74 -31.60
C GLU A 195 46.56 26.08 -31.17
N ARG A 196 47.39 25.09 -30.89
CA ARG A 196 48.82 25.35 -30.72
C ARG A 196 49.57 25.23 -32.05
N GLY A 197 49.01 24.51 -33.02
CA GLY A 197 49.56 24.51 -34.35
C GLY A 197 49.64 23.15 -34.98
N TYR A 198 49.39 22.11 -34.22
CA TYR A 198 49.72 20.75 -34.63
C TYR A 198 48.50 20.11 -35.27
N SER A 199 48.54 19.95 -36.57
CA SER A 199 47.47 19.29 -37.30
C SER A 199 47.75 17.79 -37.29
N PHE A 200 46.93 17.04 -36.57
CA PHE A 200 47.04 15.60 -36.44
C PHE A 200 45.77 15.01 -37.02
N VAL A 201 45.84 14.53 -38.26
CA VAL A 201 44.67 14.32 -39.09
C VAL A 201 44.44 12.84 -39.37
N THR A 202 45.49 12.09 -39.69
CA THR A 202 45.34 10.73 -40.17
C THR A 202 44.88 9.80 -39.05
N THR A 203 44.57 8.56 -39.43
CA THR A 203 44.26 7.54 -38.45
C THR A 203 45.50 6.93 -37.83
N ALA A 204 46.68 7.24 -38.36
CA ALA A 204 47.92 6.90 -37.71
C ALA A 204 48.41 8.01 -36.80
N GLU A 205 47.86 9.20 -36.94
CA GLU A 205 48.13 10.28 -36.02
C GLU A 205 47.19 10.30 -34.82
N ARG A 206 46.07 9.58 -34.87
CA ARG A 206 45.35 9.37 -33.64
C ARG A 206 46.01 8.31 -32.77
N GLU A 207 46.91 7.51 -33.33
CA GLU A 207 47.69 6.60 -32.52
C GLU A 207 48.84 7.31 -31.83
N ILE A 208 49.18 8.51 -32.26
CA ILE A 208 50.22 9.30 -31.63
C ILE A 208 49.65 10.18 -30.54
N VAL A 209 48.47 10.75 -30.79
CA VAL A 209 47.79 11.57 -29.79
C VAL A 209 47.31 10.70 -28.64
N ARG A 210 46.99 9.44 -28.90
CA ARG A 210 46.71 8.50 -27.83
C ARG A 210 47.93 8.30 -26.94
N ASP A 211 49.13 8.33 -27.51
CA ASP A 211 50.33 8.24 -26.71
C ASP A 211 50.71 9.56 -26.05
N ILE A 212 50.26 10.69 -26.59
CA ILE A 212 50.44 11.94 -25.87
C ILE A 212 49.56 11.96 -24.64
N LYS A 213 48.35 11.42 -24.77
CA LYS A 213 47.39 11.41 -23.69
C LYS A 213 47.83 10.51 -22.56
N GLU A 214 48.42 9.37 -22.87
CA GLU A 214 48.88 8.43 -21.86
C GLU A 214 50.16 8.85 -21.16
N LYS A 215 50.72 10.01 -21.48
CA LYS A 215 51.95 10.46 -20.84
C LYS A 215 51.82 11.81 -20.16
N LEU A 216 51.14 12.77 -20.78
CA LEU A 216 51.20 14.15 -20.34
C LEU A 216 49.92 14.66 -19.73
N CYS A 217 48.85 13.88 -19.74
CA CYS A 217 47.56 14.36 -19.29
C CYS A 217 47.32 14.00 -17.84
N TYR A 218 46.71 14.93 -17.10
CA TYR A 218 46.34 14.69 -15.72
C TYR A 218 44.99 15.35 -15.49
N VAL A 219 44.38 15.06 -14.35
CA VAL A 219 43.08 15.62 -14.01
C VAL A 219 43.29 16.74 -13.00
N ALA A 220 42.81 17.93 -13.33
CA ALA A 220 42.94 19.05 -12.42
C ALA A 220 41.99 18.88 -11.25
N LEU A 221 42.48 19.14 -10.04
CA LEU A 221 41.62 19.06 -8.87
C LEU A 221 40.61 20.19 -8.85
N ASP A 222 41.04 21.39 -9.20
CA ASP A 222 40.15 22.51 -9.48
C ASP A 222 40.46 22.99 -10.89
N PHE A 223 39.46 22.94 -11.76
CA PHE A 223 39.68 23.25 -13.16
C PHE A 223 39.84 24.74 -13.39
N GLU A 224 38.95 25.56 -12.82
CA GLU A 224 39.04 27.01 -13.01
C GLU A 224 40.22 27.62 -12.29
N ASN A 225 40.82 26.90 -11.35
CA ASN A 225 42.04 27.37 -10.72
C ASN A 225 43.25 27.06 -11.58
N GLU A 226 43.24 25.93 -12.27
CA GLU A 226 44.34 25.60 -13.17
C GLU A 226 44.28 26.41 -14.46
N MET A 227 43.10 26.89 -14.84
CA MET A 227 43.03 27.78 -15.99
C MET A 227 43.57 29.16 -15.68
N ALA A 228 43.74 29.50 -14.41
CA ALA A 228 44.48 30.69 -14.03
C ALA A 228 45.97 30.44 -13.93
N THR A 229 46.38 29.18 -13.76
CA THR A 229 47.80 28.86 -13.72
C THR A 229 48.41 28.94 -15.11
N ALA A 230 47.65 28.62 -16.14
CA ALA A 230 48.11 28.77 -17.52
C ALA A 230 48.28 30.22 -17.95
N ALA A 231 47.74 31.18 -17.19
CA ALA A 231 48.07 32.58 -17.41
C ALA A 231 49.52 32.87 -17.04
N SER A 232 50.03 32.22 -15.99
CA SER A 232 51.44 32.29 -15.64
C SER A 232 52.14 31.04 -16.16
N SER A 233 52.30 30.99 -17.48
CA SER A 233 52.59 29.74 -18.19
C SER A 233 54.02 29.25 -17.95
N SER A 234 54.30 28.75 -16.76
CA SER A 234 55.68 28.49 -16.37
C SER A 234 55.98 27.01 -16.16
N SER A 235 55.33 26.37 -15.19
CA SER A 235 55.63 25.00 -14.84
C SER A 235 54.59 24.03 -15.36
N LEU A 236 53.58 24.55 -16.03
CA LEU A 236 52.50 23.72 -16.53
C LEU A 236 52.91 23.01 -17.81
N GLU A 237 53.71 23.66 -18.65
CA GLU A 237 54.07 23.11 -19.93
C GLU A 237 55.10 22.00 -19.80
N LYS A 238 54.88 20.93 -20.55
CA LYS A 238 55.88 19.89 -20.75
C LYS A 238 55.95 19.60 -22.24
N SER A 239 56.91 18.78 -22.62
CA SER A 239 57.18 18.53 -24.02
C SER A 239 57.13 17.04 -24.33
N TYR A 240 57.03 16.74 -25.61
CA TYR A 240 56.90 15.37 -26.08
C TYR A 240 57.54 15.28 -27.46
N GLU A 241 58.35 14.25 -27.67
CA GLU A 241 59.05 14.05 -28.92
C GLU A 241 58.25 13.11 -29.80
N LEU A 242 57.84 13.60 -30.97
CA LEU A 242 57.06 12.84 -31.93
C LEU A 242 57.93 11.75 -32.57
N PRO A 243 57.34 10.82 -33.32
CA PRO A 243 58.19 9.84 -34.02
C PRO A 243 59.02 10.39 -35.17
N ASP A 244 58.94 11.68 -35.50
CA ASP A 244 59.85 12.28 -36.47
C ASP A 244 60.86 13.19 -35.81
N GLY A 245 61.01 13.12 -34.50
CA GLY A 245 61.99 13.94 -33.82
C GLY A 245 61.57 15.35 -33.50
N GLN A 246 60.37 15.76 -33.91
CA GLN A 246 59.88 17.09 -33.55
C GLN A 246 59.38 17.09 -32.13
N VAL A 247 59.68 18.14 -31.40
CA VAL A 247 59.11 18.32 -30.07
C VAL A 247 57.88 19.21 -30.20
N ILE A 248 56.90 18.94 -29.35
CA ILE A 248 55.71 19.78 -29.27
C ILE A 248 55.65 20.32 -27.86
N THR A 249 54.98 21.44 -27.70
CA THR A 249 54.75 22.02 -26.40
C THR A 249 53.26 22.01 -26.12
N ILE A 250 52.90 21.65 -24.90
CA ILE A 250 51.51 21.44 -24.54
C ILE A 250 51.28 22.06 -23.17
N GLY A 251 50.27 22.89 -23.07
CA GLY A 251 50.11 23.69 -21.88
C GLY A 251 48.90 23.33 -21.07
N ASN A 252 47.84 24.10 -21.21
CA ASN A 252 46.61 23.77 -20.53
C ASN A 252 45.86 22.62 -21.16
N GLU A 253 46.32 22.11 -22.31
CA GLU A 253 45.70 20.93 -22.88
C GLU A 253 46.04 19.65 -22.13
N ARG A 254 46.92 19.71 -21.14
CA ARG A 254 47.21 18.53 -20.34
C ARG A 254 46.02 18.17 -19.47
N PHE A 255 45.39 19.16 -18.86
CA PHE A 255 44.23 18.88 -18.03
C PHE A 255 42.91 19.19 -18.69
N ARG A 256 42.91 19.98 -19.75
CA ARG A 256 41.63 20.29 -20.38
C ARG A 256 41.11 19.13 -21.19
N CYS A 257 41.95 18.16 -21.48
CA CYS A 257 41.47 16.94 -22.13
C CYS A 257 40.76 16.01 -21.15
N PRO A 258 41.26 15.65 -19.97
CA PRO A 258 40.45 14.81 -19.07
C PRO A 258 39.40 15.56 -18.27
N GLU A 259 39.25 16.87 -18.48
CA GLU A 259 38.11 17.58 -17.91
C GLU A 259 36.81 17.19 -18.59
N THR A 260 36.89 16.68 -19.81
CA THR A 260 35.70 16.26 -20.55
C THR A 260 35.00 15.08 -19.90
N LEU A 261 35.72 14.26 -19.13
CA LEU A 261 35.06 13.25 -18.33
C LEU A 261 34.18 13.84 -17.24
N PHE A 262 34.49 15.04 -16.77
CA PHE A 262 33.73 15.67 -15.71
C PHE A 262 32.85 16.80 -16.20
N GLN A 263 33.07 17.30 -17.41
CA GLN A 263 32.17 18.25 -18.05
C GLN A 263 32.05 17.86 -19.51
N PRO A 264 31.11 16.97 -19.84
CA PRO A 264 31.03 16.45 -21.22
C PRO A 264 30.48 17.45 -22.23
N SER A 265 30.14 18.65 -21.82
CA SER A 265 29.66 19.65 -22.76
C SER A 265 30.78 20.29 -23.56
N PHE A 266 32.03 19.96 -23.29
CA PHE A 266 33.12 20.45 -24.14
C PHE A 266 33.07 19.80 -25.50
N ILE A 267 32.72 18.53 -25.56
CA ILE A 267 32.57 17.85 -26.82
C ILE A 267 31.11 17.80 -27.26
N GLY A 268 30.26 18.61 -26.66
CA GLY A 268 28.90 18.75 -27.14
C GLY A 268 27.97 17.62 -26.80
N MET A 269 28.14 17.00 -25.64
CA MET A 269 27.24 15.94 -25.21
C MET A 269 26.21 16.50 -24.24
N GLU A 270 24.96 16.09 -24.42
CA GLU A 270 23.93 16.35 -23.42
C GLU A 270 23.87 15.14 -22.50
N SER A 271 24.88 15.06 -21.65
CA SER A 271 24.88 14.10 -20.56
C SER A 271 25.66 14.73 -19.43
N ALA A 272 25.81 13.98 -18.36
CA ALA A 272 26.49 14.49 -17.18
C ALA A 272 27.87 13.85 -17.08
N GLY A 273 28.71 14.47 -16.26
CA GLY A 273 30.02 13.93 -16.01
C GLY A 273 29.97 12.63 -15.24
N ILE A 274 31.15 12.03 -15.06
CA ILE A 274 31.21 10.76 -14.36
C ILE A 274 31.00 10.90 -12.87
N HIS A 275 31.02 12.11 -12.34
CA HIS A 275 30.70 12.32 -10.94
C HIS A 275 29.21 12.35 -10.71
N GLU A 276 28.43 12.85 -11.67
CA GLU A 276 26.98 12.84 -11.52
C GLU A 276 26.35 11.57 -12.03
N THR A 277 26.97 10.92 -13.00
CA THR A 277 26.49 9.64 -13.46
C THR A 277 26.68 8.57 -12.39
N THR A 278 27.74 8.66 -11.61
CA THR A 278 27.90 7.77 -10.46
C THR A 278 26.90 8.12 -9.37
N TYR A 279 26.71 9.40 -9.11
CA TYR A 279 25.75 9.82 -8.09
C TYR A 279 24.32 9.59 -8.53
N ASN A 280 24.00 9.72 -9.81
CA ASN A 280 22.67 9.34 -10.24
C ASN A 280 22.48 7.85 -10.38
N SER A 281 23.52 7.06 -10.22
CA SER A 281 23.35 5.63 -10.19
C SER A 281 23.31 5.10 -8.77
N ILE A 282 23.45 5.96 -7.79
CA ILE A 282 23.28 5.61 -6.40
C ILE A 282 21.93 6.09 -5.88
N MET A 283 21.50 7.27 -6.32
CA MET A 283 20.15 7.71 -5.98
C MET A 283 19.07 6.86 -6.62
N LYS A 284 19.36 6.23 -7.75
CA LYS A 284 18.37 5.32 -8.33
C LYS A 284 18.32 3.97 -7.64
N CYS A 285 19.22 3.71 -6.70
CA CYS A 285 19.18 2.48 -5.92
C CYS A 285 18.28 2.67 -4.69
N ASP A 286 18.12 1.60 -3.94
CA ASP A 286 17.31 1.65 -2.72
C ASP A 286 18.08 2.40 -1.64
N ILE A 287 17.31 3.04 -0.76
CA ILE A 287 17.87 3.95 0.24
C ILE A 287 18.70 3.24 1.28
N ASP A 288 18.53 1.93 1.43
CA ASP A 288 19.25 1.16 2.42
C ASP A 288 20.70 0.94 2.01
N ILE A 289 20.93 0.66 0.73
CA ILE A 289 22.24 0.21 0.29
C ILE A 289 23.18 1.34 -0.04
N ARG A 290 22.75 2.59 0.14
CA ARG A 290 23.59 3.71 -0.26
C ARG A 290 24.76 3.95 0.68
N LYS A 291 24.77 3.34 1.86
CA LYS A 291 25.98 3.33 2.67
C LYS A 291 27.07 2.52 2.01
N ASP A 292 26.74 1.31 1.58
CA ASP A 292 27.73 0.41 1.03
C ASP A 292 28.06 0.70 -0.42
N LEU A 293 27.37 1.63 -1.05
CA LEU A 293 27.77 2.05 -2.38
C LEU A 293 28.62 3.30 -2.36
N TYR A 294 28.34 4.23 -1.44
CA TYR A 294 29.21 5.38 -1.24
C TYR A 294 30.57 4.98 -0.68
N ALA A 295 30.63 3.90 0.07
CA ALA A 295 31.89 3.47 0.66
C ALA A 295 32.69 2.58 -0.26
N ASN A 296 32.17 2.20 -1.42
CA ASN A 296 32.86 1.32 -2.35
C ASN A 296 32.64 1.86 -3.76
N ASN A 297 33.52 2.73 -4.20
CA ASN A 297 33.54 3.17 -5.59
C ASN A 297 34.77 2.56 -6.23
N VAL A 298 34.57 1.64 -7.14
CA VAL A 298 35.65 0.88 -7.73
C VAL A 298 35.86 1.35 -9.15
N MET A 299 37.03 1.89 -9.43
CA MET A 299 37.34 2.27 -10.80
C MET A 299 38.00 1.12 -11.54
N SER A 300 37.78 1.09 -12.84
CA SER A 300 38.33 0.03 -13.66
C SER A 300 38.54 0.56 -15.07
N GLY A 301 39.23 -0.21 -15.88
CA GLY A 301 39.50 0.20 -17.24
C GLY A 301 40.60 1.23 -17.30
N GLY A 302 41.02 1.53 -18.54
CA GLY A 302 42.22 2.29 -18.73
C GLY A 302 42.05 3.77 -18.54
N THR A 303 40.87 4.30 -18.81
CA THR A 303 40.66 5.73 -18.75
C THR A 303 40.56 6.24 -17.32
N THR A 304 40.58 5.36 -16.33
CA THR A 304 40.67 5.77 -14.94
C THR A 304 42.10 5.86 -14.45
N MET A 305 43.08 5.88 -15.35
CA MET A 305 44.47 5.89 -14.99
C MET A 305 45.13 7.25 -15.09
N TYR A 306 44.34 8.31 -15.24
CA TYR A 306 44.93 9.64 -15.21
C TYR A 306 45.37 9.97 -13.79
N PRO A 307 46.49 10.65 -13.62
CA PRO A 307 46.90 11.08 -12.28
C PRO A 307 45.95 12.14 -11.74
N GLY A 308 45.29 11.81 -10.64
CA GLY A 308 44.42 12.76 -9.97
C GLY A 308 42.95 12.59 -10.24
N ILE A 309 42.52 11.45 -10.79
CA ILE A 309 41.12 11.24 -11.07
C ILE A 309 40.40 10.62 -9.88
N ALA A 310 41.10 9.84 -9.05
CA ALA A 310 40.50 9.33 -7.84
C ALA A 310 40.40 10.39 -6.77
N ASP A 311 41.13 11.49 -6.91
CA ASP A 311 41.01 12.61 -6.01
C ASP A 311 40.02 13.64 -6.50
N ARG A 312 39.62 13.58 -7.76
CA ARG A 312 38.64 14.49 -8.31
C ARG A 312 37.23 13.96 -8.14
N MET A 313 37.05 12.65 -8.27
CA MET A 313 35.76 12.04 -8.01
C MET A 313 35.37 12.17 -6.55
N GLN A 314 36.31 11.92 -5.65
CA GLN A 314 36.04 12.06 -4.23
C GLN A 314 35.83 13.51 -3.85
N LYS A 315 36.41 14.44 -4.58
CA LYS A 315 36.15 15.84 -4.32
C LYS A 315 34.80 16.28 -4.85
N GLU A 316 34.24 15.53 -5.80
CA GLU A 316 32.98 15.95 -6.41
C GLU A 316 31.78 15.10 -6.04
N ILE A 317 31.96 13.84 -5.67
CA ILE A 317 30.81 13.11 -5.15
C ILE A 317 30.48 13.59 -3.75
N THR A 318 31.50 14.01 -2.99
CA THR A 318 31.29 14.58 -1.67
C THR A 318 30.48 15.86 -1.73
N ALA A 319 30.60 16.61 -2.81
CA ALA A 319 29.78 17.80 -3.01
C ALA A 319 28.35 17.48 -3.41
N LEU A 320 28.04 16.22 -3.69
CA LEU A 320 26.68 15.81 -4.02
C LEU A 320 26.07 14.93 -2.95
N ALA A 321 26.79 13.89 -2.53
CA ALA A 321 26.36 13.06 -1.42
C ALA A 321 26.32 13.88 -0.14
N PRO A 322 25.39 13.58 0.76
CA PRO A 322 25.28 14.38 1.99
C PRO A 322 26.45 14.14 2.91
N SER A 323 26.79 15.17 3.66
CA SER A 323 28.08 15.29 4.34
C SER A 323 28.18 14.45 5.60
N THR A 324 27.27 13.51 5.82
CA THR A 324 27.33 12.67 7.01
C THR A 324 27.92 11.32 6.73
N MET A 325 28.52 11.11 5.57
CA MET A 325 29.09 9.80 5.26
C MET A 325 30.26 9.92 4.31
N LYS A 326 31.08 8.88 4.34
CA LYS A 326 32.38 8.89 3.69
C LYS A 326 32.28 8.35 2.28
N ILE A 327 33.01 8.98 1.38
CA ILE A 327 33.12 8.56 -0.01
C ILE A 327 34.51 7.98 -0.17
N LYS A 328 34.59 6.76 -0.67
CA LYS A 328 35.83 6.02 -0.67
C LYS A 328 36.10 5.51 -2.09
N ILE A 329 36.78 6.32 -2.89
CA ILE A 329 37.17 5.90 -4.22
C ILE A 329 38.27 4.85 -4.10
N ILE A 330 38.03 3.68 -4.66
CA ILE A 330 38.95 2.56 -4.51
C ILE A 330 39.55 2.29 -5.88
N ALA A 331 40.78 2.76 -6.09
CA ALA A 331 41.47 2.57 -7.35
C ALA A 331 42.68 1.69 -7.12
N PRO A 332 42.63 0.41 -7.50
CA PRO A 332 43.80 -0.44 -7.40
C PRO A 332 44.84 -0.01 -8.41
N PRO A 333 46.12 -0.34 -8.19
CA PRO A 333 47.13 0.06 -9.18
C PRO A 333 47.06 -0.73 -10.46
N GLU A 334 46.56 -1.96 -10.44
CA GLU A 334 46.40 -2.77 -11.65
C GLU A 334 44.99 -2.66 -12.23
N ARG A 335 44.32 -1.53 -12.01
CA ARG A 335 42.93 -1.40 -12.44
C ARG A 335 42.76 -1.33 -13.94
N LYS A 336 43.84 -1.17 -14.70
CA LYS A 336 43.74 -1.24 -16.14
C LYS A 336 43.48 -2.67 -16.61
N TYR A 337 43.99 -3.65 -15.90
CA TYR A 337 43.81 -5.05 -16.25
C TYR A 337 42.77 -5.73 -15.39
N SER A 338 42.01 -4.97 -14.60
CA SER A 338 41.20 -5.54 -13.55
C SER A 338 40.01 -6.32 -14.07
N VAL A 339 39.54 -6.03 -15.27
CA VAL A 339 38.46 -6.82 -15.84
C VAL A 339 38.97 -8.20 -16.19
N TRP A 340 40.23 -8.30 -16.63
CA TRP A 340 40.77 -9.59 -16.99
C TRP A 340 41.06 -10.43 -15.76
N ILE A 341 41.58 -9.80 -14.71
CA ILE A 341 41.98 -10.52 -13.50
C ILE A 341 40.76 -11.16 -12.85
N GLY A 342 39.66 -10.42 -12.78
CA GLY A 342 38.43 -10.98 -12.28
C GLY A 342 37.86 -12.05 -13.17
N GLY A 343 38.14 -11.98 -14.47
CA GLY A 343 37.72 -13.07 -15.34
C GLY A 343 38.55 -14.31 -15.13
N SER A 344 39.85 -14.14 -14.88
CA SER A 344 40.70 -15.30 -14.64
C SER A 344 40.41 -15.93 -13.30
N ILE A 345 39.93 -15.13 -12.33
CA ILE A 345 39.47 -15.70 -11.07
C ILE A 345 38.17 -16.46 -11.29
N LEU A 346 37.27 -15.90 -12.11
CA LEU A 346 35.96 -16.51 -12.32
C LEU A 346 36.06 -17.86 -13.02
N ALA A 347 36.88 -17.94 -14.05
CA ALA A 347 37.01 -19.21 -14.76
C ALA A 347 37.86 -20.21 -13.99
N SER A 348 38.47 -19.81 -12.89
CA SER A 348 39.22 -20.73 -12.05
C SER A 348 38.40 -21.30 -10.91
N LEU A 349 37.17 -20.84 -10.70
CA LEU A 349 36.33 -21.36 -9.64
C LEU A 349 35.87 -22.78 -9.93
N SER A 350 35.50 -23.45 -8.84
CA SER A 350 34.89 -24.78 -8.91
C SER A 350 33.38 -24.71 -8.88
N THR A 351 32.81 -23.58 -8.49
CA THR A 351 31.37 -23.41 -8.48
C THR A 351 30.85 -22.80 -9.76
N PHE A 352 31.60 -22.92 -10.84
CA PHE A 352 31.31 -22.22 -12.08
C PHE A 352 31.12 -23.12 -13.27
N GLN A 353 31.54 -24.38 -13.19
CA GLN A 353 31.58 -25.21 -14.38
C GLN A 353 30.21 -25.68 -14.84
N GLN A 354 29.17 -25.49 -14.05
CA GLN A 354 27.84 -25.70 -14.58
C GLN A 354 27.31 -24.48 -15.31
N MET A 355 28.02 -23.36 -15.27
CA MET A 355 27.54 -22.12 -15.87
C MET A 355 28.06 -21.91 -17.28
N TRP A 356 28.84 -22.84 -17.82
CA TRP A 356 29.31 -22.71 -19.19
C TRP A 356 28.17 -22.93 -20.17
N ILE A 357 28.41 -22.59 -21.42
CA ILE A 357 27.41 -22.77 -22.47
C ILE A 357 28.04 -23.74 -23.46
N THR A 358 27.79 -25.03 -23.28
CA THR A 358 28.40 -26.03 -24.12
C THR A 358 27.73 -26.08 -25.48
N LYS A 359 28.43 -26.69 -26.44
CA LYS A 359 27.98 -26.65 -27.82
C LYS A 359 26.76 -27.52 -28.04
N GLN A 360 26.68 -28.66 -27.36
CA GLN A 360 25.50 -29.51 -27.44
C GLN A 360 24.29 -28.88 -26.79
N GLU A 361 24.49 -27.96 -25.84
CA GLU A 361 23.41 -27.17 -25.29
C GLU A 361 23.10 -25.99 -26.18
N TYR A 362 24.10 -25.54 -26.94
CA TYR A 362 23.93 -24.44 -27.87
C TYR A 362 23.06 -24.81 -29.05
N ASP A 363 23.47 -25.85 -29.78
CA ASP A 363 22.92 -26.10 -31.12
C ASP A 363 21.50 -26.62 -31.09
N GLU A 364 21.10 -27.33 -30.04
CA GLU A 364 19.72 -27.77 -29.96
C GLU A 364 18.80 -26.69 -29.45
N ALA A 365 19.35 -25.65 -28.81
CA ALA A 365 18.55 -24.56 -28.29
C ALA A 365 18.76 -23.26 -29.05
N GLY A 366 19.67 -23.23 -30.02
CA GLY A 366 19.91 -22.05 -30.82
C GLY A 366 20.86 -21.08 -30.15
N PRO A 367 21.33 -20.08 -30.90
CA PRO A 367 22.18 -19.04 -30.30
C PRO A 367 21.44 -17.99 -29.50
N SER A 368 20.13 -18.12 -29.35
CA SER A 368 19.37 -17.26 -28.44
C SER A 368 19.44 -17.74 -26.99
N ILE A 369 20.28 -18.73 -26.70
CA ILE A 369 20.39 -19.24 -25.35
C ILE A 369 21.21 -18.30 -24.48
N VAL A 370 22.08 -17.50 -25.09
CA VAL A 370 23.09 -16.78 -24.32
C VAL A 370 22.49 -15.60 -23.55
N HIS A 371 21.28 -15.18 -23.91
CA HIS A 371 20.70 -14.05 -23.22
C HIS A 371 20.08 -14.46 -21.88
N ARG A 372 19.46 -15.63 -21.84
CA ARG A 372 18.84 -16.11 -20.61
C ARG A 372 19.82 -16.77 -19.67
N LYS A 373 21.12 -16.65 -19.93
CA LYS A 373 22.16 -17.15 -19.04
C LYS A 373 22.95 -16.03 -18.39
N CYS A 374 22.53 -14.78 -18.58
CA CYS A 374 23.25 -13.63 -18.07
C CYS A 374 22.24 -12.53 -17.77
N PHE A 375 22.39 -11.89 -16.61
CA PHE A 375 21.33 -11.08 -15.97
C PHE A 375 19.98 -11.79 -15.92
N GLU B 4 -16.79 40.31 -15.83
CA GLU B 4 -16.71 38.90 -15.48
C GLU B 4 -17.83 38.08 -16.07
N THR B 5 -17.46 37.16 -16.95
CA THR B 5 -18.37 36.18 -17.50
C THR B 5 -17.92 34.75 -17.29
N THR B 6 -16.62 34.48 -17.44
CA THR B 6 -16.13 33.11 -17.51
C THR B 6 -14.86 32.97 -16.67
N ALA B 7 -14.42 31.73 -16.53
CA ALA B 7 -13.33 31.37 -15.65
C ALA B 7 -12.30 30.56 -16.42
N LEU B 8 -11.06 30.59 -15.95
CA LEU B 8 -9.98 29.84 -16.56
C LEU B 8 -9.84 28.49 -15.87
N VAL B 9 -9.55 27.46 -16.66
CA VAL B 9 -9.34 26.13 -16.12
C VAL B 9 -7.99 25.66 -16.63
N CYS B 10 -7.02 25.53 -15.73
CA CYS B 10 -5.66 25.15 -16.08
C CYS B 10 -5.31 23.81 -15.45
N ASP B 11 -5.26 22.76 -16.27
CA ASP B 11 -4.78 21.45 -15.83
C ASP B 11 -3.28 21.36 -16.11
N ASN B 12 -2.49 21.96 -15.22
CA ASN B 12 -1.05 21.89 -15.37
C ASN B 12 -0.54 20.50 -15.02
N GLY B 13 -0.57 19.60 -15.99
CA GLY B 13 -0.07 18.27 -15.78
C GLY B 13 1.45 18.24 -15.72
N SER B 14 1.96 17.05 -15.46
CA SER B 14 3.39 16.87 -15.42
C SER B 14 4.00 16.69 -16.79
N GLY B 15 3.19 16.48 -17.81
CA GLY B 15 3.73 16.25 -19.12
C GLY B 15 3.11 17.10 -20.18
N LEU B 16 2.02 17.78 -19.85
CA LEU B 16 1.24 18.49 -20.86
C LEU B 16 0.34 19.47 -20.15
N VAL B 17 0.44 20.75 -20.47
CA VAL B 17 -0.45 21.76 -19.94
C VAL B 17 -1.68 21.82 -20.81
N LYS B 18 -2.85 21.74 -20.18
CA LYS B 18 -4.14 21.78 -20.86
C LYS B 18 -4.91 22.93 -20.24
N ALA B 19 -5.17 23.97 -21.02
CA ALA B 19 -5.84 25.12 -20.47
C ALA B 19 -6.93 25.60 -21.42
N GLY B 20 -7.76 26.50 -20.93
CA GLY B 20 -8.87 26.99 -21.70
C GLY B 20 -9.80 27.79 -20.83
N PHE B 21 -11.03 27.97 -21.30
CA PHE B 21 -12.04 28.68 -20.53
C PHE B 21 -13.06 27.70 -19.98
N ALA B 22 -13.76 28.14 -18.94
CA ALA B 22 -14.81 27.32 -18.37
C ALA B 22 -16.04 27.31 -19.27
N GLY B 23 -16.69 26.17 -19.33
CA GLY B 23 -17.91 26.03 -20.09
C GLY B 23 -17.73 25.49 -21.49
N ASP B 24 -16.50 25.28 -21.93
CA ASP B 24 -16.24 24.76 -23.26
C ASP B 24 -16.30 23.23 -23.23
N ASP B 25 -15.84 22.60 -24.29
CA ASP B 25 -15.79 21.15 -24.35
C ASP B 25 -14.42 20.58 -24.63
N ALA B 26 -13.50 21.39 -25.18
CA ALA B 26 -12.15 20.97 -25.49
C ALA B 26 -11.24 22.12 -25.11
N PRO B 27 -10.05 21.82 -24.60
CA PRO B 27 -9.14 22.90 -24.23
C PRO B 27 -8.53 23.56 -25.45
N ARG B 28 -8.28 24.86 -25.33
CA ARG B 28 -7.66 25.59 -26.42
C ARG B 28 -6.15 25.36 -26.44
N ALA B 29 -5.48 25.67 -25.35
CA ALA B 29 -4.03 25.57 -25.27
C ALA B 29 -3.64 24.20 -24.73
N VAL B 30 -3.17 23.33 -25.61
CA VAL B 30 -2.60 22.05 -25.21
C VAL B 30 -1.16 22.06 -25.69
N PHE B 31 -0.23 22.30 -24.79
CA PHE B 31 1.17 22.40 -25.13
C PHE B 31 1.98 21.73 -24.03
N PRO B 32 3.11 21.13 -24.35
CA PRO B 32 3.88 20.44 -23.31
C PRO B 32 4.52 21.42 -22.35
N SER B 33 4.67 20.98 -21.11
CA SER B 33 5.24 21.81 -20.06
C SER B 33 6.74 21.60 -20.05
N ILE B 34 7.42 22.25 -20.98
CA ILE B 34 8.85 22.10 -21.18
C ILE B 34 9.47 23.48 -21.23
N VAL B 35 10.58 23.66 -20.51
CA VAL B 35 11.38 24.87 -20.61
C VAL B 35 12.76 24.47 -21.12
N GLY B 36 13.20 25.08 -22.20
CA GLY B 36 14.48 24.73 -22.76
C GLY B 36 15.48 25.86 -22.84
N ARG B 37 16.61 25.67 -22.32
CA ARG B 37 17.68 26.62 -22.56
C ARG B 37 18.59 26.13 -23.66
N PRO B 38 19.15 27.02 -24.47
CA PRO B 38 20.06 26.59 -25.54
C PRO B 38 21.43 26.22 -24.99
N ARG B 39 21.89 25.04 -25.35
CA ARG B 39 23.17 24.53 -24.87
C ARG B 39 24.34 24.87 -25.77
N HIS B 40 24.13 25.53 -26.90
CA HIS B 40 25.22 25.85 -27.79
C HIS B 40 25.50 27.35 -27.75
N GLN B 41 26.34 27.79 -28.68
CA GLN B 41 26.98 29.10 -28.57
C GLN B 41 26.16 30.24 -29.16
N GLY B 42 25.61 30.08 -30.35
CA GLY B 42 24.83 31.16 -30.89
C GLY B 42 25.65 32.31 -31.43
N VAL B 43 26.33 32.07 -32.55
CA VAL B 43 27.20 33.07 -33.14
C VAL B 43 26.41 34.24 -33.72
N MET B 44 25.21 34.00 -34.25
CA MET B 44 24.44 35.07 -34.88
C MET B 44 23.55 35.71 -33.82
N VAL B 45 24.16 36.60 -33.04
CA VAL B 45 23.45 37.26 -31.96
C VAL B 45 22.42 38.23 -32.52
N GLY B 46 21.19 38.12 -32.05
CA GLY B 46 20.09 38.87 -32.60
C GLY B 46 19.22 38.02 -33.49
N MET B 47 18.37 38.71 -34.25
CA MET B 47 17.50 38.12 -35.28
C MET B 47 16.53 37.09 -34.71
N GLY B 48 16.01 37.37 -33.52
CA GLY B 48 15.01 36.52 -32.89
C GLY B 48 15.56 35.37 -32.07
N GLN B 49 16.38 35.68 -31.07
CA GLN B 49 16.96 34.67 -30.19
C GLN B 49 16.68 35.04 -28.75
N LYS B 50 16.03 34.14 -28.02
CA LYS B 50 15.65 34.39 -26.64
C LYS B 50 16.44 33.48 -25.71
N ASP B 51 16.42 33.83 -24.42
CA ASP B 51 17.23 33.13 -23.44
C ASP B 51 16.72 31.73 -23.16
N SER B 52 15.42 31.52 -23.28
CA SER B 52 14.80 30.25 -22.96
C SER B 52 13.44 30.18 -23.64
N TYR B 53 13.08 28.98 -24.05
CA TYR B 53 11.90 28.73 -24.85
C TYR B 53 10.95 27.85 -24.06
N VAL B 54 9.65 28.07 -24.22
CA VAL B 54 8.64 27.35 -23.45
C VAL B 54 7.60 26.74 -24.40
N GLY B 55 7.22 25.52 -24.12
CA GLY B 55 6.07 24.95 -24.78
C GLY B 55 6.38 24.41 -26.15
N ASP B 56 5.59 24.83 -27.15
CA ASP B 56 5.75 24.30 -28.49
C ASP B 56 6.98 24.85 -29.19
N GLU B 57 7.38 26.08 -28.89
CA GLU B 57 8.57 26.62 -29.51
C GLU B 57 9.84 26.04 -28.92
N ALA B 58 9.77 25.42 -27.75
CA ALA B 58 10.86 24.62 -27.24
C ALA B 58 10.78 23.19 -27.70
N GLN B 59 9.78 22.85 -28.50
CA GLN B 59 9.63 21.52 -29.04
C GLN B 59 10.12 21.45 -30.47
N SER B 60 9.85 22.49 -31.26
CA SER B 60 10.31 22.56 -32.63
C SER B 60 11.77 22.97 -32.73
N LYS B 61 12.30 23.65 -31.72
CA LYS B 61 13.68 24.09 -31.72
C LYS B 61 14.54 23.22 -30.82
N ARG B 62 14.13 21.98 -30.59
CA ARG B 62 14.71 21.19 -29.53
C ARG B 62 16.04 20.56 -29.89
N GLY B 63 16.52 20.76 -31.12
CA GLY B 63 17.82 20.22 -31.46
C GLY B 63 18.95 20.94 -30.76
N ILE B 64 18.74 22.21 -30.43
CA ILE B 64 19.76 23.05 -29.83
C ILE B 64 19.45 23.36 -28.38
N LEU B 65 18.47 22.69 -27.80
CA LEU B 65 18.03 23.01 -26.45
C LEU B 65 18.25 21.83 -25.53
N THR B 66 18.42 22.12 -24.24
CA THR B 66 18.33 21.11 -23.21
C THR B 66 17.02 21.30 -22.48
N LEU B 67 16.16 20.29 -22.54
CA LEU B 67 14.76 20.44 -22.18
C LEU B 67 14.53 19.93 -20.76
N LYS B 68 13.94 20.79 -19.94
CA LYS B 68 13.70 20.49 -18.54
C LYS B 68 12.21 20.50 -18.29
N TYR B 69 11.68 19.40 -17.79
CA TYR B 69 10.32 19.39 -17.28
C TYR B 69 10.33 19.91 -15.86
N PRO B 70 9.58 20.96 -15.55
CA PRO B 70 9.60 21.49 -14.19
C PRO B 70 8.76 20.73 -13.20
N ILE B 71 7.90 19.81 -13.65
CA ILE B 71 7.06 19.02 -12.76
C ILE B 71 7.52 17.59 -12.83
N GLU B 72 8.07 17.08 -11.74
CA GLU B 72 8.71 15.78 -11.73
C GLU B 72 7.72 14.64 -11.56
N HIC B 73 7.21 14.46 -10.35
CA HIC B 73 6.29 13.40 -10.11
C HIC B 73 5.05 14.05 -9.55
O HIC B 73 4.59 13.79 -8.45
CB HIC B 73 6.75 12.34 -9.11
CG HIC B 73 7.80 11.49 -9.67
ND1 HIC B 73 7.63 10.61 -10.74
CD2 HIC B 73 9.13 11.43 -9.21
CE1 HIC B 73 8.82 10.02 -10.93
NE2 HIC B 73 9.78 10.49 -10.01
CZ HIC B 73 11.14 10.12 -9.90
N GLY B 74 4.52 14.96 -10.33
CA GLY B 74 3.39 15.76 -9.91
C GLY B 74 3.79 16.90 -9.00
N ILE B 75 5.07 16.97 -8.68
CA ILE B 75 5.61 17.91 -7.71
C ILE B 75 6.40 18.95 -8.46
N ILE B 76 6.00 20.21 -8.34
CA ILE B 76 6.69 21.29 -9.02
C ILE B 76 8.02 21.52 -8.32
N THR B 77 9.11 21.23 -9.01
CA THR B 77 10.44 21.35 -8.43
C THR B 77 11.10 22.68 -8.73
N ASN B 78 10.95 23.18 -9.95
CA ASN B 78 11.62 24.40 -10.39
C ASN B 78 10.56 25.49 -10.47
N TRP B 79 10.42 26.26 -9.40
CA TRP B 79 9.39 27.28 -9.34
C TRP B 79 9.67 28.48 -10.22
N ASP B 80 10.90 28.65 -10.68
CA ASP B 80 11.18 29.74 -11.60
C ASP B 80 10.67 29.44 -12.99
N ASP B 81 10.75 28.18 -13.41
CA ASP B 81 10.32 27.79 -14.74
C ASP B 81 8.86 27.40 -14.80
N MET B 82 8.26 27.03 -13.68
CA MET B 82 6.82 26.82 -13.68
C MET B 82 6.08 28.13 -13.81
N GLU B 83 6.67 29.20 -13.29
CA GLU B 83 6.14 30.55 -13.47
C GLU B 83 6.20 30.97 -14.93
N LYS B 84 7.17 30.46 -15.67
CA LYS B 84 7.29 30.78 -17.08
C LYS B 84 6.27 30.05 -17.94
N ILE B 85 5.81 28.89 -17.47
CA ILE B 85 4.82 28.16 -18.24
C ILE B 85 3.45 28.78 -18.05
N TRP B 86 3.14 29.21 -16.84
CA TRP B 86 1.90 29.93 -16.61
C TRP B 86 1.88 31.27 -17.29
N HIS B 87 3.04 31.92 -17.40
CA HIS B 87 3.12 33.18 -18.12
C HIS B 87 2.91 32.96 -19.60
N HIS B 88 3.44 31.87 -20.14
CA HIS B 88 3.19 31.52 -21.51
C HIS B 88 1.77 31.01 -21.73
N THR B 89 1.13 30.52 -20.68
CA THR B 89 -0.22 30.00 -20.82
C THR B 89 -1.22 31.14 -20.96
N PHE B 90 -1.11 32.14 -20.11
CA PHE B 90 -2.11 33.20 -20.07
C PHE B 90 -1.93 34.17 -21.21
N TYR B 91 -0.76 34.79 -21.29
CA TYR B 91 -0.55 35.84 -22.27
C TYR B 91 -0.30 35.27 -23.65
N ASN B 92 0.49 34.22 -23.73
CA ASN B 92 1.06 33.81 -25.01
C ASN B 92 0.34 32.66 -25.68
N GLU B 93 -0.69 32.09 -25.07
CA GLU B 93 -1.51 31.17 -25.87
C GLU B 93 -3.00 31.29 -25.63
N LEU B 94 -3.47 31.78 -24.48
CA LEU B 94 -4.87 32.13 -24.37
C LEU B 94 -5.14 33.59 -24.68
N ARG B 95 -4.08 34.41 -24.71
CA ARG B 95 -4.13 35.86 -24.96
C ARG B 95 -5.04 36.56 -23.96
N VAL B 96 -5.05 36.07 -22.73
CA VAL B 96 -6.06 36.49 -21.78
C VAL B 96 -5.39 37.23 -20.63
N ALA B 97 -6.10 38.17 -20.06
CA ALA B 97 -5.59 38.80 -18.86
C ALA B 97 -5.93 37.94 -17.65
N PRO B 98 -4.99 37.77 -16.72
CA PRO B 98 -5.29 36.96 -15.53
C PRO B 98 -6.21 37.65 -14.55
N GLU B 99 -6.25 38.98 -14.57
CA GLU B 99 -6.85 39.75 -13.48
C GLU B 99 -8.37 39.81 -13.56
N GLU B 100 -8.97 39.34 -14.64
CA GLU B 100 -10.41 39.42 -14.81
C GLU B 100 -11.02 38.04 -14.99
N HIS B 101 -10.35 37.02 -14.53
CA HIS B 101 -10.80 35.64 -14.68
C HIS B 101 -10.36 34.85 -13.47
N PRO B 102 -11.28 34.25 -12.72
CA PRO B 102 -10.85 33.32 -11.68
C PRO B 102 -10.37 32.03 -12.32
N THR B 103 -9.26 31.51 -11.79
CA THR B 103 -8.62 30.35 -12.38
C THR B 103 -8.88 29.11 -11.53
N LEU B 104 -8.89 27.95 -12.16
CA LEU B 104 -9.11 26.70 -11.44
C LEU B 104 -7.91 25.81 -11.72
N LEU B 105 -6.95 25.82 -10.82
CA LEU B 105 -5.85 24.88 -10.93
C LEU B 105 -6.30 23.51 -10.45
N THR B 106 -5.52 22.50 -10.80
CA THR B 106 -5.70 21.16 -10.25
C THR B 106 -4.36 20.70 -9.69
N GLU B 107 -4.39 19.55 -9.03
CA GLU B 107 -3.17 18.85 -8.66
C GLU B 107 -3.50 17.40 -8.35
N ALA B 108 -2.47 16.59 -8.27
CA ALA B 108 -2.61 15.22 -7.85
C ALA B 108 -2.86 15.16 -6.35
N PRO B 109 -3.51 14.10 -5.86
CA PRO B 109 -3.63 13.92 -4.41
C PRO B 109 -2.32 13.49 -3.80
N LEU B 110 -2.23 13.68 -2.48
CA LEU B 110 -1.09 13.35 -1.65
C LEU B 110 0.19 14.05 -2.09
N ASN B 111 0.08 15.24 -2.66
CA ASN B 111 1.26 16.04 -2.94
C ASN B 111 1.77 16.66 -1.64
N PRO B 112 2.99 17.19 -1.64
CA PRO B 112 3.43 17.98 -0.50
C PRO B 112 2.57 19.22 -0.31
N LYS B 113 2.45 19.64 0.94
CA LYS B 113 1.65 20.82 1.26
C LYS B 113 2.31 22.09 0.78
N ALA B 114 3.63 22.10 0.61
CA ALA B 114 4.31 23.25 0.06
C ALA B 114 3.98 23.48 -1.40
N ASN B 115 3.48 22.46 -2.09
CA ASN B 115 3.13 22.63 -3.49
C ASN B 115 1.88 23.49 -3.63
N ARG B 116 0.87 23.26 -2.78
CA ARG B 116 -0.35 24.05 -2.87
C ARG B 116 -0.13 25.47 -2.39
N GLU B 117 0.77 25.66 -1.42
CA GLU B 117 1.00 26.98 -0.87
C GLU B 117 1.69 27.88 -1.88
N LYS B 118 2.56 27.32 -2.71
CA LYS B 118 3.27 28.15 -3.67
C LYS B 118 2.45 28.41 -4.92
N MET B 119 1.58 27.48 -5.31
CA MET B 119 0.69 27.73 -6.44
C MET B 119 -0.29 28.84 -6.13
N THR B 120 -0.77 28.92 -4.90
CA THR B 120 -1.68 29.99 -4.53
C THR B 120 -0.96 31.31 -4.37
N GLN B 121 0.27 31.28 -3.88
CA GLN B 121 1.00 32.52 -3.65
C GLN B 121 1.39 33.16 -4.97
N ILE B 122 1.78 32.35 -5.94
CA ILE B 122 2.13 32.87 -7.26
C ILE B 122 0.89 33.41 -7.96
N MET B 123 -0.25 32.75 -7.78
CA MET B 123 -1.46 33.30 -8.39
C MET B 123 -1.96 34.57 -7.71
N PHE B 124 -1.47 34.91 -6.52
CA PHE B 124 -2.01 36.05 -5.79
C PHE B 124 -1.06 37.22 -5.67
N GLU B 125 0.15 37.15 -6.20
CA GLU B 125 0.86 38.39 -6.49
C GLU B 125 1.55 38.43 -7.84
N THR B 126 1.89 37.29 -8.45
CA THR B 126 2.53 37.36 -9.75
C THR B 126 1.50 37.61 -10.84
N PHE B 127 0.36 36.94 -10.79
CA PHE B 127 -0.65 37.15 -11.80
C PHE B 127 -1.83 37.98 -11.32
N ASN B 128 -2.09 38.00 -10.01
CA ASN B 128 -3.18 38.75 -9.38
C ASN B 128 -4.53 38.37 -9.96
N VAL B 129 -4.88 37.10 -9.80
CA VAL B 129 -6.19 36.60 -10.21
C VAL B 129 -7.19 37.09 -9.18
N PRO B 130 -8.48 37.17 -9.48
CA PRO B 130 -9.45 37.52 -8.44
C PRO B 130 -9.56 36.45 -7.37
N ALA B 131 -9.84 35.24 -7.83
CA ALA B 131 -10.02 34.11 -6.94
C ALA B 131 -9.51 32.87 -7.64
N MET B 132 -9.30 31.81 -6.86
CA MET B 132 -8.79 30.59 -7.42
C MET B 132 -9.30 29.43 -6.60
N TYR B 133 -9.01 28.23 -7.09
CA TYR B 133 -9.45 27.01 -6.44
C TYR B 133 -8.60 25.88 -6.97
N VAL B 134 -8.04 25.10 -6.07
CA VAL B 134 -7.19 23.98 -6.43
C VAL B 134 -7.99 22.71 -6.21
N ALA B 135 -8.37 22.04 -7.28
CA ALA B 135 -9.19 20.85 -7.19
C ALA B 135 -8.30 19.62 -7.08
N ILE B 136 -8.87 18.44 -7.23
CA ILE B 136 -8.14 17.18 -7.27
C ILE B 136 -8.41 16.56 -8.63
N GLN B 137 -7.38 16.02 -9.26
CA GLN B 137 -7.48 15.60 -10.64
C GLN B 137 -8.38 14.38 -10.81
N ALA B 138 -8.45 13.51 -9.82
CA ALA B 138 -9.20 12.29 -10.04
C ALA B 138 -10.68 12.45 -9.82
N VAL B 139 -11.09 13.36 -8.94
CA VAL B 139 -12.51 13.56 -8.73
C VAL B 139 -13.13 14.39 -9.83
N LEU B 140 -12.32 15.12 -10.61
CA LEU B 140 -12.82 15.77 -11.80
C LEU B 140 -12.93 14.80 -12.96
N SER B 141 -12.30 13.63 -12.87
CA SER B 141 -12.43 12.63 -13.90
C SER B 141 -13.75 11.90 -13.81
N LEU B 142 -14.28 11.71 -12.61
CA LEU B 142 -15.65 11.22 -12.49
C LEU B 142 -16.64 12.27 -12.92
N TYR B 143 -16.38 13.51 -12.54
CA TYR B 143 -17.37 14.55 -12.72
C TYR B 143 -17.46 14.97 -14.18
N ALA B 144 -16.48 14.61 -14.99
CA ALA B 144 -16.62 14.70 -16.44
C ALA B 144 -17.38 13.51 -16.99
N SER B 145 -17.26 12.36 -16.35
CA SER B 145 -17.93 11.16 -16.81
C SER B 145 -19.42 11.15 -16.49
N GLY B 146 -19.91 12.14 -15.76
CA GLY B 146 -21.31 12.16 -15.37
C GLY B 146 -21.63 11.13 -14.30
N ARG B 147 -20.72 10.94 -13.35
CA ARG B 147 -20.94 9.98 -12.27
C ARG B 147 -20.73 10.69 -10.95
N THR B 148 -21.24 10.07 -9.90
CA THR B 148 -20.91 10.46 -8.55
C THR B 148 -20.23 9.35 -7.77
N THR B 149 -20.17 8.15 -8.34
CA THR B 149 -19.60 6.99 -7.68
C THR B 149 -18.66 6.31 -8.65
N GLY B 150 -17.47 6.00 -8.20
CA GLY B 150 -16.58 5.20 -9.00
C GLY B 150 -15.17 5.33 -8.50
N ILE B 151 -14.36 4.37 -8.83
CA ILE B 151 -12.94 4.44 -8.57
C ILE B 151 -12.27 4.88 -9.86
N VAL B 152 -11.34 5.81 -9.74
CA VAL B 152 -10.68 6.41 -10.88
C VAL B 152 -9.30 5.80 -11.01
N LEU B 153 -8.84 5.58 -12.23
CA LEU B 153 -7.43 5.29 -12.45
C LEU B 153 -6.91 6.44 -13.29
N ASP B 154 -6.46 7.49 -12.63
CA ASP B 154 -5.98 8.68 -13.32
C ASP B 154 -4.49 8.51 -13.53
N SER B 155 -4.12 8.07 -14.72
CA SER B 155 -2.74 7.71 -15.02
C SER B 155 -2.18 8.79 -15.95
N GLY B 156 -1.59 9.81 -15.36
CA GLY B 156 -1.08 10.89 -16.16
C GLY B 156 0.31 10.64 -16.69
N ASP B 157 1.13 11.68 -16.73
CA ASP B 157 2.50 11.56 -17.18
C ASP B 157 3.48 11.37 -16.03
N GLY B 158 3.16 11.87 -14.84
CA GLY B 158 4.04 11.64 -13.72
C GLY B 158 3.56 10.62 -12.71
N VAL B 159 2.30 10.70 -12.32
CA VAL B 159 1.78 9.87 -11.24
C VAL B 159 0.46 9.23 -11.65
N THR B 160 0.24 8.01 -11.18
CA THR B 160 -1.05 7.36 -11.26
C THR B 160 -1.60 7.20 -9.85
N HIS B 161 -2.90 7.33 -9.72
CA HIS B 161 -3.48 7.27 -8.38
C HIS B 161 -4.92 6.84 -8.46
N ASN B 162 -5.27 5.85 -7.65
CA ASN B 162 -6.66 5.49 -7.47
C ASN B 162 -7.29 6.42 -6.45
N VAL B 163 -8.48 6.91 -6.75
CA VAL B 163 -9.26 7.64 -5.77
C VAL B 163 -10.65 7.04 -5.76
N PRO B 164 -11.05 6.34 -4.70
CA PRO B 164 -12.41 5.81 -4.65
C PRO B 164 -13.37 6.90 -4.22
N ILE B 165 -14.43 7.09 -4.99
CA ILE B 165 -15.50 7.99 -4.62
C ILE B 165 -16.77 7.17 -4.56
N TYR B 166 -17.50 7.27 -3.46
CA TYR B 166 -18.82 6.68 -3.35
C TYR B 166 -19.80 7.79 -3.07
N GLU B 167 -20.62 8.11 -4.08
CA GLU B 167 -21.74 9.04 -3.97
C GLU B 167 -21.29 10.42 -3.51
N GLY B 168 -20.19 10.88 -4.07
CA GLY B 168 -19.69 12.19 -3.74
C GLY B 168 -18.98 12.28 -2.42
N TYR B 169 -18.56 11.15 -1.85
CA TYR B 169 -17.86 11.11 -0.57
C TYR B 169 -16.53 10.44 -0.76
N ALA B 170 -15.46 11.20 -0.60
CA ALA B 170 -14.13 10.67 -0.85
C ALA B 170 -13.65 9.86 0.34
N LEU B 171 -12.93 8.77 0.04
CA LEU B 171 -12.42 7.86 1.05
C LEU B 171 -10.91 8.01 1.05
N PRO B 172 -10.36 8.97 1.80
CA PRO B 172 -8.95 9.31 1.63
C PRO B 172 -7.99 8.29 2.20
N HIS B 173 -8.47 7.37 3.03
CA HIS B 173 -7.61 6.30 3.48
C HIS B 173 -7.39 5.23 2.42
N ALA B 174 -8.13 5.27 1.33
CA ALA B 174 -8.02 4.27 0.28
C ALA B 174 -7.43 4.82 -1.01
N ILE B 175 -6.89 6.03 -0.98
CA ILE B 175 -6.21 6.58 -2.15
C ILE B 175 -4.85 5.92 -2.28
N MET B 176 -4.54 5.42 -3.47
CA MET B 176 -3.31 4.68 -3.70
C MET B 176 -2.50 5.40 -4.77
N ARG B 177 -1.67 6.35 -4.36
CA ARG B 177 -0.80 7.04 -5.30
C ARG B 177 0.40 6.20 -5.67
N LEU B 178 0.70 6.15 -6.96
CA LEU B 178 1.81 5.39 -7.49
C LEU B 178 2.68 6.31 -8.34
N ASP B 179 3.95 5.95 -8.50
CA ASP B 179 4.90 6.84 -9.16
C ASP B 179 5.45 6.21 -10.43
N LEU B 180 4.57 5.71 -11.27
CA LEU B 180 4.94 5.01 -12.49
C LEU B 180 4.00 5.47 -13.59
N ALA B 181 4.49 6.28 -14.51
CA ALA B 181 3.62 6.81 -15.55
C ALA B 181 4.45 7.05 -16.81
N GLY B 182 3.95 7.89 -17.69
CA GLY B 182 4.47 8.05 -19.04
C GLY B 182 5.90 8.53 -19.14
N ARG B 183 6.46 9.10 -18.08
CA ARG B 183 7.90 9.31 -18.09
C ARG B 183 8.64 8.01 -17.86
N ASP B 184 8.18 7.23 -16.91
CA ASP B 184 8.86 6.00 -16.56
C ASP B 184 8.63 4.89 -17.54
N LEU B 185 7.66 5.04 -18.44
CA LEU B 185 7.52 4.15 -19.56
C LEU B 185 8.37 4.60 -20.73
N THR B 186 8.56 5.91 -20.89
CA THR B 186 9.46 6.41 -21.90
C THR B 186 10.90 6.04 -21.59
N ASP B 187 11.30 6.23 -20.34
CA ASP B 187 12.68 5.96 -19.95
C ASP B 187 12.98 4.48 -19.89
N TYR B 188 11.95 3.64 -19.83
CA TYR B 188 12.18 2.21 -19.99
C TYR B 188 12.22 1.83 -21.45
N LEU B 189 11.44 2.50 -22.29
CA LEU B 189 11.47 2.23 -23.71
C LEU B 189 12.78 2.67 -24.33
N MET B 190 13.38 3.75 -23.82
CA MET B 190 14.71 4.10 -24.28
C MET B 190 15.74 3.07 -23.87
N LYS B 191 15.50 2.38 -22.76
CA LYS B 191 16.46 1.42 -22.27
C LYS B 191 16.43 0.14 -23.08
N ILE B 192 15.29 -0.20 -23.66
CA ILE B 192 15.14 -1.45 -24.38
C ILE B 192 15.04 -1.28 -25.88
N LEU B 193 15.07 -0.04 -26.37
CA LEU B 193 15.41 0.14 -27.78
C LEU B 193 16.89 0.03 -28.00
N THR B 194 17.68 0.09 -26.92
CA THR B 194 19.12 -0.05 -27.03
C THR B 194 19.51 -1.48 -27.40
N GLU B 195 18.73 -2.46 -26.97
CA GLU B 195 19.06 -3.84 -27.32
C GLU B 195 18.81 -4.17 -28.78
N ARG B 196 18.10 -3.32 -29.51
CA ARG B 196 18.05 -3.45 -30.96
C ARG B 196 19.13 -2.64 -31.63
N GLY B 197 19.67 -1.63 -30.95
CA GLY B 197 20.81 -0.91 -31.46
C GLY B 197 20.70 0.58 -31.27
N TYR B 198 19.48 1.06 -31.05
CA TYR B 198 19.21 2.48 -31.15
C TYR B 198 19.55 3.15 -29.84
N SER B 199 20.62 3.92 -29.81
CA SER B 199 20.98 4.66 -28.60
C SER B 199 20.29 6.02 -28.64
N PHE B 200 19.32 6.20 -27.76
CA PHE B 200 18.55 7.42 -27.66
C PHE B 200 18.82 8.01 -26.28
N VAL B 201 19.67 9.01 -26.22
CA VAL B 201 20.34 9.42 -25.00
C VAL B 201 19.88 10.80 -24.53
N THR B 202 19.83 11.76 -25.44
CA THR B 202 19.62 13.15 -25.04
C THR B 202 18.18 13.38 -24.61
N THR B 203 17.93 14.55 -24.04
CA THR B 203 16.57 14.92 -23.68
C THR B 203 15.76 15.37 -24.88
N ALA B 204 16.41 15.64 -26.01
CA ALA B 204 15.68 15.83 -27.25
C ALA B 204 15.36 14.51 -27.90
N GLU B 205 15.95 13.42 -27.44
CA GLU B 205 15.62 12.10 -27.93
C GLU B 205 14.59 11.40 -27.07
N ARG B 206 14.38 11.81 -25.83
CA ARG B 206 13.21 11.31 -25.13
C ARG B 206 11.94 11.97 -25.63
N GLU B 207 12.05 13.08 -26.34
CA GLU B 207 10.89 13.64 -27.02
C GLU B 207 10.53 12.86 -28.26
N ILE B 208 11.46 12.04 -28.76
CA ILE B 208 11.21 11.21 -29.92
C ILE B 208 10.70 9.84 -29.51
N VAL B 209 11.25 9.30 -28.42
CA VAL B 209 10.80 8.01 -27.92
C VAL B 209 9.41 8.13 -27.30
N ARG B 210 9.06 9.32 -26.81
CA ARG B 210 7.70 9.56 -26.39
C ARG B 210 6.72 9.47 -27.56
N ASP B 211 7.16 9.86 -28.75
CA ASP B 211 6.32 9.73 -29.92
C ASP B 211 6.33 8.33 -30.51
N ILE B 212 7.39 7.55 -30.29
CA ILE B 212 7.38 6.15 -30.66
C ILE B 212 6.37 5.40 -29.81
N LYS B 213 6.25 5.80 -28.54
CA LYS B 213 5.34 5.13 -27.63
C LYS B 213 3.89 5.45 -27.95
N GLU B 214 3.62 6.65 -28.42
CA GLU B 214 2.25 7.06 -28.73
C GLU B 214 1.77 6.57 -30.08
N LYS B 215 2.54 5.78 -30.78
CA LYS B 215 2.14 5.30 -32.10
C LYS B 215 2.18 3.79 -32.22
N LEU B 216 3.14 3.15 -31.58
CA LEU B 216 3.42 1.75 -31.88
C LEU B 216 3.31 0.82 -30.69
N CYS B 217 3.01 1.33 -29.50
CA CYS B 217 2.93 0.51 -28.31
C CYS B 217 1.48 0.19 -28.00
N TYR B 218 1.22 -1.08 -27.71
CA TYR B 218 -0.09 -1.53 -27.29
C TYR B 218 0.09 -2.40 -26.06
N VAL B 219 -1.01 -2.76 -25.41
CA VAL B 219 -0.98 -3.62 -24.25
C VAL B 219 -1.35 -5.02 -24.67
N ALA B 220 -0.49 -5.99 -24.36
CA ALA B 220 -0.79 -7.37 -24.66
C ALA B 220 -1.90 -7.87 -23.75
N LEU B 221 -2.82 -8.65 -24.33
CA LEU B 221 -3.85 -9.25 -23.49
C LEU B 221 -3.26 -10.38 -22.66
N ASP B 222 -2.41 -11.20 -23.25
CA ASP B 222 -1.67 -12.24 -22.55
C ASP B 222 -0.20 -12.02 -22.86
N PHE B 223 0.59 -11.68 -21.83
CA PHE B 223 1.97 -11.27 -22.07
C PHE B 223 2.85 -12.45 -22.44
N GLU B 224 2.74 -13.56 -21.71
CA GLU B 224 3.57 -14.71 -22.02
C GLU B 224 3.13 -15.43 -23.28
N ASN B 225 1.95 -15.14 -23.78
CA ASN B 225 1.55 -15.66 -25.08
C ASN B 225 2.14 -14.80 -26.19
N GLU B 226 2.21 -13.49 -25.98
CA GLU B 226 2.80 -12.60 -26.98
C GLU B 226 4.32 -12.73 -27.05
N MET B 227 4.96 -13.23 -25.99
CA MET B 227 6.39 -13.50 -26.10
C MET B 227 6.68 -14.71 -26.96
N ALA B 228 5.69 -15.57 -27.19
CA ALA B 228 5.84 -16.65 -28.14
C ALA B 228 5.60 -16.19 -29.57
N THR B 229 4.82 -15.13 -29.75
CA THR B 229 4.61 -14.56 -31.08
C THR B 229 5.88 -13.87 -31.58
N ALA B 230 6.64 -13.27 -30.68
CA ALA B 230 7.93 -12.69 -31.06
C ALA B 230 8.98 -13.74 -31.40
N ALA B 231 8.75 -15.01 -31.06
CA ALA B 231 9.62 -16.07 -31.55
C ALA B 231 9.37 -16.33 -33.03
N SER B 232 8.11 -16.25 -33.46
CA SER B 232 7.77 -16.33 -34.89
C SER B 232 7.56 -14.91 -35.42
N SER B 233 8.67 -14.18 -35.53
CA SER B 233 8.65 -12.73 -35.62
C SER B 233 8.11 -12.23 -36.96
N SER B 234 6.80 -12.30 -37.15
CA SER B 234 6.23 -12.11 -38.48
C SER B 234 5.38 -10.85 -38.59
N SER B 235 4.26 -10.78 -37.87
CA SER B 235 3.32 -9.68 -38.01
C SER B 235 3.41 -8.71 -36.86
N LEU B 236 4.41 -8.87 -36.00
CA LEU B 236 4.53 -8.09 -34.79
C LEU B 236 5.31 -6.81 -35.03
N GLU B 237 6.33 -6.87 -35.87
CA GLU B 237 7.20 -5.72 -36.10
C GLU B 237 6.52 -4.66 -36.94
N LYS B 238 6.70 -3.42 -36.56
CA LYS B 238 6.30 -2.28 -37.37
C LYS B 238 7.45 -1.29 -37.41
N SER B 239 7.41 -0.40 -38.39
CA SER B 239 8.49 0.53 -38.61
C SER B 239 8.05 1.95 -38.29
N TYR B 240 9.00 2.74 -37.82
CA TYR B 240 8.78 4.14 -37.50
C TYR B 240 9.92 4.94 -38.10
N GLU B 241 9.60 6.13 -38.61
CA GLU B 241 10.58 6.97 -39.29
C GLU B 241 11.00 8.12 -38.38
N LEU B 242 12.29 8.17 -38.07
CA LEU B 242 12.87 9.18 -37.21
C LEU B 242 12.84 10.55 -37.90
N PRO B 243 13.06 11.64 -37.17
CA PRO B 243 13.08 12.96 -37.81
C PRO B 243 14.27 13.23 -38.72
N ASP B 244 15.28 12.37 -38.74
CA ASP B 244 16.32 12.54 -39.75
C ASP B 244 15.95 11.83 -41.04
N GLY B 245 15.33 10.65 -40.93
CA GLY B 245 14.94 9.90 -42.10
C GLY B 245 15.21 8.42 -41.93
N GLN B 246 15.86 8.05 -40.85
CA GLN B 246 16.13 6.66 -40.60
C GLN B 246 14.86 5.94 -40.18
N VAL B 247 14.87 4.62 -40.32
CA VAL B 247 13.77 3.78 -39.87
C VAL B 247 14.26 2.91 -38.73
N ILE B 248 13.37 2.66 -37.78
CA ILE B 248 13.63 1.70 -36.72
C ILE B 248 12.60 0.59 -36.85
N THR B 249 12.97 -0.61 -36.46
CA THR B 249 12.10 -1.76 -36.60
C THR B 249 11.84 -2.29 -35.21
N ILE B 250 10.84 -1.75 -34.55
CA ILE B 250 10.53 -2.13 -33.18
C ILE B 250 9.75 -3.44 -33.17
N GLY B 251 10.13 -4.35 -32.30
CA GLY B 251 9.57 -5.68 -32.33
C GLY B 251 8.72 -6.02 -31.13
N ASN B 252 9.26 -6.81 -30.21
CA ASN B 252 8.53 -7.10 -28.99
C ASN B 252 8.61 -5.96 -27.99
N GLU B 253 9.30 -4.87 -28.29
CA GLU B 253 9.28 -3.70 -27.44
C GLU B 253 7.99 -2.92 -27.57
N ARG B 254 7.08 -3.32 -28.46
CA ARG B 254 5.81 -2.64 -28.56
C ARG B 254 4.94 -2.91 -27.36
N PHE B 255 4.80 -4.17 -26.97
CA PHE B 255 3.99 -4.51 -25.82
C PHE B 255 4.79 -4.65 -24.54
N ARG B 256 6.09 -4.83 -24.63
CA ARG B 256 6.87 -4.99 -23.41
C ARG B 256 7.07 -3.67 -22.69
N CYS B 257 6.79 -2.56 -23.34
CA CYS B 257 6.82 -1.28 -22.65
C CYS B 257 5.57 -1.03 -21.82
N PRO B 258 4.32 -1.19 -22.30
CA PRO B 258 3.19 -1.00 -21.38
C PRO B 258 2.91 -2.17 -20.47
N GLU B 259 3.70 -3.24 -20.53
CA GLU B 259 3.61 -4.29 -19.53
C GLU B 259 4.10 -3.81 -18.17
N THR B 260 4.96 -2.79 -18.16
CA THR B 260 5.51 -2.24 -16.93
C THR B 260 4.44 -1.60 -16.05
N LEU B 261 3.34 -1.15 -16.63
CA LEU B 261 2.19 -0.76 -15.82
C LEU B 261 1.63 -1.93 -15.04
N PHE B 262 1.72 -3.14 -15.59
CA PHE B 262 1.14 -4.31 -14.96
C PHE B 262 2.16 -5.15 -14.23
N GLN B 263 3.44 -4.98 -14.52
CA GLN B 263 4.50 -5.62 -13.76
C GLN B 263 5.59 -4.60 -13.53
N PRO B 264 5.52 -3.81 -12.45
CA PRO B 264 6.50 -2.73 -12.25
C PRO B 264 7.88 -3.20 -11.87
N SER B 265 8.11 -4.49 -11.73
CA SER B 265 9.44 -5.00 -11.42
C SER B 265 10.36 -4.98 -12.63
N PHE B 266 9.86 -4.67 -13.82
CA PHE B 266 10.74 -4.49 -14.96
C PHE B 266 11.60 -3.24 -14.81
N ILE B 267 11.05 -2.18 -14.25
CA ILE B 267 11.87 -1.01 -13.93
C ILE B 267 12.28 -1.06 -12.48
N GLY B 268 12.14 -2.22 -11.86
CA GLY B 268 12.68 -2.44 -10.53
C GLY B 268 11.96 -1.70 -9.42
N MET B 269 10.63 -1.68 -9.42
CA MET B 269 9.87 -1.09 -8.35
C MET B 269 9.36 -2.17 -7.42
N GLU B 270 9.32 -1.86 -6.13
CA GLU B 270 8.61 -2.69 -5.19
C GLU B 270 7.23 -2.09 -4.96
N SER B 271 6.42 -2.19 -6.01
CA SER B 271 5.02 -1.84 -5.90
C SER B 271 4.29 -2.75 -6.86
N ALA B 272 2.97 -2.74 -6.74
CA ALA B 272 2.16 -3.63 -7.53
C ALA B 272 1.70 -2.95 -8.80
N GLY B 273 1.18 -3.74 -9.72
CA GLY B 273 0.68 -3.21 -10.97
C GLY B 273 -0.59 -2.42 -10.75
N ILE B 274 -1.07 -1.81 -11.83
CA ILE B 274 -2.28 -1.01 -11.71
C ILE B 274 -3.53 -1.84 -11.57
N HIS B 275 -3.45 -3.14 -11.79
CA HIS B 275 -4.58 -4.01 -11.52
C HIS B 275 -4.67 -4.38 -10.04
N GLU B 276 -3.54 -4.54 -9.37
CA GLU B 276 -3.56 -4.80 -7.94
C GLU B 276 -3.63 -3.54 -7.13
N THR B 277 -3.18 -2.42 -7.66
CA THR B 277 -3.35 -1.16 -6.96
C THR B 277 -4.81 -0.72 -6.99
N THR B 278 -5.54 -1.05 -8.04
CA THR B 278 -6.97 -0.77 -8.08
C THR B 278 -7.73 -1.70 -7.15
N TYR B 279 -7.40 -2.98 -7.17
CA TYR B 279 -8.07 -3.94 -6.32
C TYR B 279 -7.74 -3.75 -4.84
N ASN B 280 -6.52 -3.34 -4.52
CA ASN B 280 -6.25 -2.98 -3.13
C ASN B 280 -6.84 -1.65 -2.74
N SER B 281 -7.26 -0.84 -3.68
CA SER B 281 -7.94 0.39 -3.33
C SER B 281 -9.43 0.20 -3.21
N ILE B 282 -9.92 -1.01 -3.45
CA ILE B 282 -11.30 -1.36 -3.26
C ILE B 282 -11.49 -2.21 -2.02
N MET B 283 -10.54 -3.11 -1.76
CA MET B 283 -10.57 -3.88 -0.51
C MET B 283 -10.39 -2.99 0.71
N LYS B 284 -9.68 -1.89 0.57
CA LYS B 284 -9.55 -0.98 1.69
C LYS B 284 -10.78 -0.14 1.92
N CYS B 285 -11.75 -0.18 1.02
CA CYS B 285 -13.02 0.49 1.22
C CYS B 285 -13.97 -0.38 2.05
N ASP B 286 -15.13 0.16 2.35
CA ASP B 286 -16.14 -0.54 3.13
C ASP B 286 -16.79 -1.61 2.27
N ILE B 287 -17.25 -2.68 2.93
CA ILE B 287 -17.76 -3.87 2.24
C ILE B 287 -19.09 -3.61 1.53
N ASP B 288 -19.80 -2.54 1.86
CA ASP B 288 -21.03 -2.22 1.16
C ASP B 288 -20.74 -1.72 -0.24
N ILE B 289 -19.77 -0.82 -0.38
CA ILE B 289 -19.66 -0.06 -1.63
C ILE B 289 -18.90 -0.76 -2.72
N ARG B 290 -18.45 -1.99 -2.51
CA ARG B 290 -17.67 -2.66 -3.53
C ARG B 290 -18.49 -3.16 -4.69
N LYS B 291 -19.81 -3.19 -4.59
CA LYS B 291 -20.63 -3.37 -5.78
C LYS B 291 -20.48 -2.18 -6.70
N ASP B 292 -20.53 -0.98 -6.15
CA ASP B 292 -20.54 0.23 -6.94
C ASP B 292 -19.16 0.73 -7.31
N LEU B 293 -18.11 0.05 -6.88
CA LEU B 293 -16.78 0.40 -7.35
C LEU B 293 -16.28 -0.57 -8.39
N TYR B 294 -16.65 -1.85 -8.29
CA TYR B 294 -16.35 -2.79 -9.36
C TYR B 294 -17.11 -2.46 -10.62
N ALA B 295 -18.30 -1.91 -10.50
CA ALA B 295 -19.11 -1.58 -11.66
C ALA B 295 -18.72 -0.25 -12.28
N ASN B 296 -17.87 0.53 -11.63
CA ASN B 296 -17.49 1.85 -12.15
C ASN B 296 -15.98 1.99 -11.99
N ASN B 297 -15.24 1.51 -12.96
CA ASN B 297 -13.80 1.71 -13.03
C ASN B 297 -13.57 2.71 -14.16
N VAL B 298 -13.26 3.94 -13.80
CA VAL B 298 -13.08 5.01 -14.76
C VAL B 298 -11.60 5.20 -14.97
N MET B 299 -11.14 5.04 -16.21
CA MET B 299 -9.79 5.42 -16.54
C MET B 299 -9.74 6.88 -16.94
N SER B 300 -8.59 7.49 -16.73
CA SER B 300 -8.42 8.88 -17.09
C SER B 300 -6.94 9.13 -17.32
N GLY B 301 -6.64 10.28 -17.89
CA GLY B 301 -5.27 10.65 -18.15
C GLY B 301 -4.72 9.98 -19.39
N GLY B 302 -3.53 10.42 -19.79
CA GLY B 302 -3.00 10.03 -21.08
C GLY B 302 -2.49 8.62 -21.16
N THR B 303 -1.96 8.08 -20.06
CA THR B 303 -1.30 6.79 -20.12
C THR B 303 -2.31 5.64 -20.11
N THR B 304 -3.59 5.93 -20.07
CA THR B 304 -4.62 4.92 -20.26
C THR B 304 -5.09 4.83 -21.70
N MET B 305 -4.35 5.42 -22.64
CA MET B 305 -4.76 5.47 -24.03
C MET B 305 -4.12 4.39 -24.87
N TYR B 306 -3.42 3.44 -24.27
CA TYR B 306 -2.85 2.37 -25.06
C TYR B 306 -3.96 1.45 -25.54
N PRO B 307 -3.88 0.94 -26.77
CA PRO B 307 -4.89 0.01 -27.26
C PRO B 307 -4.78 -1.32 -26.55
N GLY B 308 -5.84 -1.67 -25.82
CA GLY B 308 -5.91 -2.93 -25.12
C GLY B 308 -5.73 -2.85 -23.63
N ILE B 309 -5.71 -1.66 -23.04
CA ILE B 309 -5.54 -1.54 -21.60
C ILE B 309 -6.87 -1.68 -20.88
N ALA B 310 -7.98 -1.30 -21.50
CA ALA B 310 -9.28 -1.53 -20.90
C ALA B 310 -9.69 -2.99 -20.99
N ASP B 311 -9.06 -3.76 -21.87
CA ASP B 311 -9.31 -5.18 -21.96
C ASP B 311 -8.38 -5.99 -21.09
N ARG B 312 -7.26 -5.41 -20.68
CA ARG B 312 -6.29 -6.08 -19.84
C ARG B 312 -6.59 -5.85 -18.37
N MET B 313 -7.07 -4.66 -18.03
CA MET B 313 -7.51 -4.39 -16.68
C MET B 313 -8.75 -5.20 -16.33
N GLN B 314 -9.68 -5.32 -17.27
CA GLN B 314 -10.86 -6.13 -17.01
C GLN B 314 -10.51 -7.60 -16.97
N LYS B 315 -9.48 -8.02 -17.67
CA LYS B 315 -9.08 -9.41 -17.64
C LYS B 315 -8.33 -9.73 -16.35
N GLU B 316 -7.78 -8.72 -15.68
CA GLU B 316 -6.96 -8.99 -14.51
C GLU B 316 -7.60 -8.61 -13.18
N ILE B 317 -8.53 -7.67 -13.17
CA ILE B 317 -9.27 -7.46 -11.93
C ILE B 317 -10.25 -8.61 -11.73
N THR B 318 -10.77 -9.16 -12.83
CA THR B 318 -11.63 -10.34 -12.76
C THR B 318 -10.90 -11.53 -12.16
N ALA B 319 -9.59 -11.62 -12.37
CA ALA B 319 -8.81 -12.68 -11.74
C ALA B 319 -8.62 -12.46 -10.25
N LEU B 320 -8.92 -11.27 -9.73
CA LEU B 320 -8.76 -10.97 -8.32
C LEU B 320 -10.09 -10.84 -7.59
N ALA B 321 -11.03 -10.10 -8.16
CA ALA B 321 -12.35 -9.95 -7.58
C ALA B 321 -13.09 -11.28 -7.59
N PRO B 322 -14.00 -11.50 -6.64
CA PRO B 322 -14.78 -12.74 -6.67
C PRO B 322 -15.74 -12.76 -7.83
N SER B 323 -15.92 -13.94 -8.41
CA SER B 323 -16.52 -14.11 -9.72
C SER B 323 -18.01 -13.88 -9.76
N THR B 324 -18.64 -13.49 -8.66
CA THR B 324 -20.08 -13.33 -8.63
C THR B 324 -20.52 -11.93 -8.99
N MET B 325 -19.62 -11.11 -9.54
CA MET B 325 -20.02 -9.75 -9.88
C MET B 325 -19.19 -9.21 -11.04
N LYS B 326 -19.78 -8.25 -11.72
CA LYS B 326 -19.27 -7.75 -12.98
C LYS B 326 -18.26 -6.65 -12.75
N ILE B 327 -17.21 -6.66 -13.55
CA ILE B 327 -16.19 -5.63 -13.57
C ILE B 327 -16.39 -4.84 -14.83
N LYS B 328 -16.44 -3.53 -14.72
CA LYS B 328 -16.85 -2.68 -15.84
C LYS B 328 -15.87 -1.54 -15.98
N ILE B 329 -14.79 -1.75 -16.73
CA ILE B 329 -13.84 -0.69 -17.00
C ILE B 329 -14.48 0.31 -17.96
N ILE B 330 -14.58 1.55 -17.53
CA ILE B 330 -15.27 2.57 -18.31
C ILE B 330 -14.22 3.56 -18.81
N ALA B 331 -13.94 3.50 -20.11
CA ALA B 331 -12.95 4.36 -20.72
C ALA B 331 -13.58 5.18 -21.83
N PRO B 332 -13.80 6.48 -21.64
CA PRO B 332 -14.33 7.31 -22.71
C PRO B 332 -13.28 7.51 -23.80
N PRO B 333 -13.69 7.89 -25.00
CA PRO B 333 -12.68 8.17 -26.02
C PRO B 333 -11.92 9.46 -25.79
N GLU B 334 -12.52 10.43 -25.11
CA GLU B 334 -11.84 11.69 -24.80
C GLU B 334 -11.20 11.68 -23.43
N ARG B 335 -10.83 10.51 -22.91
CA ARG B 335 -10.33 10.42 -21.55
C ARG B 335 -8.94 10.99 -21.36
N LYS B 336 -8.27 11.39 -22.43
CA LYS B 336 -7.01 12.11 -22.28
C LYS B 336 -7.25 13.53 -21.77
N TYR B 337 -8.40 14.11 -22.08
CA TYR B 337 -8.73 15.46 -21.65
C TYR B 337 -9.75 15.48 -20.53
N SER B 338 -10.05 14.33 -19.93
CA SER B 338 -11.20 14.21 -19.04
C SER B 338 -11.02 14.96 -17.74
N VAL B 339 -9.79 15.25 -17.34
CA VAL B 339 -9.62 16.06 -16.15
C VAL B 339 -9.95 17.50 -16.45
N TRP B 340 -9.68 17.96 -17.66
CA TRP B 340 -9.99 19.34 -17.99
C TRP B 340 -11.49 19.54 -18.16
N ILE B 341 -12.17 18.55 -18.75
CA ILE B 341 -13.60 18.68 -19.03
C ILE B 341 -14.39 18.78 -17.74
N GLY B 342 -14.06 17.93 -16.76
CA GLY B 342 -14.73 18.00 -15.48
C GLY B 342 -14.43 19.27 -14.72
N GLY B 343 -13.25 19.85 -14.93
CA GLY B 343 -12.98 21.13 -14.34
C GLY B 343 -13.73 22.26 -15.02
N SER B 344 -13.94 22.15 -16.32
CA SER B 344 -14.70 23.17 -17.04
C SER B 344 -16.18 23.08 -16.70
N ILE B 345 -16.65 21.89 -16.37
CA ILE B 345 -18.02 21.76 -15.88
C ILE B 345 -18.14 22.35 -14.49
N LEU B 346 -17.16 22.06 -13.63
CA LEU B 346 -17.20 22.50 -12.23
C LEU B 346 -17.17 24.01 -12.10
N ALA B 347 -16.34 24.67 -12.89
CA ALA B 347 -16.31 26.12 -12.81
C ALA B 347 -17.52 26.76 -13.48
N SER B 348 -18.29 26.00 -14.24
CA SER B 348 -19.51 26.50 -14.84
C SER B 348 -20.74 26.25 -13.99
N LEU B 349 -20.60 25.59 -12.84
CA LEU B 349 -21.75 25.40 -11.96
C LEU B 349 -22.17 26.68 -11.27
N SER B 350 -23.40 26.65 -10.78
CA SER B 350 -23.96 27.72 -9.98
C SER B 350 -23.88 27.44 -8.49
N THR B 351 -23.66 26.19 -8.11
CA THR B 351 -23.48 25.84 -6.72
C THR B 351 -22.02 25.86 -6.30
N PHE B 352 -21.22 26.66 -6.97
CA PHE B 352 -19.77 26.62 -6.82
C PHE B 352 -19.14 27.95 -6.51
N GLN B 353 -19.82 29.06 -6.76
CA GLN B 353 -19.18 30.37 -6.68
C GLN B 353 -18.90 30.82 -5.26
N GLN B 354 -19.39 30.11 -4.26
CA GLN B 354 -18.93 30.35 -2.90
C GLN B 354 -17.69 29.55 -2.55
N MET B 355 -17.25 28.66 -3.42
CA MET B 355 -16.11 27.81 -3.14
C MET B 355 -14.80 28.38 -3.66
N TRP B 356 -14.83 29.51 -4.37
CA TRP B 356 -13.60 30.14 -4.81
C TRP B 356 -12.85 30.72 -3.63
N ILE B 357 -11.54 30.86 -3.79
CA ILE B 357 -10.75 31.40 -2.70
C ILE B 357 -10.34 32.80 -3.08
N THR B 358 -11.12 33.78 -2.63
CA THR B 358 -10.91 35.15 -3.06
C THR B 358 -9.68 35.75 -2.37
N LYS B 359 -9.17 36.82 -2.99
CA LYS B 359 -7.90 37.39 -2.55
C LYS B 359 -8.03 38.10 -1.21
N GLN B 360 -9.15 38.77 -0.98
CA GLN B 360 -9.38 39.40 0.32
C GLN B 360 -9.58 38.39 1.43
N GLU B 361 -9.97 37.16 1.09
CA GLU B 361 -10.01 36.07 2.05
C GLU B 361 -8.64 35.44 2.19
N TYR B 362 -7.82 35.56 1.15
CA TYR B 362 -6.47 35.00 1.17
C TYR B 362 -5.55 35.79 2.09
N ASP B 363 -5.43 37.09 1.84
CA ASP B 363 -4.36 37.87 2.42
C ASP B 363 -4.55 38.11 3.91
N GLU B 364 -5.79 38.08 4.39
CA GLU B 364 -6.01 38.20 5.82
C GLU B 364 -5.83 36.88 6.54
N ALA B 365 -5.86 35.77 5.80
CA ALA B 365 -5.70 34.44 6.40
C ALA B 365 -4.38 33.77 6.05
N GLY B 366 -3.78 34.09 4.92
CA GLY B 366 -2.48 33.58 4.56
C GLY B 366 -2.54 32.48 3.52
N PRO B 367 -1.36 31.98 3.11
CA PRO B 367 -1.33 30.91 2.11
C PRO B 367 -1.73 29.55 2.66
N SER B 368 -1.87 29.41 3.97
CA SER B 368 -2.30 28.15 4.58
C SER B 368 -3.81 27.97 4.54
N ILE B 369 -4.54 28.86 3.86
CA ILE B 369 -5.99 28.72 3.78
C ILE B 369 -6.39 27.62 2.82
N VAL B 370 -5.53 27.27 1.85
CA VAL B 370 -5.95 26.42 0.74
C VAL B 370 -6.13 24.98 1.17
N HIS B 371 -5.57 24.58 2.30
CA HIS B 371 -5.65 23.18 2.68
C HIS B 371 -6.95 22.87 3.39
N ARG B 372 -7.51 23.83 4.12
CA ARG B 372 -8.79 23.63 4.76
C ARG B 372 -9.97 23.92 3.84
N LYS B 373 -9.73 23.96 2.54
CA LYS B 373 -10.77 24.16 1.55
C LYS B 373 -10.89 23.01 0.57
N CYS B 374 -10.12 21.94 0.75
CA CYS B 374 -10.18 20.79 -0.11
C CYS B 374 -10.43 19.55 0.73
N PHE B 375 -10.77 18.45 0.07
CA PHE B 375 -11.34 17.24 0.70
C PHE B 375 -12.52 17.49 1.62
N GLU C 4 15.36 -33.00 31.17
CA GLU C 4 14.42 -31.89 31.32
C GLU C 4 14.71 -31.03 32.54
N THR C 5 15.01 -29.77 32.30
CA THR C 5 15.14 -28.77 33.35
C THR C 5 14.24 -27.57 33.11
N THR C 6 14.11 -27.12 31.86
CA THR C 6 13.51 -25.82 31.59
C THR C 6 12.64 -25.93 30.34
N ALA C 7 11.89 -24.85 30.08
CA ALA C 7 10.88 -24.81 29.05
C ALA C 7 11.08 -23.57 28.19
N LEU C 8 10.59 -23.65 26.96
CA LEU C 8 10.72 -22.56 26.01
C LEU C 8 9.48 -21.67 26.06
N VAL C 9 9.69 -20.37 26.05
CA VAL C 9 8.61 -19.41 26.09
C VAL C 9 8.73 -18.54 24.85
N CYS C 10 7.84 -18.75 23.89
CA CYS C 10 7.91 -18.07 22.59
C CYS C 10 6.70 -17.14 22.44
N ASP C 11 6.95 -15.85 22.45
CA ASP C 11 5.90 -14.86 22.18
C ASP C 11 6.04 -14.43 20.72
N ASN C 12 5.52 -15.27 19.83
CA ASN C 12 5.51 -14.95 18.40
C ASN C 12 4.46 -13.88 18.13
N GLY C 13 4.86 -12.63 18.35
CA GLY C 13 4.00 -11.52 18.05
C GLY C 13 3.92 -11.27 16.57
N SER C 14 3.13 -10.28 16.21
CA SER C 14 2.93 -9.97 14.81
C SER C 14 4.07 -9.17 14.22
N GLY C 15 4.85 -8.48 15.04
CA GLY C 15 5.86 -7.61 14.49
C GLY C 15 7.25 -7.88 15.00
N LEU C 16 7.36 -8.82 15.92
CA LEU C 16 8.60 -9.05 16.64
C LEU C 16 8.52 -10.39 17.37
N VAL C 17 9.50 -11.25 17.20
CA VAL C 17 9.52 -12.53 17.90
C VAL C 17 10.32 -12.37 19.17
N LYS C 18 9.74 -12.78 20.29
CA LYS C 18 10.37 -12.69 21.60
C LYS C 18 10.37 -14.08 22.20
N ALA C 19 11.53 -14.71 22.26
CA ALA C 19 11.64 -16.07 22.78
C ALA C 19 12.74 -16.13 23.80
N GLY C 20 12.84 -17.29 24.46
CA GLY C 20 13.82 -17.46 25.52
C GLY C 20 13.55 -18.75 26.26
N PHE C 21 14.03 -18.80 27.49
CA PHE C 21 13.79 -19.95 28.36
C PHE C 21 12.93 -19.53 29.54
N ALA C 22 12.26 -20.51 30.13
CA ALA C 22 11.45 -20.26 31.30
C ALA C 22 12.32 -20.00 32.52
N GLY C 23 11.81 -19.17 33.42
CA GLY C 23 12.50 -18.87 34.64
C GLY C 23 13.42 -17.67 34.57
N ASP C 24 13.63 -17.10 33.39
CA ASP C 24 14.52 -15.97 33.23
C ASP C 24 13.77 -14.68 33.54
N ASP C 25 14.38 -13.55 33.23
CA ASP C 25 13.73 -12.26 33.38
C ASP C 25 13.69 -11.43 32.12
N ALA C 26 14.54 -11.70 31.14
CA ALA C 26 14.56 -10.99 29.89
C ALA C 26 14.70 -12.03 28.78
N PRO C 27 14.02 -11.82 27.66
CA PRO C 27 14.11 -12.80 26.57
C PRO C 27 15.46 -12.73 25.89
N ARG C 28 15.92 -13.89 25.42
CA ARG C 28 17.19 -13.92 24.71
C ARG C 28 17.02 -13.51 23.26
N ALA C 29 16.19 -14.24 22.52
CA ALA C 29 16.07 -14.05 21.08
C ALA C 29 14.97 -13.05 20.77
N VAL C 30 15.36 -11.80 20.55
CA VAL C 30 14.42 -10.77 20.13
C VAL C 30 14.81 -10.33 18.74
N PHE C 31 13.96 -10.61 17.77
CA PHE C 31 14.24 -10.32 16.38
C PHE C 31 12.92 -10.17 15.67
N PRO C 32 12.82 -9.35 14.63
CA PRO C 32 11.55 -9.18 13.95
C PRO C 32 11.17 -10.41 13.15
N SER C 33 9.86 -10.61 13.04
CA SER C 33 9.32 -11.75 12.32
C SER C 33 9.13 -11.35 10.87
N ILE C 34 10.24 -11.32 10.15
CA ILE C 34 10.26 -10.90 8.76
C ILE C 34 10.89 -12.00 7.95
N VAL C 35 10.27 -12.37 6.84
CA VAL C 35 10.89 -13.25 5.86
C VAL C 35 11.02 -12.47 4.57
N GLY C 36 12.24 -12.31 4.08
CA GLY C 36 12.47 -11.59 2.85
C GLY C 36 13.04 -12.44 1.74
N ARG C 37 12.47 -12.39 0.61
CA ARG C 37 13.12 -13.00 -0.54
C ARG C 37 13.84 -11.95 -1.36
N PRO C 38 14.97 -12.29 -1.97
CA PRO C 38 15.66 -11.32 -2.82
C PRO C 38 14.89 -11.08 -4.11
N ARG C 39 14.79 -9.82 -4.49
CA ARG C 39 13.96 -9.45 -5.62
C ARG C 39 14.78 -9.05 -6.84
N HIS C 40 16.10 -9.07 -6.74
CA HIS C 40 16.98 -8.67 -7.82
C HIS C 40 17.67 -9.88 -8.42
N GLN C 41 18.65 -9.62 -9.27
CA GLN C 41 19.07 -10.59 -10.27
C GLN C 41 19.99 -11.66 -9.69
N GLY C 42 21.03 -11.25 -8.98
CA GLY C 42 21.93 -12.25 -8.42
C GLY C 42 22.99 -12.78 -9.37
N VAL C 43 23.92 -11.92 -9.75
CA VAL C 43 24.93 -12.32 -10.72
C VAL C 43 25.98 -13.23 -10.09
N MET C 44 26.46 -12.89 -8.89
CA MET C 44 27.55 -13.64 -8.28
C MET C 44 26.96 -14.80 -7.48
N VAL C 45 26.59 -15.86 -8.20
CA VAL C 45 25.89 -16.98 -7.61
C VAL C 45 26.84 -17.79 -6.74
N GLY C 46 26.58 -17.81 -5.45
CA GLY C 46 27.44 -18.45 -4.48
C GLY C 46 27.94 -17.42 -3.48
N MET C 47 28.94 -17.85 -2.71
CA MET C 47 29.67 -17.01 -1.74
C MET C 47 28.74 -16.44 -0.67
N GLY C 48 27.80 -17.26 -0.21
CA GLY C 48 26.90 -16.87 0.87
C GLY C 48 25.59 -16.25 0.42
N GLN C 49 24.87 -16.94 -0.45
CA GLN C 49 23.58 -16.46 -0.92
C GLN C 49 22.53 -17.53 -0.68
N LYS C 50 21.40 -17.13 -0.11
CA LYS C 50 20.34 -18.06 0.23
C LYS C 50 19.02 -17.60 -0.39
N ASP C 51 18.07 -18.53 -0.44
CA ASP C 51 16.82 -18.30 -1.13
C ASP C 51 15.93 -17.29 -0.42
N SER C 52 16.08 -17.18 0.90
CA SER C 52 15.25 -16.32 1.72
C SER C 52 15.91 -16.11 3.06
N TYR C 53 15.78 -14.91 3.60
CA TYR C 53 16.43 -14.51 4.83
C TYR C 53 15.36 -14.28 5.88
N VAL C 54 15.70 -14.52 7.15
CA VAL C 54 14.74 -14.42 8.24
C VAL C 54 15.33 -13.59 9.36
N GLY C 55 14.49 -12.77 9.96
CA GLY C 55 14.87 -12.13 11.22
C GLY C 55 15.78 -10.96 11.02
N ASP C 56 16.91 -10.96 11.72
CA ASP C 56 17.82 -9.82 11.68
C ASP C 56 18.60 -9.77 10.37
N GLU C 57 18.92 -10.92 9.81
CA GLU C 57 19.66 -10.94 8.56
C GLU C 57 18.79 -10.57 7.38
N ALA C 58 17.48 -10.64 7.52
CA ALA C 58 16.58 -10.04 6.54
C ALA C 58 16.35 -8.58 6.81
N GLN C 59 16.76 -8.09 7.97
CA GLN C 59 16.65 -6.68 8.27
C GLN C 59 17.89 -5.93 7.80
N SER C 60 19.07 -6.54 7.92
CA SER C 60 20.30 -5.87 7.57
C SER C 60 20.57 -5.91 6.08
N LYS C 61 20.01 -6.87 5.37
CA LYS C 61 20.21 -7.00 3.94
C LYS C 61 18.98 -6.53 3.17
N ARG C 62 18.23 -5.61 3.73
CA ARG C 62 16.87 -5.38 3.26
C ARG C 62 16.79 -4.50 2.04
N GLY C 63 17.90 -3.99 1.53
CA GLY C 63 17.83 -3.17 0.34
C GLY C 63 17.52 -3.98 -0.89
N ILE C 64 17.84 -5.27 -0.87
CA ILE C 64 17.64 -6.15 -2.01
C ILE C 64 16.51 -7.11 -1.80
N LEU C 65 15.80 -7.01 -0.69
CA LEU C 65 14.78 -7.96 -0.32
C LEU C 65 13.41 -7.32 -0.45
N THR C 66 12.41 -8.17 -0.65
CA THR C 66 11.03 -7.78 -0.43
C THR C 66 10.53 -8.47 0.83
N LEU C 67 10.19 -7.67 1.82
CA LEU C 67 10.02 -8.15 3.19
C LEU C 67 8.55 -8.43 3.45
N LYS C 68 8.26 -9.64 3.90
CA LYS C 68 6.91 -10.06 4.21
C LYS C 68 6.80 -10.35 5.69
N TYR C 69 5.79 -9.88 6.28
CA TYR C 69 5.43 -10.34 7.61
C TYR C 69 4.41 -11.46 7.48
N PRO C 70 4.64 -12.61 8.12
CA PRO C 70 3.67 -13.71 7.98
C PRO C 70 2.44 -13.55 8.83
N ILE C 71 2.47 -12.72 9.87
CA ILE C 71 1.35 -12.53 10.78
C ILE C 71 0.73 -11.18 10.49
N GLU C 72 -0.54 -11.17 10.13
CA GLU C 72 -1.18 -9.96 9.69
C GLU C 72 -1.83 -9.16 10.81
N HIC C 73 -2.83 -9.74 11.45
CA HIC C 73 -3.50 -9.07 12.52
C HIC C 73 -3.64 -10.06 13.63
O HIC C 73 -4.72 -10.43 14.08
CB HIC C 73 -4.90 -8.57 12.18
CG HIC C 73 -4.89 -7.42 11.27
ND1 HIC C 73 -4.33 -6.17 11.58
CD2 HIC C 73 -5.45 -7.40 9.99
CE1 HIC C 73 -4.55 -5.41 10.50
NE2 HIC C 73 -5.23 -6.12 9.49
CZ HIC C 73 -5.61 -5.64 8.22
N GLY C 74 -2.51 -10.56 14.08
CA GLY C 74 -2.48 -11.65 15.03
C GLY C 74 -2.77 -12.99 14.37
N ILE C 75 -2.95 -12.98 13.06
CA ILE C 75 -3.40 -14.13 12.30
C ILE C 75 -2.28 -14.52 11.36
N ILE C 76 -1.83 -15.76 11.48
CA ILE C 76 -0.75 -16.27 10.65
C ILE C 76 -1.32 -16.55 9.26
N THR C 77 -0.90 -15.77 8.29
CA THR C 77 -1.43 -15.86 6.94
C THR C 77 -0.48 -16.55 5.97
N ASN C 78 0.68 -17.00 6.42
CA ASN C 78 1.63 -17.66 5.54
C ASN C 78 2.29 -18.76 6.36
N TRP C 79 1.74 -19.97 6.28
CA TRP C 79 2.23 -21.06 7.11
C TRP C 79 3.56 -21.61 6.66
N ASP C 80 3.99 -21.29 5.44
CA ASP C 80 5.29 -21.73 4.99
C ASP C 80 6.40 -20.87 5.58
N ASP C 81 6.14 -19.58 5.74
CA ASP C 81 7.13 -18.67 6.29
C ASP C 81 7.09 -18.57 7.79
N MET C 82 5.94 -18.87 8.40
CA MET C 82 5.90 -18.92 9.85
C MET C 82 6.68 -20.10 10.37
N GLU C 83 6.66 -21.20 9.62
CA GLU C 83 7.46 -22.38 9.96
C GLU C 83 8.94 -22.08 9.86
N LYS C 84 9.33 -21.12 9.02
CA LYS C 84 10.71 -20.71 8.88
C LYS C 84 11.17 -19.79 9.98
N ILE C 85 10.26 -19.12 10.67
CA ILE C 85 10.65 -18.23 11.75
C ILE C 85 10.82 -19.01 13.04
N TRP C 86 9.99 -20.03 13.25
CA TRP C 86 10.20 -20.94 14.37
C TRP C 86 11.46 -21.76 14.17
N HIS C 87 11.76 -22.11 12.92
CA HIS C 87 12.98 -22.84 12.65
C HIS C 87 14.21 -21.96 12.89
N HIS C 88 14.10 -20.68 12.59
CA HIS C 88 15.20 -19.77 12.87
C HIS C 88 15.31 -19.50 14.36
N THR C 89 14.22 -19.63 15.09
CA THR C 89 14.21 -19.32 16.51
C THR C 89 14.89 -20.40 17.31
N PHE C 90 14.52 -21.65 17.06
CA PHE C 90 15.00 -22.75 17.87
C PHE C 90 16.46 -23.06 17.56
N TYR C 91 16.77 -23.23 16.29
CA TYR C 91 18.10 -23.67 15.92
C TYR C 91 19.07 -22.51 15.84
N ASN C 92 18.67 -21.44 15.18
CA ASN C 92 19.60 -20.40 14.77
C ASN C 92 19.66 -19.22 15.70
N GLU C 93 18.87 -19.18 16.77
CA GLU C 93 19.16 -18.15 17.78
C GLU C 93 19.05 -18.62 19.22
N LEU C 94 18.30 -19.67 19.53
CA LEU C 94 18.40 -20.25 20.87
C LEU C 94 19.38 -21.40 20.94
N ARG C 95 19.78 -21.94 19.77
CA ARG C 95 20.76 -23.04 19.65
C ARG C 95 20.29 -24.28 20.41
N VAL C 96 18.99 -24.52 20.39
CA VAL C 96 18.42 -25.51 21.29
C VAL C 96 17.65 -26.53 20.46
N ALA C 97 17.60 -27.75 20.96
CA ALA C 97 16.76 -28.71 20.30
C ALA C 97 15.31 -28.50 20.71
N PRO C 98 14.36 -28.69 19.80
CA PRO C 98 12.96 -28.57 20.20
C PRO C 98 12.49 -29.75 21.03
N GLU C 99 13.13 -30.89 20.86
CA GLU C 99 12.56 -32.16 21.32
C GLU C 99 12.73 -32.41 22.80
N GLU C 100 13.55 -31.62 23.49
CA GLU C 100 13.82 -31.82 24.90
C GLU C 100 13.40 -30.61 25.72
N HIS C 101 12.44 -29.87 25.22
CA HIS C 101 11.92 -28.69 25.89
C HIS C 101 10.45 -28.51 25.55
N PRO C 102 9.58 -28.43 26.55
CA PRO C 102 8.20 -28.06 26.25
C PRO C 102 8.12 -26.57 25.96
N THR C 103 7.31 -26.22 24.97
CA THR C 103 7.20 -24.83 24.56
C THR C 103 5.89 -24.23 25.04
N LEU C 104 5.85 -22.92 25.11
CA LEU C 104 4.65 -22.21 25.53
C LEU C 104 4.42 -21.11 24.51
N LEU C 105 3.61 -21.40 23.52
CA LEU C 105 3.25 -20.37 22.55
C LEU C 105 2.18 -19.48 23.16
N THR C 106 1.97 -18.33 22.56
CA THR C 106 0.88 -17.45 22.94
C THR C 106 0.09 -17.07 21.70
N GLU C 107 -1.03 -16.41 21.92
CA GLU C 107 -1.78 -15.78 20.83
C GLU C 107 -2.67 -14.71 21.41
N ALA C 108 -3.17 -13.86 20.54
CA ALA C 108 -4.15 -12.87 20.92
C ALA C 108 -5.50 -13.55 21.12
N PRO C 109 -6.41 -12.94 21.90
CA PRO C 109 -7.76 -13.49 21.97
C PRO C 109 -8.54 -13.24 20.70
N LEU C 110 -9.63 -14.00 20.57
CA LEU C 110 -10.58 -13.92 19.45
C LEU C 110 -9.94 -14.19 18.10
N ASN C 111 -8.89 -15.00 18.05
CA ASN C 111 -8.32 -15.41 16.78
C ASN C 111 -9.20 -16.49 16.16
N PRO C 112 -9.02 -16.76 14.86
CA PRO C 112 -9.66 -17.93 14.29
C PRO C 112 -9.19 -19.23 14.93
N LYS C 113 -10.08 -20.21 14.93
CA LYS C 113 -9.76 -21.50 15.51
C LYS C 113 -8.74 -22.26 14.70
N ALA C 114 -8.64 -21.97 13.40
CA ALA C 114 -7.64 -22.61 12.57
C ALA C 114 -6.23 -22.13 12.89
N ASN C 115 -6.09 -21.00 13.58
CA ASN C 115 -4.76 -20.53 13.93
C ASN C 115 -4.18 -21.37 15.05
N ARG C 116 -5.00 -21.78 16.02
CA ARG C 116 -4.47 -22.60 17.11
C ARG C 116 -4.19 -24.01 16.65
N GLU C 117 -5.03 -24.53 15.76
CA GLU C 117 -4.90 -25.92 15.33
C GLU C 117 -3.64 -26.13 14.51
N LYS C 118 -3.28 -25.15 13.69
CA LYS C 118 -2.09 -25.29 12.89
C LYS C 118 -0.81 -25.02 13.67
N MET C 119 -0.87 -24.21 14.71
CA MET C 119 0.31 -24.02 15.54
C MET C 119 0.62 -25.26 16.35
N THR C 120 -0.42 -25.97 16.79
CA THR C 120 -0.20 -27.21 17.51
C THR C 120 0.20 -28.34 16.58
N GLN C 121 -0.28 -28.29 15.35
CA GLN C 121 0.06 -29.35 14.40
C GLN C 121 1.52 -29.24 13.98
N ILE C 122 2.01 -28.01 13.80
CA ILE C 122 3.41 -27.81 13.46
C ILE C 122 4.31 -28.19 14.62
N MET C 123 3.91 -27.86 15.84
CA MET C 123 4.75 -28.22 16.97
C MET C 123 4.72 -29.71 17.29
N PHE C 124 3.85 -30.50 16.65
CA PHE C 124 3.76 -31.91 16.95
C PHE C 124 4.10 -32.84 15.79
N GLU C 125 4.50 -32.32 14.63
CA GLU C 125 5.30 -33.12 13.74
C GLU C 125 6.49 -32.41 13.12
N THR C 126 6.47 -31.09 13.00
CA THR C 126 7.62 -30.43 12.39
C THR C 126 8.77 -30.30 13.37
N PHE C 127 8.49 -29.89 14.60
CA PHE C 127 9.54 -29.75 15.59
C PHE C 127 9.54 -30.84 16.65
N ASN C 128 8.41 -31.50 16.87
CA ASN C 128 8.26 -32.63 17.79
C ASN C 128 8.66 -32.26 19.23
N VAL C 129 7.91 -31.32 19.80
CA VAL C 129 8.13 -30.92 21.18
C VAL C 129 7.50 -31.99 22.06
N PRO C 130 7.89 -32.11 23.33
CA PRO C 130 7.17 -33.03 24.22
C PRO C 130 5.74 -32.60 24.46
N ALA C 131 5.58 -31.37 24.94
CA ALA C 131 4.29 -30.84 25.28
C ALA C 131 4.29 -29.37 24.98
N MET C 132 3.11 -28.81 24.78
CA MET C 132 3.01 -27.39 24.47
C MET C 132 1.79 -26.83 25.17
N TYR C 133 1.67 -25.51 25.08
CA TYR C 133 0.54 -24.83 25.70
C TYR C 133 0.39 -23.48 25.03
N VAL C 134 -0.78 -23.20 24.49
CA VAL C 134 -1.06 -21.92 23.87
C VAL C 134 -1.77 -21.06 24.89
N ALA C 135 -1.16 -19.97 25.30
CA ALA C 135 -1.73 -19.11 26.30
C ALA C 135 -2.46 -17.95 25.65
N ILE C 136 -2.88 -16.98 26.46
CA ILE C 136 -3.46 -15.73 25.98
C ILE C 136 -2.52 -14.60 26.36
N GLN C 137 -2.28 -13.69 25.43
CA GLN C 137 -1.23 -12.69 25.64
C GLN C 137 -1.59 -11.67 26.70
N ALA C 138 -2.87 -11.34 26.85
CA ALA C 138 -3.19 -10.28 27.78
C ALA C 138 -3.27 -10.77 29.22
N VAL C 139 -3.58 -12.04 29.43
CA VAL C 139 -3.66 -12.54 30.79
C VAL C 139 -2.28 -12.82 31.36
N LEU C 140 -1.25 -12.89 30.52
CA LEU C 140 0.12 -12.96 30.98
C LEU C 140 0.69 -11.59 31.22
N SER C 141 0.04 -10.54 30.74
CA SER C 141 0.47 -9.19 31.05
C SER C 141 0.09 -8.79 32.47
N LEU C 142 -1.03 -9.29 32.99
CA LEU C 142 -1.29 -9.14 34.41
C LEU C 142 -0.32 -9.96 35.22
N TYR C 143 -0.08 -11.19 34.78
CA TYR C 143 0.64 -12.13 35.61
C TYR C 143 2.13 -11.85 35.66
N ALA C 144 2.62 -11.00 34.76
CA ALA C 144 3.95 -10.42 34.94
C ALA C 144 3.92 -9.28 35.93
N SER C 145 2.83 -8.54 35.98
CA SER C 145 2.72 -7.38 36.84
C SER C 145 2.48 -7.74 38.29
N GLY C 146 2.30 -9.01 38.61
CA GLY C 146 2.03 -9.42 39.97
C GLY C 146 0.63 -9.06 40.42
N ARG C 147 -0.34 -9.16 39.51
CA ARG C 147 -1.72 -8.85 39.82
C ARG C 147 -2.57 -10.05 39.50
N THR C 148 -3.75 -10.08 40.11
CA THR C 148 -4.77 -11.02 39.72
C THR C 148 -6.05 -10.34 39.28
N THR C 149 -6.15 -9.03 39.46
CA THR C 149 -7.31 -8.26 39.04
C THR C 149 -6.83 -7.07 38.24
N GLY C 150 -7.40 -6.87 37.07
CA GLY C 150 -7.11 -5.68 36.30
C GLY C 150 -7.62 -5.85 34.90
N ILE C 151 -7.64 -4.73 34.19
CA ILE C 151 -7.91 -4.73 32.76
C ILE C 151 -6.60 -4.41 32.06
N VAL C 152 -6.37 -5.07 30.94
CA VAL C 152 -5.14 -4.95 30.19
C VAL C 152 -5.43 -4.17 28.93
N LEU C 153 -4.53 -3.28 28.55
CA LEU C 153 -4.54 -2.73 27.21
C LEU C 153 -3.29 -3.25 26.53
N ASP C 154 -3.41 -4.41 25.93
CA ASP C 154 -2.26 -5.05 25.28
C ASP C 154 -2.24 -4.58 23.84
N SER C 155 -1.37 -3.65 23.55
CA SER C 155 -1.31 -3.01 22.24
C SER C 155 -0.03 -3.45 21.56
N GLY C 156 -0.09 -4.55 20.84
CA GLY C 156 1.11 -5.03 20.19
C GLY C 156 1.37 -4.35 18.87
N ASP C 157 1.80 -5.12 17.87
CA ASP C 157 2.05 -4.58 16.54
C ASP C 157 0.90 -4.85 15.59
N GLY C 158 0.14 -5.91 15.79
CA GLY C 158 -0.98 -6.16 14.93
C GLY C 158 -2.32 -5.74 15.50
N VAL C 159 -2.61 -6.13 16.74
CA VAL C 159 -3.92 -5.92 17.34
C VAL C 159 -3.77 -5.31 18.71
N THR C 160 -4.78 -4.56 19.12
CA THR C 160 -4.96 -4.18 20.52
C THR C 160 -6.21 -4.84 21.03
N HIS C 161 -6.20 -5.20 22.31
CA HIS C 161 -7.35 -5.88 22.87
C HIS C 161 -7.38 -5.68 24.37
N ASN C 162 -8.54 -5.32 24.87
CA ASN C 162 -8.80 -5.25 26.30
C ASN C 162 -9.26 -6.60 26.82
N VAL C 163 -8.69 -7.00 27.95
CA VAL C 163 -9.17 -8.19 28.64
C VAL C 163 -9.42 -7.82 30.11
N PRO C 164 -10.65 -7.81 30.58
CA PRO C 164 -10.87 -7.62 32.01
C PRO C 164 -10.70 -8.93 32.73
N ILE C 165 -10.00 -8.88 33.85
CA ILE C 165 -9.92 -10.01 34.76
C ILE C 165 -10.18 -9.51 36.16
N TYR C 166 -11.14 -10.13 36.83
CA TYR C 166 -11.36 -9.89 38.24
C TYR C 166 -11.02 -11.16 38.99
N GLU C 167 -9.89 -11.13 39.70
CA GLU C 167 -9.45 -12.19 40.62
C GLU C 167 -9.30 -13.53 39.92
N GLY C 168 -8.66 -13.51 38.77
CA GLY C 168 -8.37 -14.72 38.04
C GLY C 168 -9.49 -15.25 37.19
N TYR C 169 -10.60 -14.54 37.08
CA TYR C 169 -11.72 -14.98 36.28
C TYR C 169 -11.85 -14.07 35.07
N ALA C 170 -11.63 -14.62 33.90
CA ALA C 170 -11.76 -13.85 32.68
C ALA C 170 -13.22 -13.62 32.38
N LEU C 171 -13.53 -12.44 31.89
CA LEU C 171 -14.90 -12.10 31.54
C LEU C 171 -14.98 -11.99 30.03
N PRO C 172 -15.13 -13.10 29.31
CA PRO C 172 -14.85 -13.11 27.88
C PRO C 172 -15.90 -12.42 27.04
N HIS C 173 -17.03 -12.04 27.60
CA HIS C 173 -17.99 -11.22 26.88
C HIS C 173 -17.59 -9.76 26.86
N ALA C 174 -16.56 -9.38 27.60
CA ALA C 174 -16.09 -8.01 27.66
C ALA C 174 -14.73 -7.82 27.01
N ILE C 175 -14.27 -8.80 26.25
CA ILE C 175 -13.02 -8.70 25.53
C ILE C 175 -13.25 -7.88 24.26
N MET C 176 -12.45 -6.84 24.08
CA MET C 176 -12.66 -5.86 23.02
C MET C 176 -11.43 -5.87 22.11
N ARG C 177 -11.41 -6.74 21.13
CA ARG C 177 -10.30 -6.76 20.18
C ARG C 177 -10.46 -5.65 19.15
N LEU C 178 -9.36 -4.98 18.86
CA LEU C 178 -9.31 -3.91 17.87
C LEU C 178 -8.19 -4.20 16.89
N ASP C 179 -8.26 -3.61 15.70
CA ASP C 179 -7.31 -3.91 14.64
C ASP C 179 -6.53 -2.68 14.24
N LEU C 180 -5.98 -1.99 15.22
CA LEU C 180 -5.27 -0.73 15.02
C LEU C 180 -4.05 -0.76 15.91
N ALA C 181 -2.86 -0.94 15.33
CA ALA C 181 -1.67 -1.06 16.15
C ALA C 181 -0.49 -0.53 15.34
N GLY C 182 0.72 -0.94 15.73
CA GLY C 182 1.96 -0.38 15.23
C GLY C 182 2.23 -0.59 13.75
N ARG C 183 1.46 -1.44 13.07
CA ARG C 183 1.52 -1.43 11.61
C ARG C 183 0.66 -0.34 11.04
N ASP C 184 -0.51 -0.15 11.61
CA ASP C 184 -1.44 0.83 11.10
C ASP C 184 -1.08 2.22 11.52
N LEU C 185 -0.20 2.38 12.51
CA LEU C 185 0.35 3.68 12.79
C LEU C 185 1.55 3.98 11.92
N THR C 186 2.31 2.95 11.55
CA THR C 186 3.41 3.15 10.62
C THR C 186 2.89 3.51 9.26
N ASP C 187 1.87 2.81 8.79
CA ASP C 187 1.34 3.05 7.46
C ASP C 187 0.56 4.35 7.37
N TYR C 188 0.17 4.92 8.49
CA TYR C 188 -0.36 6.27 8.49
C TYR C 188 0.74 7.30 8.57
N LEU C 189 1.83 6.96 9.24
CA LEU C 189 2.95 7.89 9.31
C LEU C 189 3.64 8.04 7.97
N MET C 190 3.67 6.98 7.16
CA MET C 190 4.15 7.14 5.80
C MET C 190 3.24 8.02 4.99
N LYS C 191 1.95 8.02 5.29
CA LYS C 191 1.00 8.77 4.48
C LYS C 191 1.10 10.25 4.77
N ILE C 192 1.49 10.61 5.99
CA ILE C 192 1.59 12.01 6.36
C ILE C 192 3.02 12.52 6.39
N LEU C 193 4.01 11.66 6.20
CA LEU C 193 5.32 12.16 5.85
C LEU C 193 5.41 12.59 4.41
N THR C 194 4.41 12.24 3.59
CA THR C 194 4.42 12.64 2.20
C THR C 194 4.10 14.11 2.05
N GLU C 195 3.28 14.67 2.94
CA GLU C 195 2.95 16.09 2.83
C GLU C 195 4.11 17.00 3.17
N ARG C 196 5.18 16.49 3.78
CA ARG C 196 6.42 17.25 3.91
C ARG C 196 7.34 17.01 2.74
N GLY C 197 7.16 15.91 2.01
CA GLY C 197 7.87 15.72 0.78
C GLY C 197 8.46 14.33 0.60
N TYR C 198 8.45 13.53 1.65
CA TYR C 198 9.24 12.31 1.68
C TYR C 198 8.40 11.15 1.19
N SER C 199 8.77 10.56 0.07
CA SER C 199 8.08 9.41 -0.47
C SER C 199 8.75 8.15 0.08
N PHE C 200 8.04 7.44 0.94
CA PHE C 200 8.52 6.20 1.55
C PHE C 200 7.57 5.11 1.09
N VAL C 201 7.97 4.36 0.07
CA VAL C 201 7.06 3.53 -0.71
C VAL C 201 7.32 2.05 -0.47
N THR C 202 8.57 1.62 -0.54
CA THR C 202 8.88 0.21 -0.54
C THR C 202 8.67 -0.39 0.85
N THR C 203 8.63 -1.71 0.91
CA THR C 203 8.48 -2.37 2.19
C THR C 203 9.77 -2.39 2.98
N ALA C 204 10.89 -2.00 2.37
CA ALA C 204 12.10 -1.75 3.13
C ALA C 204 12.14 -0.35 3.65
N GLU C 205 11.31 0.54 3.13
CA GLU C 205 11.19 1.87 3.67
C GLU C 205 10.17 1.96 4.79
N ARG C 206 9.26 1.01 4.90
CA ARG C 206 8.44 1.00 6.11
C ARG C 206 9.23 0.52 7.32
N GLU C 207 10.37 -0.15 7.11
CA GLU C 207 11.24 -0.47 8.22
C GLU C 207 12.02 0.74 8.71
N ILE C 208 12.08 1.81 7.92
CA ILE C 208 12.71 3.05 8.33
C ILE C 208 11.72 3.97 9.02
N VAL C 209 10.49 4.01 8.52
CA VAL C 209 9.44 4.81 9.14
C VAL C 209 9.05 4.21 10.48
N ARG C 210 9.17 2.90 10.62
CA ARG C 210 8.99 2.28 11.92
C ARG C 210 10.05 2.72 12.90
N ASP C 211 11.25 3.02 12.42
CA ASP C 211 12.28 3.55 13.29
C ASP C 211 12.18 5.05 13.49
N ILE C 212 11.46 5.77 12.64
CA ILE C 212 11.17 7.16 12.94
C ILE C 212 10.13 7.23 14.03
N LYS C 213 9.18 6.29 14.01
CA LYS C 213 8.09 6.28 14.96
C LYS C 213 8.60 5.94 16.36
N GLU C 214 9.57 5.04 16.46
CA GLU C 214 10.13 4.66 17.75
C GLU C 214 11.08 5.69 18.33
N LYS C 215 11.32 6.82 17.65
CA LYS C 215 12.25 7.82 18.15
C LYS C 215 11.60 9.17 18.36
N LEU C 216 10.85 9.67 17.40
CA LEU C 216 10.43 11.06 17.43
C LEU C 216 8.96 11.25 17.74
N CYS C 217 8.20 10.19 17.93
CA CYS C 217 6.77 10.31 18.14
C CYS C 217 6.44 10.28 19.62
N TYR C 218 5.46 11.11 20.00
CA TYR C 218 4.95 11.14 21.35
C TYR C 218 3.46 11.38 21.28
N VAL C 219 2.77 11.15 22.41
CA VAL C 219 1.34 11.37 22.48
C VAL C 219 1.10 12.75 23.06
N ALA C 220 0.35 13.57 22.35
CA ALA C 220 0.01 14.89 22.85
C ALA C 220 -0.99 14.76 23.98
N LEU C 221 -0.79 15.53 25.04
CA LEU C 221 -1.74 15.53 26.15
C LEU C 221 -3.04 16.23 25.73
N ASP C 222 -2.93 17.32 24.98
CA ASP C 222 -4.06 17.98 24.37
C ASP C 222 -3.76 18.14 22.89
N PHE C 223 -4.57 17.53 22.03
CA PHE C 223 -4.25 17.48 20.62
C PHE C 223 -4.48 18.84 19.95
N GLU C 224 -5.62 19.45 20.21
CA GLU C 224 -5.90 20.75 19.59
C GLU C 224 -5.06 21.87 20.17
N ASN C 225 -4.42 21.66 21.32
CA ASN C 225 -3.52 22.65 21.84
C ASN C 225 -2.14 22.52 21.20
N GLU C 226 -1.71 21.29 20.93
CA GLU C 226 -0.45 21.08 20.23
C GLU C 226 -0.55 21.47 18.76
N MET C 227 -1.74 21.39 18.17
CA MET C 227 -1.89 21.88 16.81
C MET C 227 -1.85 23.40 16.73
N ALA C 228 -1.99 24.10 17.84
CA ALA C 228 -1.71 25.53 17.86
C ALA C 228 -0.23 25.80 18.04
N THR C 229 0.49 24.88 18.67
CA THR C 229 1.94 25.02 18.82
C THR C 229 2.64 24.86 17.47
N ALA C 230 2.08 24.02 16.59
CA ALA C 230 2.67 23.85 15.27
C ALA C 230 2.45 25.06 14.37
N ALA C 231 1.56 25.98 14.75
CA ALA C 231 1.48 27.25 14.04
C ALA C 231 2.69 28.13 14.34
N SER C 232 3.18 28.08 15.58
CA SER C 232 4.43 28.73 15.94
C SER C 232 5.56 27.69 15.93
N SER C 233 5.93 27.29 14.72
CA SER C 233 6.66 26.04 14.50
C SER C 233 8.11 26.12 14.97
N SER C 234 8.32 26.14 16.29
CA SER C 234 9.62 26.49 16.83
C SER C 234 10.30 25.33 17.57
N SER C 235 9.72 24.85 18.65
CA SER C 235 10.37 23.87 19.50
C SER C 235 9.85 22.47 19.23
N LEU C 236 9.01 22.33 18.22
CA LEU C 236 8.32 21.09 17.95
C LEU C 236 9.09 20.21 16.97
N GLU C 237 9.71 20.83 15.97
CA GLU C 237 10.42 20.08 14.95
C GLU C 237 11.70 19.47 15.48
N LYS C 238 11.93 18.21 15.16
CA LYS C 238 13.20 17.56 15.39
C LYS C 238 13.62 16.90 14.09
N SER C 239 14.89 16.53 14.02
CA SER C 239 15.46 15.99 12.80
C SER C 239 15.83 14.54 13.01
N TYR C 240 15.84 13.79 11.90
CA TYR C 240 16.22 12.40 11.91
C TYR C 240 17.07 12.13 10.69
N GLU C 241 18.13 11.37 10.86
CA GLU C 241 19.08 11.07 9.81
C GLU C 241 18.77 9.70 9.21
N LEU C 242 18.42 9.67 7.94
CA LEU C 242 18.08 8.45 7.23
C LEU C 242 19.33 7.59 7.04
N PRO C 243 19.19 6.34 6.59
CA PRO C 243 20.39 5.57 6.25
C PRO C 243 21.18 6.10 5.06
N ASP C 244 20.62 6.95 4.21
CA ASP C 244 21.44 7.60 3.20
C ASP C 244 21.96 8.95 3.65
N GLY C 245 21.78 9.31 4.91
CA GLY C 245 22.33 10.53 5.44
C GLY C 245 21.53 11.78 5.16
N GLN C 246 20.39 11.66 4.48
CA GLN C 246 19.52 12.81 4.32
C GLN C 246 18.79 13.06 5.63
N VAL C 247 18.98 14.24 6.20
CA VAL C 247 18.19 14.61 7.37
C VAL C 247 16.79 14.97 6.91
N ILE C 248 15.80 14.56 7.68
CA ILE C 248 14.42 14.97 7.43
C ILE C 248 13.95 15.78 8.62
N THR C 249 13.06 16.71 8.36
CA THR C 249 12.48 17.53 9.41
C THR C 249 11.01 17.14 9.57
N ILE C 250 10.60 16.92 10.80
CA ILE C 250 9.28 16.39 11.10
C ILE C 250 8.66 17.24 12.19
N GLY C 251 7.45 17.71 11.96
CA GLY C 251 6.88 18.70 12.83
C GLY C 251 5.69 18.20 13.61
N ASN C 252 4.49 18.52 13.15
CA ASN C 252 3.31 18.05 13.82
C ASN C 252 2.96 16.62 13.47
N GLU C 253 3.79 15.92 12.70
CA GLU C 253 3.60 14.49 12.52
C GLU C 253 4.12 13.69 13.70
N ARG C 254 4.76 14.34 14.67
CA ARG C 254 5.28 13.61 15.81
C ARG C 254 4.16 13.17 16.73
N PHE C 255 3.13 14.00 16.87
CA PHE C 255 2.01 13.64 17.71
C PHE C 255 0.75 13.29 16.93
N ARG C 256 0.68 13.64 15.67
CA ARG C 256 -0.49 13.29 14.91
C ARG C 256 -0.47 11.82 14.50
N CYS C 257 0.68 11.17 14.59
CA CYS C 257 0.73 9.74 14.37
C CYS C 257 0.22 8.93 15.57
N PRO C 258 0.59 9.17 16.84
CA PRO C 258 -0.04 8.40 17.91
C PRO C 258 -1.39 8.93 18.35
N GLU C 259 -1.87 10.02 17.76
CA GLU C 259 -3.23 10.46 17.99
C GLU C 259 -4.24 9.50 17.40
N THR C 260 -3.85 8.72 16.40
CA THR C 260 -4.73 7.76 15.77
C THR C 260 -5.13 6.62 16.71
N LEU C 261 -4.34 6.37 17.77
CA LEU C 261 -4.79 5.46 18.80
C LEU C 261 -6.01 6.00 19.55
N PHE C 262 -6.16 7.31 19.61
CA PHE C 262 -7.25 7.91 20.35
C PHE C 262 -8.35 8.44 19.46
N GLN C 263 -8.08 8.63 18.17
CA GLN C 263 -9.11 8.99 17.20
C GLN C 263 -8.88 8.18 15.94
N PRO C 264 -9.44 6.97 15.85
CA PRO C 264 -9.17 6.11 14.70
C PRO C 264 -9.83 6.56 13.41
N SER C 265 -10.57 7.65 13.41
CA SER C 265 -11.13 8.16 12.18
C SER C 265 -10.10 8.86 11.31
N PHE C 266 -8.87 9.04 11.80
CA PHE C 266 -7.82 9.56 10.94
C PHE C 266 -7.43 8.56 9.87
N ILE C 267 -7.41 7.27 10.21
CA ILE C 267 -7.16 6.26 9.18
C ILE C 267 -8.47 5.67 8.71
N GLY C 268 -9.58 6.32 9.04
CA GLY C 268 -10.87 5.92 8.54
C GLY C 268 -11.38 4.61 9.08
N MET C 269 -11.62 4.55 10.38
CA MET C 269 -12.20 3.37 11.00
C MET C 269 -13.50 3.74 11.68
N GLU C 270 -14.44 2.81 11.66
CA GLU C 270 -15.66 2.95 12.46
C GLU C 270 -15.48 2.14 13.74
N SER C 271 -14.54 2.62 14.54
CA SER C 271 -14.35 2.13 15.89
C SER C 271 -13.96 3.32 16.73
N ALA C 272 -13.82 3.11 18.02
CA ALA C 272 -13.46 4.19 18.91
C ALA C 272 -12.02 4.02 19.36
N GLY C 273 -11.49 5.06 19.98
CA GLY C 273 -10.14 5.05 20.46
C GLY C 273 -9.93 4.07 21.60
N ILE C 274 -8.68 3.97 22.02
CA ILE C 274 -8.35 3.03 23.08
C ILE C 274 -8.81 3.51 24.44
N HIS C 275 -9.24 4.76 24.56
CA HIS C 275 -9.79 5.22 25.81
C HIS C 275 -11.26 4.86 25.94
N GLU C 276 -12.00 4.81 24.83
CA GLU C 276 -13.39 4.41 24.90
C GLU C 276 -13.56 2.92 24.77
N THR C 277 -12.64 2.25 24.11
CA THR C 277 -12.65 0.80 24.10
C THR C 277 -12.34 0.24 25.47
N THR C 278 -11.46 0.89 26.23
CA THR C 278 -11.21 0.48 27.60
C THR C 278 -12.40 0.79 28.48
N TYR C 279 -13.02 1.94 28.27
CA TYR C 279 -14.20 2.29 29.06
C TYR C 279 -15.40 1.46 28.68
N ASN C 280 -15.56 1.11 27.40
CA ASN C 280 -16.63 0.18 27.05
C ASN C 280 -16.33 -1.24 27.47
N SER C 281 -15.08 -1.56 27.77
CA SER C 281 -14.82 -2.88 28.27
C SER C 281 -15.03 -2.97 29.77
N ILE C 282 -15.13 -1.84 30.44
CA ILE C 282 -15.41 -1.84 31.87
C ILE C 282 -16.90 -1.76 32.12
N MET C 283 -17.61 -0.94 31.34
CA MET C 283 -19.06 -0.89 31.48
C MET C 283 -19.76 -2.17 31.05
N LYS C 284 -19.14 -3.01 30.25
CA LYS C 284 -19.75 -4.28 29.95
C LYS C 284 -19.55 -5.32 31.05
N CYS C 285 -18.70 -5.03 32.03
CA CYS C 285 -18.53 -5.89 33.17
C CYS C 285 -19.60 -5.61 34.21
N ASP C 286 -19.63 -6.43 35.26
CA ASP C 286 -20.60 -6.27 36.33
C ASP C 286 -20.26 -5.03 37.14
N ILE C 287 -21.29 -4.42 37.73
CA ILE C 287 -21.12 -3.16 38.43
C ILE C 287 -20.34 -3.31 39.73
N ASP C 288 -20.25 -4.53 40.25
CA ASP C 288 -19.64 -4.71 41.55
C ASP C 288 -18.12 -4.81 41.43
N ILE C 289 -17.58 -4.91 40.22
CA ILE C 289 -16.14 -5.04 40.04
C ILE C 289 -15.51 -3.83 39.36
N ARG C 290 -16.27 -2.79 39.07
CA ARG C 290 -15.73 -1.68 38.30
C ARG C 290 -14.81 -0.78 39.11
N LYS C 291 -14.80 -0.90 40.44
CA LYS C 291 -13.83 -0.15 41.22
C LYS C 291 -12.45 -0.74 41.07
N ASP C 292 -12.35 -2.06 41.06
CA ASP C 292 -11.05 -2.70 40.95
C ASP C 292 -10.52 -2.70 39.53
N LEU C 293 -11.36 -2.45 38.54
CA LEU C 293 -10.85 -2.36 37.19
C LEU C 293 -10.43 -0.95 36.84
N TYR C 294 -11.09 0.07 37.39
CA TYR C 294 -10.63 1.44 37.23
C TYR C 294 -9.30 1.67 37.93
N ALA C 295 -9.04 0.96 39.00
CA ALA C 295 -7.82 1.15 39.76
C ALA C 295 -6.67 0.33 39.23
N ASN C 296 -6.89 -0.53 38.24
CA ASN C 296 -5.84 -1.38 37.69
C ASN C 296 -5.98 -1.39 36.18
N ASN C 297 -5.32 -0.45 35.52
CA ASN C 297 -5.25 -0.43 34.07
C ASN C 297 -3.82 -0.76 33.68
N VAL C 298 -3.59 -1.95 33.18
CA VAL C 298 -2.26 -2.41 32.86
C VAL C 298 -2.05 -2.25 31.36
N MET C 299 -0.93 -1.65 30.98
CA MET C 299 -0.59 -1.56 29.58
C MET C 299 0.50 -2.55 29.25
N SER C 300 0.49 -3.02 28.01
CA SER C 300 1.48 -3.98 27.59
C SER C 300 1.67 -3.83 26.09
N GLY C 301 2.69 -4.49 25.58
CA GLY C 301 2.98 -4.39 24.17
C GLY C 301 3.72 -3.11 23.83
N GLY C 302 4.32 -3.10 22.65
CA GLY C 302 5.26 -2.06 22.32
C GLY C 302 4.62 -0.73 22.00
N THR C 303 3.39 -0.75 21.54
CA THR C 303 2.74 0.48 21.12
C THR C 303 2.30 1.34 22.30
N THR C 304 2.38 0.80 23.51
CA THR C 304 2.14 1.60 24.70
C THR C 304 3.39 2.28 25.21
N MET C 305 4.43 2.39 24.39
CA MET C 305 5.70 2.96 24.81
C MET C 305 5.92 4.37 24.29
N TYR C 306 4.89 5.01 23.77
CA TYR C 306 5.06 6.41 23.40
C TYR C 306 5.14 7.26 24.66
N PRO C 307 5.98 8.28 24.68
CA PRO C 307 6.04 9.17 25.83
C PRO C 307 4.76 9.99 25.96
N GLY C 308 4.02 9.76 27.03
CA GLY C 308 2.81 10.49 27.32
C GLY C 308 1.53 9.75 27.07
N ILE C 309 1.58 8.44 26.87
CA ILE C 309 0.36 7.70 26.60
C ILE C 309 -0.31 7.25 27.89
N ALA C 310 0.44 7.07 28.97
CA ALA C 310 -0.18 6.78 30.25
C ALA C 310 -0.82 8.02 30.85
N ASP C 311 -0.36 9.20 30.46
CA ASP C 311 -0.93 10.44 30.94
C ASP C 311 -2.11 10.90 30.10
N ARG C 312 -2.32 10.30 28.95
CA ARG C 312 -3.44 10.64 28.07
C ARG C 312 -4.61 9.72 28.27
N MET C 313 -4.36 8.44 28.53
CA MET C 313 -5.43 7.53 28.93
C MET C 313 -6.03 7.92 30.26
N GLN C 314 -5.19 8.32 31.21
CA GLN C 314 -5.69 8.77 32.49
C GLN C 314 -6.40 10.12 32.38
N LYS C 315 -6.07 10.89 31.37
CA LYS C 315 -6.76 12.15 31.17
C LYS C 315 -8.08 11.96 30.44
N GLU C 316 -8.26 10.84 29.74
CA GLU C 316 -9.47 10.63 28.98
C GLU C 316 -10.40 9.56 29.54
N ILE C 317 -9.90 8.63 30.34
CA ILE C 317 -10.83 7.75 31.02
C ILE C 317 -11.49 8.49 32.17
N THR C 318 -10.75 9.41 32.81
CA THR C 318 -11.32 10.24 33.86
C THR C 318 -12.46 11.11 33.36
N ALA C 319 -12.39 11.54 32.10
CA ALA C 319 -13.49 12.28 31.51
C ALA C 319 -14.68 11.42 31.15
N LEU C 320 -14.57 10.10 31.28
CA LEU C 320 -15.67 9.19 31.04
C LEU C 320 -16.17 8.51 32.30
N ALA C 321 -15.24 7.98 33.10
CA ALA C 321 -15.57 7.38 34.38
C ALA C 321 -16.11 8.44 35.33
N PRO C 322 -17.00 8.07 36.25
CA PRO C 322 -17.53 9.06 37.19
C PRO C 322 -16.47 9.49 38.19
N SER C 323 -16.57 10.76 38.59
CA SER C 323 -15.52 11.45 39.31
C SER C 323 -15.25 10.92 40.70
N THR C 324 -16.15 10.11 41.25
CA THR C 324 -16.00 9.64 42.61
C THR C 324 -15.08 8.45 42.73
N MET C 325 -14.48 7.98 41.63
CA MET C 325 -13.62 6.81 41.68
C MET C 325 -12.41 7.03 40.81
N LYS C 326 -11.25 6.59 41.32
CA LYS C 326 -9.96 7.00 40.78
C LYS C 326 -9.50 6.08 39.67
N ILE C 327 -8.69 6.64 38.77
CA ILE C 327 -8.15 5.93 37.63
C ILE C 327 -6.65 5.81 37.85
N LYS C 328 -6.09 4.65 37.57
CA LYS C 328 -4.71 4.39 37.92
C LYS C 328 -4.07 3.60 36.77
N ILE C 329 -3.53 4.32 35.80
CA ILE C 329 -2.84 3.67 34.70
C ILE C 329 -1.52 3.11 35.18
N ILE C 330 -1.34 1.82 35.06
CA ILE C 330 -0.15 1.15 35.58
C ILE C 330 0.67 0.69 34.39
N ALA C 331 1.73 1.43 34.09
CA ALA C 331 2.60 1.09 32.98
C ALA C 331 3.98 0.76 33.52
N PRO C 332 4.38 -0.51 33.54
CA PRO C 332 5.74 -0.86 33.95
C PRO C 332 6.75 -0.37 32.94
N PRO C 333 8.00 -0.16 33.34
CA PRO C 333 8.99 0.29 32.36
C PRO C 333 9.40 -0.79 31.39
N GLU C 334 9.29 -2.06 31.75
CA GLU C 334 9.57 -3.17 30.83
C GLU C 334 8.30 -3.74 30.21
N ARG C 335 7.29 -2.91 29.99
CA ARG C 335 6.02 -3.40 29.48
C ARG C 335 6.07 -3.84 28.03
N LYS C 336 7.15 -3.55 27.32
CA LYS C 336 7.31 -4.06 25.97
C LYS C 336 7.55 -5.57 25.98
N TYR C 337 8.24 -6.08 26.98
CA TYR C 337 8.52 -7.50 27.09
C TYR C 337 7.59 -8.20 28.05
N SER C 338 6.53 -7.52 28.50
CA SER C 338 5.77 -7.98 29.65
C SER C 338 4.97 -9.23 29.37
N VAL C 339 4.61 -9.49 28.12
CA VAL C 339 3.92 -10.73 27.80
C VAL C 339 4.87 -11.91 27.95
N TRP C 340 6.14 -11.70 27.62
CA TRP C 340 7.09 -12.79 27.73
C TRP C 340 7.43 -13.10 29.17
N ILE C 341 7.55 -12.06 30.00
CA ILE C 341 7.98 -12.23 31.39
C ILE C 341 6.95 -13.02 32.16
N GLY C 342 5.66 -12.68 31.97
CA GLY C 342 4.61 -13.44 32.60
C GLY C 342 4.49 -14.84 32.05
N GLY C 343 4.91 -15.05 30.81
CA GLY C 343 4.94 -16.40 30.28
C GLY C 343 6.06 -17.21 30.88
N SER C 344 7.19 -16.58 31.15
CA SER C 344 8.32 -17.29 31.75
C SER C 344 8.06 -17.60 33.20
N ILE C 345 7.24 -16.79 33.86
CA ILE C 345 6.78 -17.11 35.20
C ILE C 345 5.85 -18.30 35.16
N LEU C 346 4.93 -18.31 34.20
CA LEU C 346 3.89 -19.34 34.12
C LEU C 346 4.46 -20.71 33.85
N ALA C 347 5.46 -20.80 32.98
CA ALA C 347 6.09 -22.09 32.74
C ALA C 347 7.06 -22.47 33.85
N SER C 348 7.31 -21.58 34.80
CA SER C 348 8.15 -21.89 35.94
C SER C 348 7.37 -22.31 37.17
N LEU C 349 6.04 -22.22 37.15
CA LEU C 349 5.24 -22.63 38.29
C LEU C 349 5.22 -24.14 38.47
N SER C 350 4.82 -24.54 39.67
CA SER C 350 4.63 -25.93 40.01
C SER C 350 3.17 -26.36 39.91
N THR C 351 2.24 -25.41 39.90
CA THR C 351 0.83 -25.70 39.74
C THR C 351 0.41 -25.68 38.28
N PHE C 352 1.33 -25.98 37.37
CA PHE C 352 1.10 -25.80 35.95
C PHE C 352 1.44 -27.03 35.13
N GLN C 353 2.18 -27.99 35.66
CA GLN C 353 2.67 -29.09 34.85
C GLN C 353 1.59 -30.09 34.47
N GLN C 354 0.42 -30.01 35.05
CA GLN C 354 -0.70 -30.79 34.53
C GLN C 354 -1.44 -30.06 33.43
N MET C 355 -1.10 -28.80 33.16
CA MET C 355 -1.80 -28.02 32.16
C MET C 355 -1.16 -28.10 30.79
N TRP C 356 -0.04 -28.80 30.64
CA TRP C 356 0.59 -28.94 29.34
C TRP C 356 -0.24 -29.85 28.45
N ILE C 357 0.03 -29.77 27.15
CA ILE C 357 -0.67 -30.62 26.21
C ILE C 357 0.34 -31.60 25.61
N THR C 358 0.44 -32.77 26.19
CA THR C 358 1.46 -33.72 25.78
C THR C 358 1.06 -34.40 24.48
N LYS C 359 2.06 -35.01 23.82
CA LYS C 359 1.85 -35.52 22.48
C LYS C 359 0.98 -36.77 22.49
N GLN C 360 1.15 -37.62 23.50
CA GLN C 360 0.30 -38.80 23.63
C GLN C 360 -1.13 -38.44 23.98
N GLU C 361 -1.34 -37.26 24.56
CA GLU C 361 -2.68 -36.73 24.77
C GLU C 361 -3.19 -36.05 23.51
N TYR C 362 -2.27 -35.58 22.66
CA TYR C 362 -2.64 -34.91 21.43
C TYR C 362 -3.17 -35.89 20.39
N ASP C 363 -2.37 -36.90 20.06
CA ASP C 363 -2.61 -37.70 18.87
C ASP C 363 -3.81 -38.61 19.00
N GLU C 364 -4.13 -39.05 20.21
CA GLU C 364 -5.34 -39.84 20.39
C GLU C 364 -6.59 -38.99 20.49
N ALA C 365 -6.46 -37.69 20.72
CA ALA C 365 -7.60 -36.80 20.82
C ALA C 365 -7.72 -35.82 19.67
N GLY C 366 -6.70 -35.70 18.83
CA GLY C 366 -6.76 -34.86 17.67
C GLY C 366 -6.24 -33.46 17.90
N PRO C 367 -6.21 -32.64 16.85
CA PRO C 367 -5.77 -31.24 17.01
C PRO C 367 -6.82 -30.33 17.61
N SER C 368 -8.04 -30.81 17.76
CA SER C 368 -9.12 -30.03 18.38
C SER C 368 -9.06 -30.03 19.89
N ILE C 369 -8.02 -30.61 20.49
CA ILE C 369 -7.91 -30.63 21.94
C ILE C 369 -7.55 -29.26 22.49
N VAL C 370 -6.90 -28.40 21.69
CA VAL C 370 -6.29 -27.19 22.21
C VAL C 370 -7.33 -26.15 22.60
N HIS C 371 -8.55 -26.26 22.10
CA HIS C 371 -9.55 -25.25 22.37
C HIS C 371 -10.27 -25.49 23.69
N ARG C 372 -10.41 -26.74 24.10
CA ARG C 372 -11.03 -27.05 25.38
C ARG C 372 -10.04 -27.04 26.53
N LYS C 373 -8.89 -26.40 26.34
CA LYS C 373 -7.88 -26.29 27.37
C LYS C 373 -7.56 -24.85 27.73
N CYS C 374 -8.26 -23.88 27.14
CA CYS C 374 -8.03 -22.48 27.43
C CYS C 374 -9.34 -21.83 27.83
N PHE C 375 -9.23 -20.62 28.40
CA PHE C 375 -10.29 -19.94 29.16
C PHE C 375 -10.93 -20.82 30.23
N GLU D 4 -62.06 13.37 9.76
CA GLU D 4 -61.62 12.18 10.47
C GLU D 4 -62.33 10.92 10.03
N THR D 5 -61.57 9.98 9.51
CA THR D 5 -62.05 8.64 9.20
C THR D 5 -61.25 7.55 9.90
N THR D 6 -59.93 7.67 9.95
CA THR D 6 -59.08 6.59 10.39
C THR D 6 -57.94 7.13 11.25
N ALA D 7 -57.25 6.21 11.92
CA ALA D 7 -56.24 6.54 12.90
C ALA D 7 -54.91 5.89 12.52
N LEU D 8 -53.83 6.48 13.01
CA LEU D 8 -52.49 6.00 12.75
C LEU D 8 -52.05 5.03 13.82
N VAL D 9 -51.36 3.97 13.43
CA VAL D 9 -50.84 2.98 14.36
C VAL D 9 -49.36 2.85 14.10
N CYS D 10 -48.54 3.29 15.05
CA CYS D 10 -47.09 3.31 14.91
C CYS D 10 -46.44 2.42 15.95
N ASP D 11 -45.98 1.23 15.54
CA ASP D 11 -45.21 0.35 16.41
C ASP D 11 -43.73 0.66 16.22
N ASN D 12 -43.29 1.72 16.89
CA ASN D 12 -41.87 2.05 16.85
C ASN D 12 -41.05 1.08 17.69
N GLY D 13 -40.64 -0.02 17.08
CA GLY D 13 -39.79 -0.96 17.76
C GLY D 13 -38.38 -0.45 17.90
N SER D 14 -37.57 -1.20 18.61
CA SER D 14 -36.17 -0.84 18.75
C SER D 14 -35.37 -1.16 17.51
N GLY D 15 -35.88 -2.02 16.64
CA GLY D 15 -35.08 -2.43 15.51
C GLY D 15 -35.75 -2.18 14.18
N LEU D 16 -37.02 -1.79 14.21
CA LEU D 16 -37.81 -1.69 13.00
C LEU D 16 -39.06 -0.89 13.29
N VAL D 17 -39.39 0.08 12.45
CA VAL D 17 -40.59 0.88 12.61
C VAL D 17 -41.66 0.31 11.70
N LYS D 18 -42.80 -0.03 12.29
CA LYS D 18 -43.92 -0.62 11.57
C LYS D 18 -45.08 0.33 11.76
N ALA D 19 -45.45 1.05 10.71
CA ALA D 19 -46.53 2.01 10.82
C ALA D 19 -47.54 1.78 9.70
N GLY D 20 -48.68 2.44 9.84
CA GLY D 20 -49.75 2.30 8.87
C GLY D 20 -51.00 2.97 9.38
N PHE D 21 -52.14 2.54 8.85
CA PHE D 21 -53.42 3.07 9.28
C PHE D 21 -54.20 2.02 10.05
N ALA D 22 -55.19 2.48 10.80
CA ALA D 22 -56.02 1.57 11.56
C ALA D 22 -56.99 0.83 10.65
N GLY D 23 -57.27 -0.41 11.00
CA GLY D 23 -58.25 -1.19 10.30
C GLY D 23 -57.71 -2.07 9.19
N ASP D 24 -56.45 -1.90 8.81
CA ASP D 24 -55.86 -2.69 7.75
C ASP D 24 -55.40 -4.04 8.32
N ASP D 25 -54.69 -4.81 7.53
CA ASP D 25 -54.13 -6.07 7.99
C ASP D 25 -52.62 -6.17 7.84
N ALA D 26 -51.99 -5.23 7.14
CA ALA D 26 -50.56 -5.22 6.96
C ALA D 26 -50.10 -3.78 7.03
N PRO D 27 -48.97 -3.51 7.66
CA PRO D 27 -48.48 -2.14 7.74
C PRO D 27 -47.88 -1.70 6.42
N ARG D 28 -48.04 -0.41 6.13
CA ARG D 28 -47.48 0.13 4.90
C ARG D 28 -46.00 0.43 5.05
N ALA D 29 -45.63 1.17 6.07
CA ALA D 29 -44.25 1.62 6.26
C ALA D 29 -43.54 0.68 7.22
N VAL D 30 -42.72 -0.21 6.68
CA VAL D 30 -41.89 -1.10 7.48
C VAL D 30 -40.45 -0.78 7.11
N PHE D 31 -39.80 0.07 7.90
CA PHE D 31 -38.45 0.51 7.62
C PHE D 31 -37.68 0.49 8.92
N PRO D 32 -36.38 0.21 8.89
CA PRO D 32 -35.61 0.15 10.13
C PRO D 32 -35.44 1.52 10.75
N SER D 33 -35.38 1.54 12.08
CA SER D 33 -35.25 2.78 12.82
C SER D 33 -33.78 3.10 12.96
N ILE D 34 -33.20 3.57 11.86
CA ILE D 34 -31.78 3.88 11.79
C ILE D 34 -31.62 5.33 11.37
N VAL D 35 -30.74 6.06 12.04
CA VAL D 35 -30.31 7.37 11.58
C VAL D 35 -28.82 7.32 11.30
N GLY D 36 -28.43 7.72 10.11
CA GLY D 36 -27.04 7.68 9.74
C GLY D 36 -26.43 9.03 9.41
N ARG D 37 -25.38 9.36 10.04
CA ARG D 37 -24.65 10.52 9.57
C ARG D 37 -23.48 10.09 8.71
N PRO D 38 -23.14 10.85 7.67
CA PRO D 38 -21.99 10.49 6.83
C PRO D 38 -20.68 10.82 7.54
N ARG D 39 -19.78 9.85 7.56
CA ARG D 39 -18.51 10.03 8.23
C ARG D 39 -17.37 10.48 7.34
N HIS D 40 -17.48 10.30 6.03
CA HIS D 40 -16.39 10.67 5.16
C HIS D 40 -16.55 12.12 4.71
N GLN D 41 -15.79 12.51 3.69
CA GLN D 41 -15.46 13.91 3.46
C GLN D 41 -16.54 14.66 2.67
N GLY D 42 -16.87 14.20 1.48
CA GLY D 42 -17.87 14.93 0.75
C GLY D 42 -17.32 15.94 -0.24
N VAL D 43 -16.51 15.49 -1.19
CA VAL D 43 -15.87 16.41 -2.12
C VAL D 43 -16.88 17.02 -3.09
N MET D 44 -17.92 16.30 -3.47
CA MET D 44 -18.87 16.79 -4.46
C MET D 44 -20.08 17.34 -3.72
N VAL D 45 -19.95 18.58 -3.24
CA VAL D 45 -20.94 19.18 -2.35
C VAL D 45 -22.18 19.57 -3.16
N GLY D 46 -23.26 18.84 -2.97
CA GLY D 46 -24.50 19.05 -3.67
C GLY D 46 -24.95 17.79 -4.34
N MET D 47 -25.91 17.94 -5.26
CA MET D 47 -26.41 16.87 -6.14
C MET D 47 -27.02 15.71 -5.34
N GLY D 48 -27.72 16.05 -4.26
CA GLY D 48 -28.40 15.06 -3.45
C GLY D 48 -27.61 14.59 -2.25
N GLN D 49 -27.11 15.53 -1.45
CA GLN D 49 -26.37 15.20 -0.25
C GLN D 49 -27.01 15.90 0.94
N LYS D 50 -27.32 15.14 1.98
CA LYS D 50 -28.00 15.68 3.15
C LYS D 50 -27.18 15.39 4.40
N ASP D 51 -27.55 16.10 5.47
CA ASP D 51 -26.80 16.02 6.72
C ASP D 51 -26.94 14.68 7.40
N SER D 52 -28.05 13.99 7.18
CA SER D 52 -28.33 12.73 7.83
C SER D 52 -29.43 12.02 7.07
N TYR D 53 -29.38 10.69 7.11
CA TYR D 53 -30.27 9.82 6.38
C TYR D 53 -31.03 8.96 7.37
N VAL D 54 -32.27 8.63 7.05
CA VAL D 54 -33.13 7.87 7.96
C VAL D 54 -33.79 6.73 7.22
N GLY D 55 -33.88 5.58 7.85
CA GLY D 55 -34.70 4.52 7.33
C GLY D 55 -34.01 3.75 6.24
N ASP D 56 -34.70 3.57 5.11
CA ASP D 56 -34.17 2.76 4.03
C ASP D 56 -33.08 3.47 3.25
N GLU D 57 -33.13 4.79 3.15
CA GLU D 57 -32.08 5.51 2.45
C GLU D 57 -30.81 5.57 3.26
N ALA D 58 -30.88 5.35 4.57
CA ALA D 58 -29.71 5.14 5.39
C ALA D 58 -29.27 3.71 5.40
N GLN D 59 -29.97 2.83 4.69
CA GLN D 59 -29.59 1.44 4.60
C GLN D 59 -28.90 1.13 3.29
N SER D 60 -29.40 1.71 2.20
CA SER D 60 -28.80 1.53 0.88
C SER D 60 -27.60 2.43 0.66
N LYS D 61 -27.30 3.33 1.60
CA LYS D 61 -26.15 4.20 1.49
C LYS D 61 -25.20 3.98 2.65
N ARG D 62 -25.24 2.81 3.26
CA ARG D 62 -24.65 2.63 4.57
C ARG D 62 -23.16 2.40 4.54
N GLY D 63 -22.53 2.38 3.37
CA GLY D 63 -21.10 2.21 3.34
C GLY D 63 -20.36 3.43 3.80
N ILE D 64 -20.98 4.59 3.69
CA ILE D 64 -20.37 5.86 4.02
C ILE D 64 -21.04 6.49 5.23
N LEU D 65 -21.80 5.72 5.99
CA LEU D 65 -22.57 6.24 7.10
C LEU D 65 -22.15 5.55 8.38
N THR D 66 -22.26 6.25 9.48
CA THR D 66 -22.23 5.63 10.79
C THR D 66 -23.66 5.55 11.30
N LEU D 67 -24.13 4.33 11.52
CA LEU D 67 -25.54 4.07 11.70
C LEU D 67 -25.85 3.94 13.18
N LYS D 68 -26.83 4.72 13.64
CA LYS D 68 -27.20 4.79 15.04
C LYS D 68 -28.65 4.40 15.19
N TYR D 69 -28.91 3.41 16.04
CA TYR D 69 -30.26 3.13 16.47
C TYR D 69 -30.59 4.01 17.65
N PRO D 70 -31.63 4.85 17.58
CA PRO D 70 -31.94 5.72 18.72
C PRO D 70 -32.70 5.05 19.84
N ILE D 71 -33.18 3.83 19.65
CA ILE D 71 -33.89 3.09 20.69
C ILE D 71 -33.00 1.94 21.11
N GLU D 72 -32.49 1.99 22.33
CA GLU D 72 -31.51 1.02 22.76
C GLU D 72 -32.11 -0.30 23.24
N HIC D 73 -32.76 -0.27 24.40
CA HIC D 73 -33.33 -1.46 24.94
C HIC D 73 -34.78 -1.17 25.22
O HIC D 73 -35.33 -1.34 26.29
CB HIC D 73 -32.70 -1.92 26.26
CG HIC D 73 -31.39 -2.53 26.07
ND1 HIC D 73 -31.15 -3.68 25.31
CD2 HIC D 73 -30.19 -2.07 26.63
CE1 HIC D 73 -29.82 -3.90 25.40
NE2 HIC D 73 -29.20 -2.94 26.19
CZ HIC D 73 -27.81 -2.85 26.51
N GLY D 74 -35.42 -0.67 24.19
CA GLY D 74 -36.78 -0.18 24.32
C GLY D 74 -36.82 1.27 24.80
N ILE D 75 -35.69 1.73 25.31
CA ILE D 75 -35.57 3.07 25.89
C ILE D 75 -35.02 3.97 24.80
N ILE D 76 -35.77 5.03 24.50
CA ILE D 76 -35.34 5.99 23.50
C ILE D 76 -34.24 6.84 24.11
N THR D 77 -33.02 6.70 23.59
CA THR D 77 -31.86 7.36 24.17
C THR D 77 -31.47 8.64 23.45
N ASN D 78 -31.88 8.83 22.21
CA ASN D 78 -31.49 10.01 21.43
C ASN D 78 -32.77 10.65 20.91
N TRP D 79 -33.26 11.65 21.63
CA TRP D 79 -34.56 12.22 21.30
C TRP D 79 -34.53 13.10 20.07
N ASP D 80 -33.36 13.53 19.64
CA ASP D 80 -33.29 14.30 18.41
C ASP D 80 -33.45 13.41 17.19
N ASP D 81 -32.92 12.19 17.25
CA ASP D 81 -33.02 11.27 16.14
C ASP D 81 -34.36 10.55 16.10
N MET D 82 -34.96 10.31 17.26
CA MET D 82 -36.28 9.70 17.27
C MET D 82 -37.32 10.65 16.73
N GLU D 83 -37.11 11.94 16.91
CA GLU D 83 -37.97 12.94 16.30
C GLU D 83 -37.84 12.92 14.78
N LYS D 84 -36.68 12.52 14.27
CA LYS D 84 -36.45 12.42 12.84
C LYS D 84 -36.99 11.15 12.23
N ILE D 85 -37.14 10.09 13.02
CA ILE D 85 -37.74 8.89 12.49
C ILE D 85 -39.25 9.06 12.37
N TRP D 86 -39.87 9.70 13.34
CA TRP D 86 -41.29 10.00 13.25
C TRP D 86 -41.59 11.00 12.14
N HIS D 87 -40.69 11.95 11.92
CA HIS D 87 -40.88 12.89 10.83
C HIS D 87 -40.79 12.21 9.48
N HIS D 88 -39.88 11.25 9.37
CA HIS D 88 -39.80 10.44 8.16
C HIS D 88 -40.96 9.47 8.06
N THR D 89 -41.57 9.11 9.17
CA THR D 89 -42.64 8.13 9.14
C THR D 89 -43.92 8.74 8.58
N PHE D 90 -44.27 9.93 9.07
CA PHE D 90 -45.53 10.55 8.68
C PHE D 90 -45.45 11.13 7.28
N TYR D 91 -44.51 12.03 7.06
CA TYR D 91 -44.47 12.77 5.82
C TYR D 91 -43.87 11.95 4.70
N ASN D 92 -42.76 11.27 4.97
CA ASN D 92 -41.94 10.70 3.92
C ASN D 92 -42.23 9.25 3.63
N GLU D 93 -43.14 8.60 4.36
CA GLU D 93 -43.53 7.27 3.91
C GLU D 93 -45.02 6.97 4.02
N LEU D 94 -45.78 7.62 4.89
CA LEU D 94 -47.22 7.53 4.81
C LEU D 94 -47.85 8.65 4.01
N ARG D 95 -47.09 9.72 3.76
CA ARG D 95 -47.53 10.92 3.02
C ARG D 95 -48.75 11.55 3.69
N VAL D 96 -48.79 11.49 5.01
CA VAL D 96 -50.01 11.82 5.72
C VAL D 96 -49.73 13.01 6.63
N ALA D 97 -50.76 13.80 6.87
CA ALA D 97 -50.60 14.85 7.86
C ALA D 97 -50.81 14.27 9.25
N PRO D 98 -50.07 14.75 10.25
CA PRO D 98 -50.31 14.25 11.61
C PRO D 98 -51.58 14.82 12.20
N GLU D 99 -52.00 15.99 11.77
CA GLU D 99 -52.95 16.81 12.51
C GLU D 99 -54.39 16.35 12.36
N GLU D 100 -54.69 15.46 11.43
CA GLU D 100 -56.05 14.99 11.22
C GLU D 100 -56.18 13.50 11.52
N HIS D 101 -55.29 12.95 12.31
CA HIS D 101 -55.29 11.54 12.60
C HIS D 101 -54.83 11.33 14.03
N PRO D 102 -55.60 10.66 14.88
CA PRO D 102 -55.07 10.27 16.18
C PRO D 102 -54.12 9.09 16.00
N THR D 103 -53.03 9.12 16.75
CA THR D 103 -51.99 8.12 16.60
C THR D 103 -51.99 7.17 17.79
N LEU D 104 -51.61 5.92 17.55
CA LEU D 104 -51.58 4.94 18.61
C LEU D 104 -50.15 4.42 18.71
N LEU D 105 -49.36 5.03 19.58
CA LEU D 105 -48.04 4.52 19.83
C LEU D 105 -48.12 3.30 20.74
N THR D 106 -47.05 2.52 20.75
CA THR D 106 -46.90 1.44 21.71
C THR D 106 -45.59 1.63 22.46
N GLU D 107 -45.36 0.76 23.43
CA GLU D 107 -44.06 0.64 24.07
C GLU D 107 -43.99 -0.68 24.81
N ALA D 108 -42.79 -1.05 25.21
CA ALA D 108 -42.58 -2.21 26.05
C ALA D 108 -43.00 -1.89 27.48
N PRO D 109 -43.36 -2.91 28.26
CA PRO D 109 -43.62 -2.66 29.69
C PRO D 109 -42.34 -2.45 30.48
N LEU D 110 -42.52 -1.88 31.67
CA LEU D 110 -41.47 -1.59 32.66
C LEU D 110 -40.40 -0.65 32.12
N ASN D 111 -40.75 0.20 31.16
CA ASN D 111 -39.85 1.22 30.68
C ASN D 111 -39.78 2.35 31.71
N PRO D 112 -38.79 3.24 31.59
CA PRO D 112 -38.82 4.45 32.40
C PRO D 112 -40.04 5.32 32.13
N LYS D 113 -40.48 6.02 33.16
CA LYS D 113 -41.63 6.90 33.05
C LYS D 113 -41.32 8.12 32.23
N ALA D 114 -40.05 8.50 32.12
CA ALA D 114 -39.65 9.61 31.28
C ALA D 114 -39.78 9.28 29.80
N ASN D 115 -39.87 8.00 29.46
CA ASN D 115 -40.04 7.63 28.06
C ASN D 115 -41.45 7.96 27.59
N ARG D 116 -42.46 7.66 28.39
CA ARG D 116 -43.83 7.91 27.99
C ARG D 116 -44.15 9.39 27.98
N GLU D 117 -43.51 10.16 28.86
CA GLU D 117 -43.77 11.58 28.93
C GLU D 117 -43.26 12.30 27.69
N LYS D 118 -42.09 11.91 27.21
CA LYS D 118 -41.52 12.62 26.07
C LYS D 118 -42.17 12.20 24.76
N MET D 119 -42.65 10.97 24.66
CA MET D 119 -43.38 10.57 23.46
C MET D 119 -44.68 11.34 23.33
N THR D 120 -45.35 11.61 24.44
CA THR D 120 -46.58 12.39 24.39
C THR D 120 -46.30 13.88 24.22
N GLN D 121 -45.19 14.36 24.78
CA GLN D 121 -44.88 15.77 24.65
C GLN D 121 -44.50 16.12 23.22
N ILE D 122 -43.79 15.21 22.54
CA ILE D 122 -43.45 15.43 21.15
C ILE D 122 -44.69 15.39 20.28
N MET D 123 -45.60 14.46 20.52
CA MET D 123 -46.80 14.37 19.70
C MET D 123 -47.76 15.52 19.92
N PHE D 124 -47.60 16.32 20.96
CA PHE D 124 -48.52 17.39 21.25
C PHE D 124 -47.95 18.79 21.06
N GLU D 125 -46.69 18.93 20.68
CA GLU D 125 -46.32 20.18 20.01
C GLU D 125 -45.46 20.03 18.78
N THR D 126 -44.71 18.94 18.60
CA THR D 126 -43.94 18.81 17.37
C THR D 126 -44.82 18.40 16.21
N PHE D 127 -45.71 17.44 16.41
CA PHE D 127 -46.58 17.02 15.32
C PHE D 127 -48.01 17.50 15.46
N ASN D 128 -48.46 17.81 16.67
CA ASN D 128 -49.80 18.33 16.96
C ASN D 128 -50.88 17.37 16.46
N VAL D 129 -50.86 16.16 17.00
CA VAL D 129 -51.90 15.17 16.70
C VAL D 129 -53.12 15.58 17.51
N PRO D 130 -54.33 15.19 17.11
CA PRO D 130 -55.50 15.49 17.94
C PRO D 130 -55.45 14.79 19.29
N ALA D 131 -55.34 13.47 19.24
CA ALA D 131 -55.32 12.64 20.41
C ALA D 131 -54.34 11.52 20.19
N MET D 132 -53.95 10.87 21.27
CA MET D 132 -53.03 9.75 21.14
C MET D 132 -53.29 8.78 22.27
N TYR D 133 -52.58 7.66 22.22
CA TYR D 133 -52.74 6.60 23.19
C TYR D 133 -51.50 5.73 23.12
N VAL D 134 -50.92 5.44 24.27
CA VAL D 134 -49.71 4.61 24.34
C VAL D 134 -50.12 3.28 24.91
N ALA D 135 -50.08 2.24 24.10
CA ALA D 135 -50.51 0.93 24.51
C ALA D 135 -49.33 0.16 25.09
N ILE D 136 -49.50 -1.15 25.27
CA ILE D 136 -48.43 -2.05 25.68
C ILE D 136 -48.29 -3.10 24.57
N GLN D 137 -47.05 -3.42 24.21
CA GLN D 137 -46.84 -4.24 23.03
C GLN D 137 -47.29 -5.67 23.22
N ALA D 138 -47.10 -6.23 24.40
CA ALA D 138 -47.42 -7.63 24.58
C ALA D 138 -48.91 -7.86 24.73
N VAL D 139 -49.65 -6.90 25.26
CA VAL D 139 -51.08 -7.09 25.40
C VAL D 139 -51.81 -6.89 24.09
N LEU D 140 -51.17 -6.29 23.09
CA LEU D 140 -51.70 -6.23 21.74
C LEU D 140 -51.32 -7.43 20.92
N SER D 141 -50.48 -8.31 21.45
CA SER D 141 -50.14 -9.52 20.75
C SER D 141 -51.16 -10.62 21.00
N LEU D 142 -51.75 -10.66 22.19
CA LEU D 142 -52.94 -11.49 22.40
C LEU D 142 -54.09 -11.00 21.57
N TYR D 143 -54.26 -9.69 21.54
CA TYR D 143 -55.48 -9.12 20.99
C TYR D 143 -55.48 -9.16 19.48
N ALA D 144 -54.32 -9.37 18.87
CA ALA D 144 -54.26 -9.72 17.46
C ALA D 144 -54.59 -11.19 17.24
N SER D 145 -54.23 -12.02 18.20
CA SER D 145 -54.45 -13.45 18.09
C SER D 145 -55.89 -13.86 18.36
N GLY D 146 -56.75 -12.92 18.74
CA GLY D 146 -58.11 -13.25 19.06
C GLY D 146 -58.25 -13.99 20.37
N ARG D 147 -57.47 -13.62 21.38
CA ARG D 147 -57.54 -14.24 22.68
C ARG D 147 -57.73 -13.15 23.72
N THR D 148 -58.29 -13.56 24.85
CA THR D 148 -58.31 -12.69 26.01
C THR D 148 -57.53 -13.30 27.17
N THR D 149 -57.00 -14.49 27.00
CA THR D 149 -56.25 -15.17 28.04
C THR D 149 -55.03 -15.80 27.41
N GLY D 150 -53.86 -15.47 27.93
CA GLY D 150 -52.65 -16.12 27.48
C GLY D 150 -51.47 -15.44 28.10
N ILE D 151 -50.32 -16.06 27.92
CA ILE D 151 -49.05 -15.46 28.27
C ILE D 151 -48.29 -15.21 26.98
N VAL D 152 -47.71 -14.04 26.86
CA VAL D 152 -47.08 -13.58 25.63
C VAL D 152 -45.59 -13.73 25.80
N LEU D 153 -44.90 -14.14 24.74
CA LEU D 153 -43.45 -14.02 24.70
C LEU D 153 -43.18 -13.07 23.55
N ASP D 154 -43.21 -11.77 23.86
CA ASP D 154 -42.95 -10.75 22.86
C ASP D 154 -41.46 -10.53 22.79
N SER D 155 -40.83 -11.06 21.75
CA SER D 155 -39.38 -11.05 21.66
C SER D 155 -38.99 -10.17 20.48
N GLY D 156 -38.86 -8.88 20.72
CA GLY D 156 -38.53 -7.98 19.63
C GLY D 156 -37.05 -7.90 19.36
N ASP D 157 -36.57 -6.69 19.11
CA ASP D 157 -35.16 -6.47 18.81
C ASP D 157 -34.39 -5.94 19.99
N GLY D 158 -35.04 -5.26 20.92
CA GLY D 158 -34.34 -4.83 22.11
C GLY D 158 -34.64 -5.64 23.35
N VAL D 159 -35.90 -5.95 23.59
CA VAL D 159 -36.33 -6.56 24.85
C VAL D 159 -37.27 -7.72 24.58
N THR D 160 -37.16 -8.74 25.42
CA THR D 160 -38.17 -9.77 25.52
C THR D 160 -38.83 -9.66 26.88
N HIS D 161 -40.12 -9.96 26.91
CA HIS D 161 -40.87 -9.81 28.15
C HIS D 161 -42.11 -10.66 28.11
N ASN D 162 -42.31 -11.44 29.17
CA ASN D 162 -43.56 -12.15 29.36
C ASN D 162 -44.57 -11.24 30.03
N VAL D 163 -45.80 -11.28 29.53
CA VAL D 163 -46.91 -10.59 30.16
C VAL D 163 -48.05 -11.59 30.30
N PRO D 164 -48.34 -12.07 31.49
CA PRO D 164 -49.51 -12.92 31.66
C PRO D 164 -50.77 -12.09 31.66
N ILE D 165 -51.78 -12.59 30.96
CA ILE D 165 -53.11 -11.99 31.00
C ILE D 165 -54.13 -13.10 31.16
N TYR D 166 -55.00 -12.97 32.15
CA TYR D 166 -56.10 -13.89 32.34
C TYR D 166 -57.41 -13.12 32.20
N GLU D 167 -58.20 -13.47 31.19
CA GLU D 167 -59.53 -12.93 30.93
C GLU D 167 -59.52 -11.42 30.76
N GLY D 168 -58.44 -10.87 30.22
CA GLY D 168 -58.35 -9.43 30.09
C GLY D 168 -57.91 -8.70 31.33
N TYR D 169 -57.35 -9.40 32.31
CA TYR D 169 -56.84 -8.79 33.52
C TYR D 169 -55.35 -9.03 33.58
N ALA D 170 -54.57 -7.98 33.32
CA ALA D 170 -53.12 -8.12 33.32
C ALA D 170 -52.61 -8.22 34.74
N LEU D 171 -51.66 -9.12 34.94
CA LEU D 171 -51.08 -9.36 36.26
C LEU D 171 -49.71 -8.70 36.29
N PRO D 172 -49.61 -7.47 36.77
CA PRO D 172 -48.36 -6.72 36.58
C PRO D 172 -47.23 -7.16 37.49
N HIS D 173 -47.50 -7.97 38.50
CA HIS D 173 -46.41 -8.45 39.33
C HIS D 173 -45.71 -9.65 38.73
N ALA D 174 -46.24 -10.21 37.64
CA ALA D 174 -45.65 -11.36 36.99
C ALA D 174 -45.09 -11.02 35.62
N ILE D 175 -44.90 -9.76 35.33
CA ILE D 175 -44.25 -9.34 34.09
C ILE D 175 -42.75 -9.51 34.25
N MET D 176 -42.13 -10.24 33.33
CA MET D 176 -40.74 -10.64 33.41
C MET D 176 -40.00 -10.05 32.22
N ARG D 177 -39.52 -8.82 32.34
CA ARG D 177 -38.77 -8.18 31.27
C ARG D 177 -37.33 -8.68 31.26
N LEU D 178 -36.85 -9.03 30.08
CA LEU D 178 -35.49 -9.49 29.88
C LEU D 178 -34.80 -8.61 28.84
N ASP D 179 -33.48 -8.51 28.90
CA ASP D 179 -32.75 -7.58 28.06
C ASP D 179 -31.87 -8.32 27.06
N LEU D 180 -32.44 -9.30 26.39
CA LEU D 180 -31.71 -10.18 25.48
C LEU D 180 -32.56 -10.38 24.24
N ALA D 181 -32.14 -9.80 23.12
CA ALA D 181 -32.97 -9.89 21.93
C ALA D 181 -32.07 -9.82 20.71
N GLY D 182 -32.66 -9.45 19.57
CA GLY D 182 -32.01 -9.56 18.28
C GLY D 182 -30.80 -8.68 18.07
N ARG D 183 -30.59 -7.68 18.90
CA ARG D 183 -29.28 -7.01 18.88
C ARG D 183 -28.24 -7.85 19.57
N ASP D 184 -28.62 -8.47 20.67
CA ASP D 184 -27.69 -9.23 21.46
C ASP D 184 -27.39 -10.58 20.87
N LEU D 185 -28.19 -11.03 19.91
CA LEU D 185 -27.82 -12.20 19.13
C LEU D 185 -27.00 -11.83 17.92
N THR D 186 -27.24 -10.66 17.34
CA THR D 186 -26.42 -10.17 16.25
C THR D 186 -25.01 -9.90 16.74
N ASP D 187 -24.89 -9.22 17.88
CA ASP D 187 -23.59 -8.90 18.43
C ASP D 187 -22.87 -10.09 19.01
N TYR D 188 -23.58 -11.20 19.21
CA TYR D 188 -22.91 -12.44 19.55
C TYR D 188 -22.57 -13.24 18.31
N LEU D 189 -23.36 -13.12 17.25
CA LEU D 189 -23.03 -13.81 16.01
C LEU D 189 -21.80 -13.19 15.37
N MET D 190 -21.61 -11.88 15.52
CA MET D 190 -20.37 -11.27 15.05
C MET D 190 -19.18 -11.78 15.83
N LYS D 191 -19.36 -12.08 17.10
CA LYS D 191 -18.25 -12.47 17.94
C LYS D 191 -17.78 -13.88 17.61
N ILE D 192 -18.67 -14.73 17.12
CA ILE D 192 -18.33 -16.11 16.81
C ILE D 192 -18.25 -16.38 15.33
N LEU D 193 -18.50 -15.39 14.49
CA LEU D 193 -18.03 -15.48 13.12
C LEU D 193 -16.56 -15.14 13.01
N THR D 194 -15.97 -14.62 14.07
CA THR D 194 -14.55 -14.32 14.07
C THR D 194 -13.72 -15.60 14.15
N GLU D 195 -14.22 -16.62 14.83
CA GLU D 195 -13.45 -17.85 14.96
C GLU D 195 -13.37 -18.63 13.65
N ARG D 196 -14.25 -18.34 12.69
CA ARG D 196 -14.05 -18.88 11.35
C ARG D 196 -13.17 -17.99 10.51
N GLY D 197 -12.95 -16.76 10.93
CA GLY D 197 -12.02 -15.88 10.25
C GLY D 197 -12.62 -14.53 9.90
N TYR D 198 -13.94 -14.45 9.91
CA TYR D 198 -14.61 -13.29 9.34
C TYR D 198 -14.70 -12.20 10.39
N SER D 199 -14.04 -11.07 10.15
CA SER D 199 -14.09 -9.94 11.06
C SER D 199 -15.14 -8.96 10.54
N PHE D 200 -16.19 -8.78 11.33
CA PHE D 200 -17.30 -7.89 11.00
C PHE D 200 -17.41 -6.87 12.12
N VAL D 201 -16.95 -5.65 11.87
CA VAL D 201 -16.59 -4.70 12.93
C VAL D 201 -17.49 -3.48 12.92
N THR D 202 -17.71 -2.89 11.75
CA THR D 202 -18.38 -1.60 11.67
C THR D 202 -19.87 -1.73 11.98
N THR D 203 -20.54 -0.60 12.09
CA THR D 203 -21.98 -0.64 12.31
C THR D 203 -22.75 -0.81 11.01
N ALA D 204 -22.06 -0.82 9.88
CA ALA D 204 -22.68 -1.28 8.64
C ALA D 204 -22.48 -2.76 8.45
N GLU D 205 -21.46 -3.33 9.07
CA GLU D 205 -21.28 -4.77 9.03
C GLU D 205 -22.16 -5.49 10.03
N ARG D 206 -22.71 -4.80 11.02
CA ARG D 206 -23.75 -5.45 11.79
C ARG D 206 -25.08 -5.45 11.05
N GLU D 207 -25.22 -4.68 9.98
CA GLU D 207 -26.39 -4.78 9.13
C GLU D 207 -26.33 -5.97 8.20
N ILE D 208 -25.16 -6.59 8.07
CA ILE D 208 -24.98 -7.77 7.25
C ILE D 208 -25.09 -9.03 8.07
N VAL D 209 -24.53 -9.02 9.28
CA VAL D 209 -24.65 -10.14 10.19
C VAL D 209 -26.08 -10.30 10.66
N ARG D 210 -26.83 -9.20 10.72
CA ARG D 210 -28.26 -9.30 10.98
C ARG D 210 -28.97 -10.02 9.86
N ASP D 211 -28.51 -9.85 8.63
CA ASP D 211 -29.10 -10.58 7.52
C ASP D 211 -28.58 -12.00 7.37
N ILE D 212 -27.40 -12.31 7.90
CA ILE D 212 -26.98 -13.70 7.99
C ILE D 212 -27.88 -14.45 8.95
N LYS D 213 -28.23 -13.79 10.05
CA LYS D 213 -29.05 -14.39 11.09
C LYS D 213 -30.46 -14.65 10.61
N GLU D 214 -31.00 -13.81 9.76
CA GLU D 214 -32.35 -13.98 9.24
C GLU D 214 -32.44 -14.97 8.11
N LYS D 215 -31.35 -15.66 7.76
CA LYS D 215 -31.39 -16.58 6.63
C LYS D 215 -30.88 -17.95 6.99
N LEU D 216 -29.90 -18.01 7.88
CA LEU D 216 -29.19 -19.26 8.11
C LEU D 216 -29.24 -19.77 9.53
N CYS D 217 -29.81 -19.03 10.46
CA CYS D 217 -29.84 -19.44 11.85
C CYS D 217 -31.14 -20.14 12.17
N TYR D 218 -31.04 -21.25 12.89
CA TYR D 218 -32.20 -21.97 13.36
C TYR D 218 -31.98 -22.35 14.81
N VAL D 219 -33.00 -22.93 15.43
CA VAL D 219 -32.90 -23.34 16.83
C VAL D 219 -32.81 -24.86 16.87
N ALA D 220 -31.76 -25.36 17.49
CA ALA D 220 -31.59 -26.79 17.63
C ALA D 220 -32.61 -27.34 18.62
N LEU D 221 -33.20 -28.48 18.28
CA LEU D 221 -34.11 -29.13 19.21
C LEU D 221 -33.36 -29.71 20.40
N ASP D 222 -32.23 -30.37 20.14
CA ASP D 222 -31.31 -30.81 21.17
C ASP D 222 -29.97 -30.20 20.85
N PHE D 223 -29.43 -29.41 21.78
CA PHE D 223 -28.23 -28.65 21.50
C PHE D 223 -26.99 -29.50 21.52
N GLU D 224 -26.81 -30.32 22.54
CA GLU D 224 -25.62 -31.15 22.62
C GLU D 224 -25.65 -32.30 21.62
N ASN D 225 -26.82 -32.62 21.08
CA ASN D 225 -26.87 -33.58 19.99
C ASN D 225 -26.42 -32.94 18.68
N GLU D 226 -26.80 -31.68 18.46
CA GLU D 226 -26.36 -30.98 17.27
C GLU D 226 -24.90 -30.58 17.33
N MET D 227 -24.32 -30.46 18.51
CA MET D 227 -22.89 -30.20 18.59
C MET D 227 -22.07 -31.42 18.23
N ALA D 228 -22.66 -32.61 18.29
CA ALA D 228 -22.01 -33.80 17.76
C ALA D 228 -22.17 -33.93 16.25
N THR D 229 -23.19 -33.30 15.68
CA THR D 229 -23.33 -33.26 14.23
C THR D 229 -22.25 -32.40 13.60
N ALA D 230 -21.81 -31.35 14.30
CA ALA D 230 -20.69 -30.55 13.84
C ALA D 230 -19.36 -31.28 13.91
N ALA D 231 -19.28 -32.41 14.61
CA ALA D 231 -18.09 -33.23 14.55
C ALA D 231 -18.02 -33.98 13.22
N SER D 232 -19.16 -34.43 12.72
CA SER D 232 -19.25 -35.00 11.37
C SER D 232 -19.77 -33.93 10.42
N SER D 233 -18.91 -32.94 10.16
CA SER D 233 -19.34 -31.65 9.62
C SER D 233 -19.76 -31.73 8.17
N SER D 234 -20.94 -32.31 7.92
CA SER D 234 -21.31 -32.69 6.57
C SER D 234 -22.50 -31.89 6.02
N SER D 235 -23.68 -32.02 6.62
CA SER D 235 -24.87 -31.40 6.08
C SER D 235 -25.26 -30.16 6.86
N LEU D 236 -24.46 -29.80 7.85
CA LEU D 236 -24.77 -28.67 8.70
C LEU D 236 -24.40 -27.35 8.04
N GLU D 237 -23.29 -27.34 7.30
CA GLU D 237 -22.77 -26.10 6.75
C GLU D 237 -23.59 -25.61 5.58
N LYS D 238 -23.81 -24.30 5.53
CA LYS D 238 -24.38 -23.63 4.37
C LYS D 238 -23.55 -22.40 4.07
N SER D 239 -23.82 -21.79 2.94
CA SER D 239 -23.03 -20.67 2.46
C SER D 239 -23.90 -19.45 2.25
N TYR D 240 -23.33 -18.29 2.53
CA TYR D 240 -24.00 -17.02 2.32
C TYR D 240 -23.06 -16.12 1.56
N GLU D 241 -23.61 -15.30 0.67
CA GLU D 241 -22.84 -14.43 -0.19
C GLU D 241 -22.93 -12.99 0.30
N LEU D 242 -21.78 -12.41 0.62
CA LEU D 242 -21.68 -11.05 1.10
C LEU D 242 -21.98 -10.08 -0.04
N PRO D 243 -22.18 -8.78 0.25
CA PRO D 243 -22.31 -7.81 -0.84
C PRO D 243 -21.03 -7.59 -1.64
N ASP D 244 -19.86 -7.98 -1.15
CA ASP D 244 -18.69 -7.87 -2.00
C ASP D 244 -18.46 -9.10 -2.84
N GLY D 245 -19.24 -10.16 -2.64
CA GLY D 245 -19.13 -11.37 -3.42
C GLY D 245 -18.40 -12.50 -2.75
N GLN D 246 -17.90 -12.29 -1.55
CA GLN D 246 -17.19 -13.35 -0.85
C GLN D 246 -18.19 -14.29 -0.22
N VAL D 247 -18.18 -15.55 -0.62
CA VAL D 247 -19.00 -16.53 0.07
C VAL D 247 -18.35 -16.87 1.40
N ILE D 248 -19.18 -17.06 2.41
CA ILE D 248 -18.69 -17.44 3.73
C ILE D 248 -19.27 -18.80 4.07
N THR D 249 -18.50 -19.58 4.82
CA THR D 249 -18.97 -20.87 5.27
C THR D 249 -19.30 -20.78 6.76
N ILE D 250 -20.39 -21.43 7.13
CA ILE D 250 -20.90 -21.29 8.47
C ILE D 250 -21.53 -22.60 8.91
N GLY D 251 -21.06 -23.12 10.04
CA GLY D 251 -21.45 -24.44 10.46
C GLY D 251 -22.25 -24.44 11.74
N ASN D 252 -21.57 -24.72 12.84
CA ASN D 252 -22.23 -24.69 14.13
C ASN D 252 -22.35 -23.29 14.70
N GLU D 253 -22.25 -22.25 13.89
CA GLU D 253 -22.68 -20.94 14.31
C GLU D 253 -24.11 -20.67 13.89
N ARG D 254 -24.73 -21.62 13.20
CA ARG D 254 -26.12 -21.42 12.80
C ARG D 254 -27.05 -21.56 13.98
N PHE D 255 -26.88 -22.61 14.77
CA PHE D 255 -27.74 -22.83 15.91
C PHE D 255 -27.16 -22.32 17.20
N ARG D 256 -25.86 -22.05 17.25
CA ARG D 256 -25.28 -21.59 18.49
C ARG D 256 -25.59 -20.12 18.72
N CYS D 257 -26.09 -19.42 17.73
CA CYS D 257 -26.54 -18.07 17.95
C CYS D 257 -27.93 -18.04 18.61
N PRO D 258 -28.97 -18.77 18.17
CA PRO D 258 -30.22 -18.72 18.92
C PRO D 258 -30.25 -19.63 20.13
N GLU D 259 -29.15 -20.30 20.46
CA GLU D 259 -29.07 -21.00 21.74
C GLU D 259 -28.97 -20.02 22.89
N THR D 260 -28.48 -18.82 22.63
CA THR D 260 -28.35 -17.78 23.65
C THR D 260 -29.69 -17.31 24.20
N LEU D 261 -30.77 -17.46 23.42
CA LEU D 261 -32.10 -17.27 23.99
C LEU D 261 -32.41 -18.31 25.04
N PHE D 262 -31.85 -19.50 24.93
CA PHE D 262 -32.13 -20.57 25.85
C PHE D 262 -31.04 -20.81 26.86
N GLN D 263 -29.84 -20.30 26.63
CA GLN D 263 -28.77 -20.30 27.61
C GLN D 263 -28.08 -18.96 27.54
N PRO D 264 -28.55 -17.96 28.30
CA PRO D 264 -27.99 -16.61 28.20
C PRO D 264 -26.61 -16.46 28.79
N SER D 265 -26.01 -17.52 29.35
CA SER D 265 -24.67 -17.42 29.86
C SER D 265 -23.62 -17.41 28.77
N PHE D 266 -24.00 -17.63 27.51
CA PHE D 266 -23.05 -17.51 26.42
C PHE D 266 -22.63 -16.08 26.21
N ILE D 267 -23.53 -15.13 26.40
CA ILE D 267 -23.17 -13.71 26.36
C ILE D 267 -22.97 -13.15 27.77
N GLY D 268 -22.83 -14.02 28.75
CA GLY D 268 -22.50 -13.59 30.10
C GLY D 268 -23.60 -12.84 30.80
N MET D 269 -24.77 -13.44 30.91
CA MET D 269 -25.87 -12.86 31.67
C MET D 269 -26.16 -13.71 32.88
N GLU D 270 -26.42 -13.06 34.01
CA GLU D 270 -26.98 -13.73 35.16
C GLU D 270 -28.51 -13.60 35.08
N SER D 271 -29.06 -14.28 34.09
CA SER D 271 -30.49 -14.43 33.99
C SER D 271 -30.76 -15.76 33.34
N ALA D 272 -32.02 -16.14 33.28
CA ALA D 272 -32.43 -17.43 32.77
C ALA D 272 -32.97 -17.28 31.37
N GLY D 273 -33.04 -18.40 30.67
CA GLY D 273 -33.49 -18.40 29.30
C GLY D 273 -34.96 -18.11 29.18
N ILE D 274 -35.43 -18.04 27.94
CA ILE D 274 -36.83 -17.71 27.71
C ILE D 274 -37.77 -18.85 28.05
N HIS D 275 -37.26 -20.03 28.31
CA HIS D 275 -38.11 -21.11 28.79
C HIS D 275 -38.31 -21.04 30.29
N GLU D 276 -37.30 -20.61 31.03
CA GLU D 276 -37.44 -20.45 32.47
C GLU D 276 -38.01 -19.11 32.84
N THR D 277 -37.82 -18.10 32.01
CA THR D 277 -38.50 -16.84 32.24
C THR D 277 -39.99 -16.97 32.00
N THR D 278 -40.39 -17.77 31.02
CA THR D 278 -41.83 -18.00 30.79
C THR D 278 -42.44 -18.84 31.91
N TYR D 279 -41.71 -19.85 32.36
CA TYR D 279 -42.21 -20.70 33.43
C TYR D 279 -42.23 -19.99 34.77
N ASN D 280 -41.22 -19.17 35.07
CA ASN D 280 -41.31 -18.36 36.27
C ASN D 280 -42.28 -17.22 36.15
N SER D 281 -42.75 -16.90 34.95
CA SER D 281 -43.82 -15.93 34.86
C SER D 281 -45.18 -16.56 35.07
N ILE D 282 -45.25 -17.88 35.05
CA ILE D 282 -46.49 -18.60 35.29
C ILE D 282 -46.60 -19.04 36.74
N MET D 283 -45.52 -19.53 37.32
CA MET D 283 -45.54 -19.84 38.74
C MET D 283 -45.34 -18.63 39.62
N LYS D 284 -45.56 -17.41 39.14
CA LYS D 284 -45.81 -16.27 39.98
C LYS D 284 -47.25 -15.82 39.90
N CYS D 285 -48.07 -16.51 39.11
CA CYS D 285 -49.49 -16.23 39.02
C CYS D 285 -50.26 -17.10 40.01
N ASP D 286 -51.58 -16.93 40.04
CA ASP D 286 -52.41 -17.71 40.92
C ASP D 286 -52.51 -19.14 40.41
N ILE D 287 -52.72 -20.08 41.34
CA ILE D 287 -52.63 -21.49 41.03
C ILE D 287 -53.77 -21.97 40.14
N ASP D 288 -54.88 -21.26 40.12
CA ASP D 288 -56.02 -21.72 39.34
C ASP D 288 -55.92 -21.34 37.88
N ILE D 289 -55.23 -20.24 37.55
CA ILE D 289 -55.16 -19.79 36.16
C ILE D 289 -53.99 -20.39 35.41
N ARG D 290 -53.20 -21.24 36.03
CA ARG D 290 -52.04 -21.79 35.35
C ARG D 290 -52.41 -22.85 34.32
N LYS D 291 -53.61 -23.39 34.37
CA LYS D 291 -54.06 -24.29 33.31
C LYS D 291 -54.35 -23.53 32.04
N ASP D 292 -54.75 -22.27 32.16
CA ASP D 292 -55.08 -21.48 30.98
C ASP D 292 -53.90 -20.71 30.43
N LEU D 293 -52.82 -20.57 31.19
CA LEU D 293 -51.64 -19.94 30.64
C LEU D 293 -50.70 -20.94 30.00
N TYR D 294 -50.67 -22.17 30.51
CA TYR D 294 -49.90 -23.23 29.87
C TYR D 294 -50.47 -23.59 28.50
N ALA D 295 -51.78 -23.50 28.34
CA ALA D 295 -52.41 -23.84 27.08
C ALA D 295 -52.49 -22.68 26.11
N ASN D 296 -51.96 -21.52 26.47
CA ASN D 296 -51.96 -20.36 25.59
C ASN D 296 -50.61 -19.67 25.73
N ASN D 297 -49.66 -20.08 24.92
CA ASN D 297 -48.35 -19.44 24.87
C ASN D 297 -48.25 -18.74 23.53
N VAL D 298 -48.62 -17.47 23.51
CA VAL D 298 -48.56 -16.69 22.28
C VAL D 298 -47.15 -16.15 22.12
N MET D 299 -46.57 -16.36 20.95
CA MET D 299 -45.30 -15.72 20.64
C MET D 299 -45.51 -14.51 19.75
N SER D 300 -44.60 -13.57 19.86
CA SER D 300 -44.67 -12.35 19.08
C SER D 300 -43.27 -11.82 18.89
N GLY D 301 -43.15 -10.78 18.08
CA GLY D 301 -41.88 -10.17 17.81
C GLY D 301 -41.06 -10.97 16.81
N GLY D 302 -40.01 -10.33 16.32
CA GLY D 302 -39.26 -10.90 15.23
C GLY D 302 -38.34 -12.02 15.63
N THR D 303 -37.88 -12.03 16.87
CA THR D 303 -36.88 -13.00 17.31
C THR D 303 -37.50 -14.35 17.64
N THR D 304 -38.81 -14.47 17.50
CA THR D 304 -39.47 -15.76 17.58
C THR D 304 -39.67 -16.39 16.23
N MET D 305 -39.02 -15.88 15.20
CA MET D 305 -39.21 -16.37 13.84
C MET D 305 -38.14 -17.35 13.42
N TYR D 306 -37.29 -17.80 14.32
CA TYR D 306 -36.31 -18.81 13.95
C TYR D 306 -37.02 -20.13 13.74
N PRO D 307 -36.63 -20.91 12.73
CA PRO D 307 -37.25 -22.21 12.52
C PRO D 307 -36.88 -23.18 13.64
N GLY D 308 -37.88 -23.61 14.38
CA GLY D 308 -37.70 -24.57 15.44
C GLY D 308 -37.76 -24.00 16.84
N ILE D 309 -38.21 -22.76 17.01
CA ILE D 309 -38.28 -22.19 18.35
C ILE D 309 -39.58 -22.52 19.04
N ALA D 310 -40.67 -22.74 18.29
CA ALA D 310 -41.89 -23.22 18.91
C ALA D 310 -41.75 -24.67 19.32
N ASP D 311 -40.92 -25.42 18.60
CA ASP D 311 -40.67 -26.80 18.96
C ASP D 311 -39.69 -26.94 20.10
N ARG D 312 -38.88 -25.92 20.34
CA ARG D 312 -37.89 -25.96 21.41
C ARG D 312 -38.45 -25.44 22.71
N MET D 313 -39.28 -24.41 22.64
CA MET D 313 -39.96 -23.92 23.83
C MET D 313 -40.95 -24.92 24.37
N GLN D 314 -41.65 -25.63 23.48
CA GLN D 314 -42.56 -26.67 23.93
C GLN D 314 -41.80 -27.86 24.48
N LYS D 315 -40.60 -28.10 24.00
CA LYS D 315 -39.81 -29.21 24.51
C LYS D 315 -39.20 -28.89 25.87
N GLU D 316 -39.09 -27.61 26.22
CA GLU D 316 -38.42 -27.24 27.47
C GLU D 316 -39.33 -26.71 28.55
N ILE D 317 -40.50 -26.18 28.20
CA ILE D 317 -41.45 -25.88 29.26
C ILE D 317 -42.05 -27.18 29.77
N THR D 318 -42.20 -28.17 28.90
CA THR D 318 -42.70 -29.49 29.29
C THR D 318 -41.75 -30.18 30.27
N ALA D 319 -40.45 -29.88 30.19
CA ALA D 319 -39.52 -30.39 31.18
C ALA D 319 -39.62 -29.68 32.52
N LEU D 320 -40.42 -28.62 32.62
CA LEU D 320 -40.59 -27.87 33.85
C LEU D 320 -42.01 -27.93 34.40
N ALA D 321 -42.99 -27.79 33.53
CA ALA D 321 -44.39 -27.91 33.92
C ALA D 321 -44.69 -29.34 34.36
N PRO D 322 -45.67 -29.55 35.25
CA PRO D 322 -46.05 -30.90 35.62
C PRO D 322 -46.72 -31.62 34.46
N SER D 323 -46.50 -32.93 34.40
CA SER D 323 -46.81 -33.71 33.21
C SER D 323 -48.29 -33.86 32.96
N THR D 324 -49.13 -33.54 33.93
CA THR D 324 -50.57 -33.75 33.82
C THR D 324 -51.28 -32.62 33.12
N MET D 325 -50.55 -31.67 32.55
CA MET D 325 -51.19 -30.53 31.90
C MET D 325 -50.41 -30.14 30.65
N LYS D 326 -51.15 -29.81 29.60
CA LYS D 326 -50.59 -29.69 28.26
C LYS D 326 -50.05 -28.31 28.01
N ILE D 327 -49.07 -28.24 27.13
CA ILE D 327 -48.42 -27.00 26.73
C ILE D 327 -48.75 -26.77 25.26
N LYS D 328 -49.12 -25.55 24.92
CA LYS D 328 -49.61 -25.26 23.58
C LYS D 328 -48.98 -23.97 23.10
N ILE D 329 -47.79 -24.07 22.50
CA ILE D 329 -47.14 -22.90 21.95
C ILE D 329 -47.89 -22.45 20.71
N ILE D 330 -48.32 -21.19 20.70
CA ILE D 330 -49.16 -20.68 19.64
C ILE D 330 -48.36 -19.64 18.88
N ALA D 331 -47.96 -19.97 17.65
CA ALA D 331 -47.11 -19.10 16.84
C ALA D 331 -47.78 -18.89 15.49
N PRO D 332 -48.36 -17.71 15.26
CA PRO D 332 -48.93 -17.41 13.96
C PRO D 332 -47.84 -17.20 12.93
N PRO D 333 -48.16 -17.28 11.64
CA PRO D 333 -47.12 -16.97 10.65
C PRO D 333 -46.80 -15.49 10.55
N GLU D 334 -47.76 -14.62 10.83
CA GLU D 334 -47.52 -13.18 10.81
C GLU D 334 -47.14 -12.62 12.17
N ARG D 335 -46.54 -13.43 13.03
CA ARG D 335 -46.22 -12.98 14.38
C ARG D 335 -45.09 -11.97 14.43
N LYS D 336 -44.42 -11.73 13.31
CA LYS D 336 -43.49 -10.61 13.24
C LYS D 336 -44.24 -9.28 13.25
N TYR D 337 -45.44 -9.23 12.71
CA TYR D 337 -46.22 -8.00 12.64
C TYR D 337 -47.35 -7.95 13.64
N SER D 338 -47.38 -8.87 14.60
CA SER D 338 -48.59 -9.09 15.39
C SER D 338 -48.86 -7.96 16.37
N VAL D 339 -47.85 -7.19 16.75
CA VAL D 339 -48.11 -6.07 17.63
C VAL D 339 -48.79 -4.96 16.85
N TRP D 340 -48.50 -4.85 15.56
CA TRP D 340 -49.17 -3.81 14.77
C TRP D 340 -50.61 -4.19 14.48
N ILE D 341 -50.86 -5.47 14.21
CA ILE D 341 -52.19 -5.92 13.84
C ILE D 341 -53.16 -5.73 14.99
N GLY D 342 -52.74 -6.08 16.20
CA GLY D 342 -53.57 -5.87 17.36
C GLY D 342 -53.78 -4.41 17.68
N GLY D 343 -52.83 -3.56 17.31
CA GLY D 343 -53.05 -2.14 17.49
C GLY D 343 -54.01 -1.58 16.48
N SER D 344 -54.01 -2.10 15.25
CA SER D 344 -54.95 -1.64 14.26
C SER D 344 -56.34 -2.18 14.51
N ILE D 345 -56.46 -3.31 15.21
CA ILE D 345 -57.77 -3.76 15.66
C ILE D 345 -58.26 -2.87 16.79
N LEU D 346 -57.37 -2.53 17.72
CA LEU D 346 -57.73 -1.73 18.88
C LEU D 346 -58.17 -0.32 18.50
N ALA D 347 -57.47 0.30 17.57
CA ALA D 347 -57.88 1.62 17.13
C ALA D 347 -59.12 1.60 16.25
N SER D 348 -59.50 0.43 15.74
CA SER D 348 -60.70 0.31 14.93
C SER D 348 -61.95 -0.01 15.75
N LEU D 349 -61.81 -0.27 17.04
CA LEU D 349 -62.97 -0.54 17.89
C LEU D 349 -63.82 0.71 18.09
N SER D 350 -65.06 0.44 18.48
CA SER D 350 -66.02 1.47 18.86
C SER D 350 -66.06 1.69 20.36
N THR D 351 -65.57 0.73 21.14
CA THR D 351 -65.52 0.86 22.59
C THR D 351 -64.21 1.46 23.07
N PHE D 352 -63.57 2.26 22.23
CA PHE D 352 -62.22 2.74 22.49
C PHE D 352 -62.09 4.24 22.40
N GLN D 353 -63.02 4.95 21.77
CA GLN D 353 -62.79 6.35 21.44
C GLN D 353 -62.88 7.27 22.64
N GLN D 354 -63.27 6.78 23.81
CA GLN D 354 -63.10 7.55 25.02
C GLN D 354 -61.76 7.29 25.69
N MET D 355 -60.96 6.36 25.18
CA MET D 355 -59.67 6.06 25.78
C MET D 355 -58.54 6.87 25.20
N TRP D 356 -58.77 7.65 24.15
CA TRP D 356 -57.74 8.48 23.58
C TRP D 356 -57.37 9.60 24.54
N ILE D 357 -56.17 10.13 24.39
CA ILE D 357 -55.74 11.21 25.26
C ILE D 357 -55.75 12.49 24.45
N THR D 358 -56.84 13.24 24.52
CA THR D 358 -56.99 14.40 23.68
C THR D 358 -56.13 15.56 24.19
N LYS D 359 -55.89 16.51 23.30
CA LYS D 359 -54.92 17.57 23.59
C LYS D 359 -55.46 18.54 24.63
N GLN D 360 -56.76 18.84 24.58
CA GLN D 360 -57.37 19.69 25.60
C GLN D 360 -57.43 19.01 26.96
N GLU D 361 -57.35 17.68 26.99
CA GLU D 361 -57.20 16.95 28.23
C GLU D 361 -55.74 16.88 28.65
N TYR D 362 -54.84 17.00 27.67
CA TYR D 362 -53.41 16.94 27.95
C TYR D 362 -52.93 18.20 28.65
N ASP D 363 -53.17 19.36 28.03
CA ASP D 363 -52.50 20.59 28.41
C ASP D 363 -53.00 21.13 29.75
N GLU D 364 -54.26 20.87 30.09
CA GLU D 364 -54.74 21.31 31.38
C GLU D 364 -54.36 20.36 32.51
N ALA D 365 -53.94 19.14 32.17
CA ALA D 365 -53.54 18.16 33.18
C ALA D 365 -52.05 17.88 33.18
N GLY D 366 -51.31 18.34 32.17
CA GLY D 366 -49.88 18.20 32.15
C GLY D 366 -49.41 16.98 31.39
N PRO D 367 -48.09 16.82 31.29
CA PRO D 367 -47.54 15.63 30.61
C PRO D 367 -47.61 14.36 31.42
N SER D 368 -47.96 14.46 32.71
CA SER D 368 -48.05 13.32 33.60
C SER D 368 -49.40 12.63 33.56
N ILE D 369 -50.19 12.84 32.50
CA ILE D 369 -51.50 12.23 32.43
C ILE D 369 -51.41 10.82 31.88
N VAL D 370 -50.39 10.52 31.07
CA VAL D 370 -50.37 9.28 30.31
C VAL D 370 -50.09 8.06 31.18
N HIS D 371 -49.65 8.26 32.41
CA HIS D 371 -49.35 7.13 33.27
C HIS D 371 -50.58 6.61 33.98
N ARG D 372 -51.52 7.48 34.32
CA ARG D 372 -52.75 7.06 34.97
C ARG D 372 -53.81 6.61 33.98
N LYS D 373 -53.43 6.35 32.73
CA LYS D 373 -54.34 5.86 31.72
C LYS D 373 -53.96 4.49 31.19
N CYS D 374 -52.83 3.93 31.61
CA CYS D 374 -52.39 2.62 31.18
C CYS D 374 -51.94 1.84 32.41
N PHE D 375 -52.36 0.59 32.51
CA PHE D 375 -52.37 -0.18 33.76
C PHE D 375 -53.00 0.61 34.92
MG MG E . 37.39 -2.84 -21.27
PB ADP F . 39.14 -1.35 -23.44
O1B ADP F . 37.70 -0.94 -23.52
O2B ADP F . 39.42 -2.50 -22.54
O3B ADP F . 39.83 -1.39 -24.76
PA ADP F . 41.09 -0.36 -21.76
O1A ADP F . 40.69 -0.78 -20.39
O2A ADP F . 42.02 -1.19 -22.57
O3A ADP F . 39.80 -0.13 -22.67
O5' ADP F . 41.63 1.12 -21.75
C5' ADP F . 42.48 1.51 -22.82
C4' ADP F . 42.21 2.96 -23.15
O4' ADP F . 42.47 3.75 -22.01
C3' ADP F . 43.14 3.45 -24.24
O3' ADP F . 42.42 3.66 -25.44
C2' ADP F . 43.68 4.77 -23.75
O2' ADP F . 43.01 5.83 -24.44
C1' ADP F . 43.30 4.86 -22.31
N9 ADP F . 44.55 4.73 -21.52
C8 ADP F . 45.35 3.65 -21.51
N7 ADP F . 46.40 3.85 -20.68
C5 ADP F . 46.27 5.07 -20.15
C6 ADP F . 47.01 5.89 -19.20
N6 ADP F . 48.15 5.43 -18.65
N1 ADP F . 46.54 7.10 -18.91
C2 ADP F . 45.41 7.56 -19.45
N3 ADP F . 44.67 6.88 -20.32
C4 ADP F . 45.04 5.63 -20.70
C1 1T4 G . 29.05 -14.41 -13.02
C2 1T4 G . 28.92 -13.43 -14.05
C3 1T4 G . 29.72 -12.31 -13.89
C4 1T4 G . 30.56 -12.15 -12.80
C5 1T4 G . 30.69 -13.07 -11.81
C6 1T4 G . 29.91 -14.24 -11.91
C7 1T4 G . 30.01 -15.22 -10.87
C8 1T4 G . 30.88 -15.06 -9.76
C9 1T4 G . 30.94 -16.04 -8.79
C10 1T4 G . 30.20 -17.20 -8.85
C11 1T4 G . 29.36 -17.36 -9.93
C12 1T4 G . 29.26 -16.40 -10.93
C13 1T4 G . 28.42 -16.54 -12.05
C14 1T4 G . 28.31 -15.61 -13.03
C15 1T4 G . 31.63 -13.87 -9.72
C16 1T4 G . 31.53 -12.93 -10.68
N1 1T4 G . 28.11 -13.49 -15.22
C17 1T4 G . 27.25 -12.55 -15.80
O18 1T4 G . 27.07 -11.47 -15.28
C19 1T4 G . 26.46 -12.78 -17.09
MG MG H . -3.16 15.22 -15.56
PB ADP I . -0.71 14.95 -17.52
O1B ADP I . -1.20 14.58 -16.14
O2B ADP I . -1.67 15.83 -18.26
O3B ADP I . 0.72 15.38 -17.56
PA ADP I . -1.32 13.46 -19.79
O1A ADP I . -2.78 13.20 -19.74
O2A ADP I . -0.77 14.57 -20.61
O3A ADP I . -0.75 13.56 -18.30
O5' ADP I . -0.58 12.17 -20.32
C5' ADP I . 0.33 12.36 -21.38
C4' ADP I . 1.40 11.29 -21.32
O4' ADP I . 0.81 10.06 -21.69
C3' ADP I . 2.48 11.58 -22.33
O3' ADP I . 3.69 11.84 -21.65
C2' ADP I . 2.62 10.33 -23.14
O2' ADP I . 3.79 9.63 -22.70
C1' ADP I . 1.44 9.48 -22.81
N9 ADP I . 0.49 9.48 -23.93
C8 ADP I . -0.17 10.55 -24.41
N7 ADP I . -0.96 10.20 -25.43
C5 ADP I . -0.81 8.89 -25.63
C6 ADP I . -1.36 7.90 -26.55
N6 ADP I . -2.25 8.25 -27.49
N1 ADP I . -0.94 6.62 -26.41
C2 ADP I . -0.06 6.27 -25.47
N3 ADP I . 0.47 7.12 -24.60
C4 ADP I . 0.14 8.42 -24.64
C1 1T4 J . -15.24 19.98 -5.66
C2 1T4 J . -13.87 19.57 -5.68
C3 1T4 J . -13.56 18.63 -6.65
C4 1T4 J . -14.50 18.12 -7.51
C5 1T4 J . -15.83 18.50 -7.51
C6 1T4 J . -16.20 19.46 -6.56
C7 1T4 J . -17.59 19.88 -6.51
C8 1T4 J . -18.55 19.36 -7.42
C9 1T4 J . -19.86 19.80 -7.33
C10 1T4 J . -20.27 20.73 -6.43
C11 1T4 J . -19.34 21.24 -5.54
C12 1T4 J . -18.01 20.83 -5.58
C13 1T4 J . -17.03 21.33 -4.71
C14 1T4 J . -15.72 20.93 -4.74
C15 1T4 J . -18.10 18.41 -8.35
C16 1T4 J . -16.82 18.00 -8.40
N1 1T4 J . -12.79 20.04 -4.82
C17 1T4 J . -11.72 19.37 -4.19
O18 1T4 J . -11.59 18.16 -4.32
C19 1T4 J . -10.66 20.04 -3.32
MG MG K . 2.59 -9.00 21.37
PB ADP L . 4.04 -7.84 19.12
O1B ADP L . 2.60 -8.15 19.40
O2B ADP L . 4.97 -8.45 20.11
O3B ADP L . 4.43 -7.98 17.69
PA ADP L . 5.43 -5.73 20.18
O1A ADP L . 5.21 -5.87 21.65
O2A ADP L . 6.66 -6.26 19.53
O3A ADP L . 4.17 -6.28 19.40
O5' ADP L . 5.38 -4.20 19.79
C5' ADP L . 6.31 -3.77 18.81
C4' ADP L . 5.66 -2.65 18.01
O4' ADP L . 5.55 -1.52 18.85
C3' ADP L . 6.53 -2.25 16.85
O3' ADP L . 5.86 -2.57 15.65
C2' ADP L . 6.66 -0.75 16.94
O2' ADP L . 5.83 -0.17 15.94
C1' ADP L . 6.10 -0.36 18.27
N9 ADP L . 7.20 0.09 19.12
C8 ADP L . 8.26 -0.65 19.49
N7 ADP L . 9.08 0.06 20.28
C5 ADP L . 8.56 1.29 20.40
C6 ADP L . 8.93 2.54 21.08
N6 ADP L . 10.05 2.60 21.81
N1 ADP L . 8.09 3.58 20.96
C2 ADP L . 6.97 3.51 20.24
N3 ADP L . 6.57 2.42 19.59
C4 ADP L . 7.32 1.30 19.64
C1 1T4 M . -3.18 -20.00 32.56
C2 1T4 M . -3.38 -19.40 31.29
C3 1T4 M . -2.96 -18.09 31.20
C4 1T4 M . -2.41 -17.41 32.28
C5 1T4 M . -2.21 -17.98 33.51
C6 1T4 M . -2.61 -19.31 33.66
C7 1T4 M . -2.42 -19.95 34.94
C8 1T4 M . -1.86 -19.26 36.05
C9 1T4 M . -1.70 -19.93 37.27
C10 1T4 M . -2.08 -21.24 37.45
C11 1T4 M . -2.63 -21.91 36.37
C12 1T4 M . -2.80 -21.30 35.14
C13 1T4 M . -3.35 -21.94 34.03
C14 1T4 M . -3.54 -21.34 32.81
C15 1T4 M . -1.48 -17.93 35.83
C16 1T4 M . -1.65 -17.31 34.64
N1 1T4 M . -3.93 -20.02 30.10
C17 1T4 M . -4.90 -19.58 29.18
O18 1T4 M . -5.43 -18.49 29.34
C19 1T4 M . -5.37 -20.37 27.95
MG MG N . -41.66 -4.78 18.91
PB ADP O . -39.11 -4.56 17.13
O1B ADP O . -39.54 -4.57 18.57
O2B ADP O . -40.23 -4.25 16.18
O3B ADP O . -37.84 -3.82 16.88
PA ADP O . -39.03 -6.73 15.41
O1A ADP O . -40.35 -7.43 15.44
O2A ADP O . -38.70 -5.76 14.33
O3A ADP O . -38.76 -6.07 16.83
O5' ADP O . -37.88 -7.81 15.37
C5' ADP O . -36.88 -7.61 14.38
C4' ADP O . -35.57 -8.21 14.84
O4' ADP O . -35.72 -9.61 14.86
C3' ADP O . -34.47 -7.90 13.86
O3' ADP O . -33.50 -7.07 14.48
C2' ADP O . -33.84 -9.22 13.51
O2' ADP O . -32.61 -9.33 14.21
C1' ADP O . -34.76 -10.26 14.05
N9 ADP O . -35.47 -10.91 12.93
C8 ADP O . -36.32 -10.33 12.09
N7 ADP O . -36.80 -11.21 11.19
C5 ADP O . -36.22 -12.39 11.46
C6 ADP O . -36.28 -13.74 10.89
N6 ADP O . -37.07 -14.00 9.83
N1 ADP O . -35.53 -14.69 11.46
C2 ADP O . -34.76 -14.43 12.51
N3 ADP O . -34.66 -13.23 13.08
C4 ADP O . -35.35 -12.19 12.59
C1 1T4 P . -56.33 -1.48 25.92
C2 1T4 P . -54.92 -1.42 26.06
C3 1T4 P . -54.23 -2.44 25.41
C4 1T4 P . -54.87 -3.45 24.72
C5 1T4 P . -56.24 -3.51 24.58
C6 1T4 P . -56.99 -2.50 25.20
C7 1T4 P . -58.44 -2.54 25.09
C8 1T4 P . -59.09 -3.55 24.35
C9 1T4 P . -60.48 -3.54 24.27
C10 1T4 P . -61.25 -2.57 24.87
C11 1T4 P . -60.60 -1.57 25.58
C12 1T4 P . -59.22 -1.54 25.68
C13 1T4 P . -58.53 -0.55 26.39
C14 1T4 P . -57.17 -0.51 26.51
C15 1T4 P . -58.28 -4.54 23.75
C16 1T4 P . -56.93 -4.52 23.86
N1 1T4 P . -54.13 -0.42 26.75
C17 1T4 P . -53.01 -0.50 27.58
O18 1T4 P . -52.51 -1.59 27.84
C19 1T4 P . -52.34 0.69 28.24
#